data_6VQO
#
_entry.id   6VQO
#
_cell.length_a   118.130
_cell.length_b   118.130
_cell.length_c   153.129
_cell.angle_alpha   90.000
_cell.angle_beta   90.000
_cell.angle_gamma   120.000
#
_symmetry.space_group_name_H-M   'P 31'
#
loop_
_entity.id
_entity.type
_entity.pdbx_description
1 polymer 'MHC class I antigen'
2 polymer Beta-2-microglobulin
3 polymer 'T-cell receptor 1a2, alfa chain'
4 polymer 'TCR receptor 1a2, beta chain'
5 polymer 'peptide from p53 tumor suppressor'
#
loop_
_entity_poly.entity_id
_entity_poly.type
_entity_poly.pdbx_seq_one_letter_code
_entity_poly.pdbx_strand_id
1 'polypeptide(L)'
;MGSHSMRYFFTSVSRPGRGEPRFIAVGYVDDTQFVRFDSDAASQRMEPRAPWIEQEGPEYWDGETRKVKAHSQTHRVDLG
TLRGYYNQSEAGSHTVQRMYGCDVGSDWRFLRGYHQYAYDGKDYIALKEDLRSWTAADMAAQTTKHKWEAAHVAEQLRAY
LEGTCVEWLRRYLENGKETLQRTDAPKTHMTHHAVSDHEATLRCWALSFYPAEITLTWQRDGEDQTQDTELVETRPAGDG
TFQKWAAVVVPSGQEQRYTCHVQHEGLPKPLTLRWEGGGLNDIFEAQKIEWHE
;
A,F
2 'polypeptide(L)'
;MIQRTPKIQVYSRHPAENGKSNFLNCYVSGFHPSDIEVDLLKNGERIEKVEHSDLSFSKDWSFYLLYYTEFTPTEKDEYA
CRVNHVTLSQPKIVKWDRDM
;
B,G
3 'polypeptide(L)'
;MKEVEQDPGPLSVPEGAIVSLNCTYSNSAFQYFMWYRQYSRKGPELLMYTYSSGNKEDGRFTAQVDKSSKYISLFIRDSQ
PSDSATYLCAMSGLKEDSSYKLIFGSGTRLLVRPDIQNPDPAVYQLRDSKSSDKSVCLFTDFDSQTNVSQSKDSDVYITD
KCVLDMRSMDFKSNSAVAWSNKSDFACANAFNNSIIPEDTFFPSPESS
;
D,H
4 'polypeptide(L)'
;MEAQVTQNPRYLITVTGKKLTVTCSQNMNHEYMSWYRQDPGLGLRQIYYSMNVEVTDKGDVPEGYKVSRKEKRNFPLILE
SPSPNQTSLYFCASSIQQGADTQYFGPGTRLTVLEDLKNVFPPEVAVFEPSEAEISHTQKATLVCLATGFYPDHVELSWW
VNGKEVHSGVCTDPQPLKEQPALNDSRYALSSRLRVSATFWQNPRNHFRCQVQFYGLSENDEWTQDRAKPVTQIVSAEAW
GRAD
;
E,J
5 'polypeptide(L)' HMTEVVRHC P,Q
#
# COMPACT_ATOMS: atom_id res chain seq x y z
N SER A 3 -7.41 -13.81 -35.05
CA SER A 3 -6.74 -12.46 -34.98
C SER A 3 -6.41 -12.12 -33.53
N HIS A 4 -5.11 -11.85 -33.28
CA HIS A 4 -4.55 -11.83 -31.94
C HIS A 4 -3.50 -10.73 -31.77
N SER A 5 -3.02 -10.61 -30.52
CA SER A 5 -2.03 -9.61 -30.15
C SER A 5 -1.50 -9.86 -28.74
N MET A 6 -0.25 -9.38 -28.54
CA MET A 6 0.37 -9.30 -27.24
C MET A 6 0.67 -7.81 -27.04
N ARG A 7 0.51 -7.31 -25.81
CA ARG A 7 0.73 -5.89 -25.54
C ARG A 7 1.24 -5.70 -24.11
N TYR A 8 2.34 -4.94 -23.98
CA TYR A 8 2.79 -4.52 -22.68
C TYR A 8 2.49 -3.04 -22.43
N PHE A 9 1.74 -2.77 -21.32
CA PHE A 9 1.50 -1.42 -20.83
C PHE A 9 2.43 -1.12 -19.64
N PHE A 10 2.98 0.12 -19.60
CA PHE A 10 3.91 0.48 -18.54
C PHE A 10 3.67 1.91 -18.06
N THR A 11 3.68 2.11 -16.71
CA THR A 11 3.33 3.37 -16.07
C THR A 11 4.31 3.70 -14.95
N SER A 12 4.83 4.94 -14.92
CA SER A 12 5.60 5.46 -13.78
C SER A 12 5.06 6.83 -13.36
N VAL A 13 4.94 7.05 -12.04
CA VAL A 13 4.30 8.23 -11.48
C VAL A 13 5.24 8.71 -10.39
N SER A 14 5.77 9.94 -10.55
CA SER A 14 6.78 10.43 -9.64
C SER A 14 6.09 10.96 -8.39
N ARG A 15 6.81 10.86 -7.25
CA ARG A 15 6.25 11.22 -5.96
C ARG A 15 7.23 12.18 -5.31
N PRO A 16 7.31 13.44 -5.78
CA PRO A 16 8.42 14.31 -5.37
C PRO A 16 8.30 14.37 -3.85
N GLY A 17 9.47 14.23 -3.19
CA GLY A 17 9.60 14.39 -1.76
C GLY A 17 9.44 13.09 -1.00
N ARG A 18 8.69 12.14 -1.59
CA ARG A 18 8.28 10.92 -0.90
C ARG A 18 8.87 9.71 -1.62
N GLY A 19 10.17 9.75 -1.94
CA GLY A 19 10.85 8.55 -2.42
C GLY A 19 10.67 8.27 -3.92
N GLU A 20 11.20 7.11 -4.37
CA GLU A 20 11.29 6.67 -5.77
C GLU A 20 9.92 6.68 -6.45
N PRO A 21 9.79 6.79 -7.80
CA PRO A 21 8.48 6.77 -8.46
C PRO A 21 7.78 5.42 -8.49
N ARG A 22 6.47 5.41 -8.29
CA ARG A 22 5.65 4.19 -8.35
C ARG A 22 5.65 3.70 -9.78
N PHE A 23 5.92 2.40 -9.99
CA PHE A 23 5.98 1.85 -11.35
C PHE A 23 5.18 0.53 -11.44
N ILE A 24 4.18 0.46 -12.35
CA ILE A 24 3.41 -0.75 -12.58
C ILE A 24 3.49 -1.13 -14.06
N ALA A 25 3.81 -2.40 -14.34
CA ALA A 25 3.83 -2.88 -15.71
C ALA A 25 2.89 -4.07 -15.79
N VAL A 26 2.20 -4.21 -16.93
CA VAL A 26 1.30 -5.34 -17.08
C VAL A 26 1.27 -5.88 -18.51
N GLY A 27 1.07 -7.19 -18.60
CA GLY A 27 1.17 -7.89 -19.87
C GLY A 27 -0.15 -8.50 -20.31
N TYR A 28 -0.43 -8.29 -21.61
CA TYR A 28 -1.69 -8.74 -22.16
C TYR A 28 -1.42 -9.65 -23.36
N VAL A 29 -2.29 -10.66 -23.50
CA VAL A 29 -2.60 -11.35 -24.74
C VAL A 29 -4.09 -11.13 -25.05
N ASP A 30 -4.35 -10.66 -26.26
CA ASP A 30 -5.61 -10.00 -26.58
C ASP A 30 -6.10 -9.22 -25.37
N ASP A 31 -7.24 -9.68 -24.82
CA ASP A 31 -7.84 -9.00 -23.68
C ASP A 31 -7.60 -9.80 -22.43
N THR A 32 -6.45 -10.52 -22.36
CA THR A 32 -6.18 -11.29 -21.17
C THR A 32 -4.84 -10.98 -20.54
N GLN A 33 -4.89 -10.78 -19.22
CA GLN A 33 -3.74 -10.33 -18.46
C GLN A 33 -2.94 -11.57 -18.12
N PHE A 34 -1.64 -11.57 -18.36
CA PHE A 34 -0.97 -12.81 -18.01
C PHE A 34 0.20 -12.59 -17.06
N VAL A 35 0.63 -11.33 -16.83
CA VAL A 35 1.76 -11.01 -15.95
C VAL A 35 1.65 -9.58 -15.43
N ARG A 36 2.36 -9.33 -14.33
CA ARG A 36 2.37 -7.97 -13.78
C ARG A 36 3.69 -7.73 -13.04
N PHE A 37 3.93 -6.46 -12.71
CA PHE A 37 4.94 -6.06 -11.75
C PHE A 37 4.55 -4.76 -11.04
N ASP A 38 4.63 -4.73 -9.71
CA ASP A 38 4.32 -3.52 -8.98
C ASP A 38 5.49 -3.23 -8.05
N SER A 39 6.06 -2.02 -8.16
CA SER A 39 7.14 -1.57 -7.31
C SER A 39 6.75 -1.60 -5.83
N ASP A 40 5.45 -1.60 -5.52
CA ASP A 40 5.04 -1.40 -4.14
C ASP A 40 4.71 -2.72 -3.46
N ALA A 41 4.59 -3.82 -4.23
CA ALA A 41 4.46 -5.15 -3.63
C ALA A 41 5.77 -5.62 -3.01
N ALA A 42 5.71 -6.78 -2.33
CA ALA A 42 6.82 -7.35 -1.58
C ALA A 42 7.76 -8.14 -2.51
N SER A 43 7.17 -8.99 -3.37
CA SER A 43 7.95 -9.93 -4.17
C SER A 43 9.03 -9.22 -4.98
N GLN A 44 8.67 -8.05 -5.57
CA GLN A 44 9.62 -7.29 -6.37
C GLN A 44 10.03 -8.17 -7.55
N ARG A 45 9.14 -9.12 -7.86
CA ARG A 45 9.33 -10.12 -8.89
C ARG A 45 8.25 -9.92 -9.94
N MET A 46 8.58 -10.20 -11.21
CA MET A 46 7.49 -10.28 -12.17
C MET A 46 6.60 -11.40 -11.70
N GLU A 47 5.29 -11.21 -11.82
CA GLU A 47 4.39 -12.18 -11.25
C GLU A 47 3.39 -12.64 -12.31
N PRO A 48 2.83 -13.85 -12.18
CA PRO A 48 1.85 -14.33 -13.17
C PRO A 48 0.42 -13.91 -12.79
N ARG A 49 -0.48 -13.94 -13.78
CA ARG A 49 -1.86 -13.54 -13.61
C ARG A 49 -2.79 -14.36 -14.51
N ALA A 50 -2.21 -15.19 -15.37
CA ALA A 50 -3.00 -16.20 -16.05
C ALA A 50 -2.59 -17.55 -15.47
N PRO A 51 -3.37 -18.65 -15.63
CA PRO A 51 -2.95 -19.95 -15.11
C PRO A 51 -1.91 -20.56 -16.04
N TRP A 52 -2.07 -20.32 -17.34
CA TRP A 52 -1.27 -21.01 -18.35
C TRP A 52 0.18 -20.54 -18.43
N ILE A 53 0.59 -19.60 -17.58
CA ILE A 53 1.92 -19.02 -17.75
C ILE A 53 2.86 -19.56 -16.68
N GLU A 54 2.27 -20.19 -15.64
CA GLU A 54 3.03 -20.59 -14.46
C GLU A 54 4.01 -21.73 -14.75
N GLN A 55 3.95 -22.30 -15.94
CA GLN A 55 4.75 -23.48 -16.24
C GLN A 55 6.21 -23.08 -16.43
N GLU A 56 6.38 -21.90 -17.06
CA GLU A 56 7.66 -21.32 -17.42
C GLU A 56 8.64 -21.42 -16.25
N GLY A 57 9.84 -21.98 -16.52
CA GLY A 57 10.81 -22.33 -15.49
C GLY A 57 11.43 -21.10 -14.83
N PRO A 58 12.44 -21.24 -13.94
CA PRO A 58 13.08 -20.09 -13.32
C PRO A 58 13.81 -19.16 -14.31
N GLU A 59 14.28 -19.71 -15.44
CA GLU A 59 15.06 -18.90 -16.38
C GLU A 59 14.12 -17.97 -17.13
N TYR A 60 12.80 -18.25 -17.08
CA TYR A 60 11.86 -17.34 -17.71
C TYR A 60 11.71 -16.10 -16.82
N TRP A 61 11.11 -16.29 -15.64
CA TRP A 61 10.82 -15.19 -14.73
C TRP A 61 12.06 -14.36 -14.48
N ASP A 62 13.22 -15.02 -14.28
CA ASP A 62 14.47 -14.30 -14.16
C ASP A 62 14.52 -13.25 -15.26
N GLY A 63 14.48 -13.69 -16.52
CA GLY A 63 14.69 -12.81 -17.66
C GLY A 63 13.63 -11.71 -17.75
N GLU A 64 12.42 -12.01 -17.31
CA GLU A 64 11.37 -11.01 -17.39
C GLU A 64 11.65 -9.99 -16.29
N THR A 65 11.82 -10.48 -15.06
CA THR A 65 12.06 -9.62 -13.92
C THR A 65 13.25 -8.70 -14.20
N ARG A 66 14.24 -9.25 -14.94
CA ARG A 66 15.42 -8.50 -15.32
C ARG A 66 14.97 -7.39 -16.25
N LYS A 67 14.35 -7.73 -17.38
CA LYS A 67 13.89 -6.65 -18.24
C LYS A 67 12.93 -5.68 -17.54
N VAL A 68 11.95 -6.17 -16.75
CA VAL A 68 10.93 -5.24 -16.26
C VAL A 68 11.57 -4.15 -15.38
N LYS A 69 12.49 -4.57 -14.50
CA LYS A 69 13.26 -3.65 -13.68
C LYS A 69 14.04 -2.65 -14.56
N ALA A 70 14.56 -3.10 -15.70
CA ALA A 70 15.27 -2.19 -16.57
C ALA A 70 14.30 -1.10 -17.02
N HIS A 71 13.09 -1.49 -17.44
CA HIS A 71 12.05 -0.49 -17.75
C HIS A 71 11.90 0.51 -16.61
N SER A 72 11.55 -0.05 -15.46
CA SER A 72 11.47 0.66 -14.22
C SER A 72 12.53 1.76 -14.20
N GLN A 73 13.81 1.37 -14.13
CA GLN A 73 14.91 2.32 -14.06
C GLN A 73 14.85 3.38 -15.16
N THR A 74 14.61 2.94 -16.40
CA THR A 74 14.62 3.87 -17.52
C THR A 74 13.63 4.99 -17.24
N HIS A 75 12.43 4.60 -16.77
CA HIS A 75 11.35 5.54 -16.58
C HIS A 75 11.77 6.55 -15.51
N ARG A 76 12.43 6.05 -14.46
CA ARG A 76 12.92 6.90 -13.39
C ARG A 76 13.82 7.96 -14.02
N VAL A 77 14.78 7.51 -14.84
CA VAL A 77 15.79 8.38 -15.41
C VAL A 77 15.06 9.32 -16.37
N ASP A 78 14.07 8.73 -17.07
CA ASP A 78 13.29 9.47 -18.05
C ASP A 78 12.46 10.56 -17.38
N LEU A 79 12.02 10.34 -16.14
CA LEU A 79 11.18 11.35 -15.52
C LEU A 79 12.07 12.56 -15.29
N GLY A 80 13.27 12.34 -14.80
CA GLY A 80 14.10 13.47 -14.47
C GLY A 80 14.48 14.27 -15.72
N THR A 81 14.80 13.55 -16.80
CA THR A 81 15.20 14.20 -18.03
C THR A 81 14.06 15.04 -18.56
N LEU A 82 12.88 14.43 -18.63
CA LEU A 82 11.78 15.08 -19.33
C LEU A 82 11.46 16.39 -18.61
N ARG A 83 11.60 16.36 -17.28
CA ARG A 83 11.52 17.55 -16.46
C ARG A 83 12.39 18.63 -17.08
N GLY A 84 13.62 18.28 -17.45
CA GLY A 84 14.53 19.31 -17.89
C GLY A 84 14.17 19.76 -19.30
N TYR A 85 13.69 18.85 -20.15
CA TYR A 85 13.41 19.33 -21.50
C TYR A 85 12.22 20.28 -21.47
N TYR A 86 11.46 20.29 -20.39
CA TYR A 86 10.29 21.14 -20.41
C TYR A 86 10.47 22.34 -19.49
N ASN A 87 11.54 22.36 -18.69
CA ASN A 87 11.83 23.53 -17.85
C ASN A 87 10.88 23.53 -16.67
N GLN A 88 10.66 22.33 -16.15
CA GLN A 88 9.74 22.14 -15.05
C GLN A 88 10.56 21.95 -13.79
N SER A 89 9.91 22.18 -12.65
CA SER A 89 10.49 22.18 -11.32
C SER A 89 10.37 20.79 -10.72
N GLU A 90 10.79 20.64 -9.45
CA GLU A 90 10.91 19.32 -8.86
C GLU A 90 9.82 19.10 -7.82
N ALA A 91 8.71 19.85 -7.93
CA ALA A 91 7.67 19.84 -6.91
C ALA A 91 6.39 19.17 -7.40
N GLY A 92 6.32 18.82 -8.70
CA GLY A 92 5.07 18.32 -9.23
C GLY A 92 5.16 16.85 -9.53
N SER A 93 4.03 16.13 -9.40
CA SER A 93 4.05 14.72 -9.72
C SER A 93 3.82 14.55 -11.21
N HIS A 94 4.65 13.73 -11.89
CA HIS A 94 4.59 13.55 -13.33
C HIS A 94 4.54 12.06 -13.70
N THR A 95 3.96 11.74 -14.87
CA THR A 95 3.71 10.39 -15.32
C THR A 95 4.42 10.18 -16.65
N VAL A 96 4.98 8.97 -16.84
CA VAL A 96 5.51 8.49 -18.11
C VAL A 96 4.80 7.18 -18.40
N GLN A 97 4.46 6.97 -19.69
CA GLN A 97 3.72 5.77 -20.08
C GLN A 97 4.31 5.22 -21.39
N ARG A 98 4.73 3.94 -21.38
CA ARG A 98 5.22 3.20 -22.55
C ARG A 98 4.32 2.01 -22.88
N MET A 99 4.07 1.80 -24.19
CA MET A 99 3.28 0.67 -24.70
C MET A 99 3.96 0.15 -25.95
N TYR A 100 4.16 -1.17 -26.03
CA TYR A 100 4.59 -1.81 -27.25
C TYR A 100 3.90 -3.17 -27.34
N GLY A 101 3.86 -3.72 -28.55
CA GLY A 101 3.29 -5.03 -28.79
C GLY A 101 3.18 -5.22 -30.29
N CYS A 102 2.58 -6.35 -30.71
CA CYS A 102 2.52 -6.80 -32.10
C CYS A 102 1.21 -7.56 -32.32
N ASP A 103 0.54 -7.26 -33.45
CA ASP A 103 -0.71 -7.88 -33.88
C ASP A 103 -0.43 -8.96 -34.93
N VAL A 104 -1.24 -10.04 -34.91
CA VAL A 104 -1.16 -11.10 -35.92
C VAL A 104 -2.49 -11.19 -36.67
N GLY A 105 -2.52 -12.03 -37.70
CA GLY A 105 -3.75 -12.30 -38.45
C GLY A 105 -4.31 -13.68 -38.12
N SER A 106 -5.37 -14.08 -38.85
CA SER A 106 -6.04 -15.37 -38.70
C SER A 106 -5.02 -16.51 -38.68
N ASP A 107 -3.94 -16.32 -39.44
CA ASP A 107 -2.96 -17.37 -39.68
C ASP A 107 -1.84 -17.27 -38.65
N TRP A 108 -1.92 -16.25 -37.77
CA TRP A 108 -0.90 -16.02 -36.76
C TRP A 108 0.41 -15.50 -37.37
N ARG A 109 0.31 -14.71 -38.45
CA ARG A 109 1.46 -14.07 -39.08
C ARG A 109 1.47 -12.57 -38.76
N PHE A 110 2.65 -11.94 -38.83
CA PHE A 110 2.82 -10.56 -38.38
C PHE A 110 1.91 -9.64 -39.19
N LEU A 111 1.27 -8.66 -38.51
CA LEU A 111 0.39 -7.72 -39.18
C LEU A 111 0.81 -6.25 -38.99
N ARG A 112 1.12 -5.88 -37.74
CA ARG A 112 1.28 -4.50 -37.31
C ARG A 112 2.12 -4.54 -36.04
N GLY A 113 2.89 -3.47 -35.84
CA GLY A 113 3.69 -3.31 -34.64
C GLY A 113 3.60 -1.89 -34.13
N TYR A 114 3.89 -1.69 -32.84
CA TYR A 114 3.83 -0.35 -32.26
C TYR A 114 4.72 -0.27 -31.02
N HIS A 115 5.28 0.91 -30.79
CA HIS A 115 6.01 1.23 -29.57
C HIS A 115 5.76 2.69 -29.27
N GLN A 116 5.01 2.95 -28.20
CA GLN A 116 4.54 4.29 -27.97
C GLN A 116 4.95 4.75 -26.58
N TYR A 117 5.35 6.03 -26.52
CA TYR A 117 5.72 6.68 -25.28
C TYR A 117 4.93 7.97 -25.14
N ALA A 118 4.40 8.18 -23.93
CA ALA A 118 3.58 9.33 -23.61
C ALA A 118 4.08 9.92 -22.31
N TYR A 119 4.27 11.22 -22.33
CA TYR A 119 4.66 11.95 -21.15
C TYR A 119 3.49 12.81 -20.70
N ASP A 120 3.18 12.72 -19.40
CA ASP A 120 2.04 13.37 -18.74
C ASP A 120 0.71 13.14 -19.48
N GLY A 121 0.53 12.00 -20.15
CA GLY A 121 -0.77 11.73 -20.76
C GLY A 121 -0.96 12.22 -22.21
N LYS A 122 0.09 12.83 -22.81
CA LYS A 122 0.11 13.23 -24.21
C LYS A 122 1.28 12.54 -24.90
N ASP A 123 1.09 12.19 -26.18
CA ASP A 123 2.03 11.46 -27.00
C ASP A 123 3.38 12.15 -27.03
N TYR A 124 4.45 11.39 -26.74
CA TYR A 124 5.80 11.95 -26.72
C TYR A 124 6.57 11.55 -27.97
N ILE A 125 6.96 10.28 -28.07
CA ILE A 125 7.57 9.72 -29.26
C ILE A 125 7.01 8.32 -29.53
N ALA A 126 6.67 8.04 -30.80
CA ALA A 126 6.26 6.69 -31.15
C ALA A 126 6.85 6.22 -32.48
N LEU A 127 7.08 4.91 -32.55
CA LEU A 127 7.45 4.23 -33.78
C LEU A 127 6.27 4.36 -34.73
N LYS A 128 6.53 4.79 -35.97
CA LYS A 128 5.48 4.86 -36.99
C LYS A 128 5.19 3.46 -37.52
N GLU A 129 4.26 3.35 -38.48
CA GLU A 129 3.66 2.10 -38.92
C GLU A 129 4.70 1.13 -39.46
N ASP A 130 5.57 1.63 -40.35
CA ASP A 130 6.62 0.88 -41.00
C ASP A 130 7.68 0.37 -40.02
N LEU A 131 7.61 0.80 -38.74
CA LEU A 131 8.64 0.56 -37.74
C LEU A 131 10.02 0.97 -38.25
N ARG A 132 10.11 2.13 -38.92
CA ARG A 132 11.39 2.57 -39.46
C ARG A 132 11.79 3.98 -39.02
N SER A 133 10.80 4.87 -38.83
CA SER A 133 10.99 6.23 -38.36
C SER A 133 10.36 6.41 -36.97
N TRP A 134 10.30 7.68 -36.52
CA TRP A 134 9.78 8.09 -35.22
C TRP A 134 8.86 9.31 -35.35
N THR A 135 7.95 9.50 -34.40
CA THR A 135 7.08 10.66 -34.43
C THR A 135 7.32 11.56 -33.23
N ALA A 136 7.95 12.70 -33.51
CA ALA A 136 8.33 13.72 -32.55
C ALA A 136 7.23 14.77 -32.48
N ALA A 137 6.48 14.76 -31.37
CA ALA A 137 5.44 15.75 -31.16
C ALA A 137 5.98 16.93 -30.35
N ASP A 138 7.27 17.26 -30.51
CA ASP A 138 7.89 18.33 -29.74
C ASP A 138 9.29 18.57 -30.25
N MET A 139 9.85 19.70 -29.83
CA MET A 139 11.28 19.90 -29.97
C MET A 139 11.96 19.14 -28.84
N ALA A 140 11.21 18.90 -27.76
CA ALA A 140 11.77 18.15 -26.64
C ALA A 140 11.95 16.70 -27.05
N ALA A 141 10.92 16.16 -27.71
CA ALA A 141 10.96 14.84 -28.32
C ALA A 141 11.94 14.85 -29.49
N GLN A 142 12.15 16.01 -30.11
CA GLN A 142 13.12 16.08 -31.19
C GLN A 142 14.52 15.70 -30.66
N THR A 143 14.81 16.03 -29.41
CA THR A 143 16.10 15.66 -28.84
C THR A 143 16.19 14.15 -28.74
N THR A 144 15.09 13.54 -28.29
CA THR A 144 15.06 12.11 -28.01
C THR A 144 15.26 11.35 -29.31
N LYS A 145 14.48 11.74 -30.32
CA LYS A 145 14.52 11.12 -31.63
C LYS A 145 15.97 10.98 -32.11
N HIS A 146 16.64 12.12 -32.28
CA HIS A 146 18.07 12.15 -32.49
C HIS A 146 18.79 11.09 -31.66
N LYS A 147 18.51 11.02 -30.35
CA LYS A 147 19.25 10.08 -29.53
C LYS A 147 19.06 8.69 -30.14
N TRP A 148 17.80 8.40 -30.47
CA TRP A 148 17.45 7.04 -30.86
C TRP A 148 17.91 6.73 -32.28
N GLU A 149 17.54 7.59 -33.24
CA GLU A 149 18.05 7.60 -34.62
C GLU A 149 19.52 7.20 -34.67
N ALA A 150 20.37 7.96 -33.99
CA ALA A 150 21.80 7.66 -33.93
C ALA A 150 22.07 6.27 -33.33
N ALA A 151 21.32 5.86 -32.30
CA ALA A 151 21.60 4.60 -31.64
C ALA A 151 20.99 3.44 -32.44
N HIS A 152 20.24 3.78 -33.50
CA HIS A 152 19.53 2.82 -34.33
C HIS A 152 18.53 1.98 -33.52
N VAL A 153 17.60 2.65 -32.83
CA VAL A 153 16.73 1.92 -31.92
C VAL A 153 15.60 1.26 -32.70
N ALA A 154 15.00 2.02 -33.63
CA ALA A 154 13.95 1.55 -34.53
C ALA A 154 14.29 0.14 -35.00
N GLU A 155 15.41 0.03 -35.71
CA GLU A 155 15.88 -1.22 -36.28
C GLU A 155 15.80 -2.35 -35.25
N GLN A 156 16.28 -2.13 -34.03
CA GLN A 156 16.39 -3.20 -33.07
C GLN A 156 15.02 -3.57 -32.52
N LEU A 157 14.17 -2.56 -32.34
CA LEU A 157 12.80 -2.79 -31.89
C LEU A 157 12.01 -3.43 -33.02
N ARG A 158 12.27 -2.99 -34.25
CA ARG A 158 11.69 -3.71 -35.38
C ARG A 158 12.09 -5.18 -35.29
N ALA A 159 13.36 -5.43 -35.00
CA ALA A 159 13.87 -6.79 -34.99
C ALA A 159 13.12 -7.60 -33.95
N TYR A 160 12.66 -6.93 -32.90
CA TYR A 160 11.95 -7.58 -31.81
C TYR A 160 10.46 -7.69 -32.10
N LEU A 161 9.89 -6.59 -32.63
CA LEU A 161 8.47 -6.47 -32.87
C LEU A 161 7.98 -7.44 -33.94
N GLU A 162 8.79 -7.68 -34.99
CA GLU A 162 8.47 -8.58 -36.09
C GLU A 162 8.86 -9.99 -35.70
N GLY A 163 10.05 -10.11 -35.10
CA GLY A 163 10.65 -11.37 -34.69
C GLY A 163 10.11 -11.91 -33.37
N THR A 164 10.87 -11.66 -32.29
CA THR A 164 10.68 -12.33 -31.00
C THR A 164 9.25 -12.21 -30.48
N CYS A 165 8.60 -11.11 -30.86
CA CYS A 165 7.29 -10.77 -30.38
C CYS A 165 6.28 -11.83 -30.83
N VAL A 166 6.30 -12.18 -32.12
CA VAL A 166 5.27 -13.06 -32.68
C VAL A 166 5.52 -14.51 -32.27
N GLU A 167 6.80 -14.88 -32.13
CA GLU A 167 7.11 -16.23 -31.70
C GLU A 167 6.49 -16.49 -30.33
N TRP A 168 6.75 -15.60 -29.37
CA TRP A 168 6.31 -15.92 -28.03
C TRP A 168 4.80 -15.85 -27.94
N LEU A 169 4.18 -14.92 -28.68
CA LEU A 169 2.72 -14.86 -28.73
C LEU A 169 2.18 -16.18 -29.31
N ARG A 170 2.87 -16.70 -30.34
CA ARG A 170 2.57 -18.02 -30.86
C ARG A 170 2.68 -19.00 -29.70
N ARG A 171 3.76 -18.93 -28.93
CA ARG A 171 3.91 -19.82 -27.78
C ARG A 171 2.74 -19.63 -26.81
N TYR A 172 2.23 -18.40 -26.67
CA TYR A 172 1.31 -18.14 -25.58
C TYR A 172 -0.07 -18.67 -25.96
N LEU A 173 -0.54 -18.31 -27.16
CA LEU A 173 -1.85 -18.73 -27.67
C LEU A 173 -1.91 -20.24 -27.72
N GLU A 174 -0.77 -20.85 -28.11
CA GLU A 174 -0.60 -22.29 -28.18
C GLU A 174 -0.76 -22.81 -26.75
N ASN A 175 0.06 -22.28 -25.85
CA ASN A 175 0.18 -22.87 -24.53
C ASN A 175 -1.11 -22.75 -23.72
N GLY A 176 -2.07 -21.97 -24.24
CA GLY A 176 -3.29 -21.71 -23.51
C GLY A 176 -4.54 -21.73 -24.40
N LYS A 177 -4.50 -22.54 -25.48
CA LYS A 177 -5.50 -22.49 -26.53
C LYS A 177 -6.91 -22.57 -25.94
N GLU A 178 -7.06 -23.37 -24.88
CA GLU A 178 -8.35 -23.61 -24.26
C GLU A 178 -8.84 -22.36 -23.53
N THR A 179 -8.02 -21.31 -23.56
CA THR A 179 -8.37 -20.05 -22.92
C THR A 179 -8.43 -18.94 -23.96
N LEU A 180 -7.33 -18.73 -24.69
CA LEU A 180 -7.14 -17.52 -25.46
C LEU A 180 -7.95 -17.55 -26.76
N GLN A 181 -7.92 -18.68 -27.49
CA GLN A 181 -8.67 -18.75 -28.74
C GLN A 181 -10.08 -19.28 -28.47
N ARG A 182 -10.68 -18.89 -27.33
CA ARG A 182 -12.09 -19.08 -27.11
C ARG A 182 -12.85 -17.89 -27.71
N THR A 183 -14.18 -17.98 -27.69
CA THR A 183 -15.12 -17.04 -28.27
C THR A 183 -16.42 -17.16 -27.50
N ASP A 184 -16.73 -16.11 -26.75
CA ASP A 184 -17.99 -16.01 -26.03
C ASP A 184 -18.85 -14.99 -26.75
N ALA A 185 -20.12 -15.35 -27.05
CA ALA A 185 -20.94 -14.52 -27.90
C ALA A 185 -21.83 -13.62 -27.02
N PRO A 186 -22.30 -12.47 -27.53
CA PRO A 186 -23.10 -11.54 -26.72
C PRO A 186 -24.46 -12.11 -26.34
N LYS A 187 -24.60 -12.46 -25.06
CA LYS A 187 -25.92 -12.74 -24.50
C LYS A 187 -26.72 -11.44 -24.49
N THR A 188 -27.49 -11.24 -25.57
CA THR A 188 -28.16 -10.00 -25.95
C THR A 188 -29.55 -9.93 -25.33
N HIS A 189 -29.98 -8.71 -25.00
CA HIS A 189 -31.05 -8.42 -24.05
C HIS A 189 -31.87 -7.31 -24.66
N MET A 190 -32.73 -6.66 -23.84
CA MET A 190 -33.33 -5.36 -24.16
C MET A 190 -34.38 -4.98 -23.13
N THR A 191 -34.24 -3.80 -22.51
CA THR A 191 -35.18 -3.32 -21.51
C THR A 191 -35.94 -2.10 -22.04
N HIS A 192 -36.87 -1.60 -21.21
CA HIS A 192 -37.79 -0.51 -21.52
C HIS A 192 -38.15 0.25 -20.24
N HIS A 193 -37.96 1.57 -20.22
CA HIS A 193 -38.14 2.38 -19.03
C HIS A 193 -38.88 3.68 -19.37
N ALA A 194 -39.40 4.36 -18.33
CA ALA A 194 -40.17 5.59 -18.45
C ALA A 194 -39.26 6.82 -18.40
N VAL A 195 -39.84 8.00 -18.64
CA VAL A 195 -39.15 9.27 -18.47
C VAL A 195 -40.08 10.23 -17.73
N SER A 196 -41.23 10.52 -18.37
CA SER A 196 -42.21 11.47 -17.85
C SER A 196 -43.52 11.35 -18.63
N ASP A 197 -44.03 10.11 -18.72
CA ASP A 197 -45.31 9.76 -19.33
C ASP A 197 -45.27 9.92 -20.85
N HIS A 198 -44.15 10.43 -21.37
CA HIS A 198 -44.14 11.02 -22.70
C HIS A 198 -43.18 10.32 -23.66
N GLU A 199 -42.03 9.86 -23.14
CA GLU A 199 -40.99 9.16 -23.90
C GLU A 199 -40.64 7.82 -23.24
N ALA A 200 -39.75 7.05 -23.88
CA ALA A 200 -39.21 5.83 -23.28
C ALA A 200 -37.85 5.48 -23.87
N THR A 201 -37.07 4.72 -23.09
CA THR A 201 -35.70 4.35 -23.41
C THR A 201 -35.63 2.86 -23.73
N LEU A 202 -34.96 2.55 -24.84
CA LEU A 202 -34.66 1.18 -25.23
C LEU A 202 -33.16 0.94 -25.03
N ARG A 203 -32.80 0.10 -24.05
CA ARG A 203 -31.40 -0.19 -23.83
C ARG A 203 -31.11 -1.57 -24.38
N CYS A 204 -30.23 -1.64 -25.38
CA CYS A 204 -29.76 -2.89 -25.95
C CYS A 204 -28.63 -3.44 -25.08
N TRP A 205 -28.86 -4.55 -24.35
CA TRP A 205 -27.81 -5.10 -23.51
C TRP A 205 -27.03 -6.18 -24.26
N ALA A 206 -25.77 -6.38 -23.83
CA ALA A 206 -24.89 -7.44 -24.33
C ALA A 206 -23.94 -7.86 -23.22
N LEU A 207 -23.95 -9.15 -22.84
CA LEU A 207 -23.22 -9.57 -21.66
C LEU A 207 -22.39 -10.81 -21.96
N SER A 208 -21.32 -10.97 -21.18
CA SER A 208 -20.56 -12.21 -21.11
C SER A 208 -19.89 -12.62 -22.43
N PHE A 209 -19.29 -11.65 -23.14
CA PHE A 209 -18.60 -11.95 -24.38
C PHE A 209 -17.08 -11.81 -24.21
N TYR A 210 -16.34 -12.45 -25.13
CA TYR A 210 -14.89 -12.42 -25.22
C TYR A 210 -14.46 -12.79 -26.64
N PRO A 211 -13.62 -11.99 -27.35
CA PRO A 211 -12.83 -10.91 -26.78
C PRO A 211 -13.78 -9.77 -26.44
N ALA A 212 -13.23 -8.60 -26.09
CA ALA A 212 -14.03 -7.45 -25.67
C ALA A 212 -14.52 -6.62 -26.86
N GLU A 213 -13.98 -6.86 -28.05
CA GLU A 213 -14.33 -6.14 -29.28
C GLU A 213 -15.78 -6.43 -29.68
N ILE A 214 -16.63 -5.39 -29.69
CA ILE A 214 -18.03 -5.53 -30.07
C ILE A 214 -18.54 -4.21 -30.67
N THR A 215 -19.65 -4.29 -31.39
CA THR A 215 -20.28 -3.12 -31.99
C THR A 215 -21.78 -3.15 -31.70
N LEU A 216 -22.28 -2.12 -30.98
CA LEU A 216 -23.70 -1.90 -30.78
C LEU A 216 -24.12 -0.63 -31.49
N THR A 217 -24.87 -0.78 -32.59
CA THR A 217 -25.43 0.35 -33.32
C THR A 217 -26.95 0.26 -33.19
N TRP A 218 -27.64 1.36 -33.47
CA TRP A 218 -29.10 1.44 -33.43
C TRP A 218 -29.60 1.89 -34.79
N GLN A 219 -30.73 1.34 -35.24
CA GLN A 219 -31.30 1.68 -36.54
C GLN A 219 -32.80 1.90 -36.41
N ARG A 220 -33.25 3.13 -36.70
CA ARG A 220 -34.65 3.45 -36.82
C ARG A 220 -35.08 3.39 -38.29
N ASP A 221 -36.22 2.74 -38.54
CA ASP A 221 -36.80 2.60 -39.87
C ASP A 221 -35.67 2.20 -40.83
N GLY A 222 -34.87 1.21 -40.42
CA GLY A 222 -33.85 0.62 -41.26
C GLY A 222 -32.68 1.59 -41.48
N GLU A 223 -32.83 2.81 -40.95
CA GLU A 223 -31.79 3.82 -40.94
C GLU A 223 -31.27 4.01 -39.51
N ASP A 224 -29.97 3.78 -39.34
CA ASP A 224 -29.19 4.00 -38.13
C ASP A 224 -29.47 5.38 -37.52
N GLN A 225 -29.52 5.45 -36.18
CA GLN A 225 -29.85 6.70 -35.51
C GLN A 225 -28.61 7.32 -34.86
N THR A 226 -27.61 7.66 -35.68
CA THR A 226 -26.36 8.19 -35.14
C THR A 226 -26.67 9.07 -33.92
N GLN A 227 -27.26 10.25 -34.16
CA GLN A 227 -27.43 11.25 -33.11
C GLN A 227 -28.55 10.81 -32.17
N ASP A 228 -28.60 11.44 -30.98
CA ASP A 228 -29.58 11.21 -29.93
C ASP A 228 -29.55 9.73 -29.53
N THR A 229 -28.62 9.38 -28.63
CA THR A 229 -28.28 8.01 -28.28
C THR A 229 -27.20 8.02 -27.21
N GLU A 230 -27.24 7.02 -26.32
CA GLU A 230 -26.33 6.93 -25.19
C GLU A 230 -25.60 5.60 -25.28
N LEU A 231 -24.28 5.63 -25.18
CA LEU A 231 -23.52 4.40 -25.37
C LEU A 231 -22.39 4.33 -24.34
N VAL A 232 -22.33 3.23 -23.55
CA VAL A 232 -21.30 3.17 -22.52
C VAL A 232 -20.10 2.36 -22.99
N GLU A 233 -18.95 2.60 -22.34
CA GLU A 233 -17.75 1.83 -22.58
C GLU A 233 -17.98 0.39 -22.16
N THR A 234 -17.49 -0.54 -23.00
CA THR A 234 -17.33 -1.93 -22.64
C THR A 234 -16.73 -2.00 -21.24
N ARG A 235 -17.18 -2.92 -20.39
CA ARG A 235 -16.56 -3.00 -19.08
C ARG A 235 -16.21 -4.46 -18.79
N PRO A 236 -15.29 -4.79 -17.86
CA PRO A 236 -15.13 -6.18 -17.45
C PRO A 236 -16.17 -6.55 -16.39
N ALA A 237 -16.76 -7.72 -16.58
CA ALA A 237 -17.55 -8.38 -15.55
C ALA A 237 -16.67 -8.75 -14.35
N GLY A 238 -15.38 -9.05 -14.62
CA GLY A 238 -14.45 -9.53 -13.61
C GLY A 238 -14.22 -11.04 -13.68
N ASP A 239 -14.53 -11.64 -14.83
CA ASP A 239 -14.42 -13.08 -14.95
C ASP A 239 -13.96 -13.42 -16.37
N GLY A 240 -13.21 -12.51 -16.97
CA GLY A 240 -12.68 -12.76 -18.30
C GLY A 240 -13.65 -12.30 -19.40
N THR A 241 -14.85 -11.89 -18.99
CA THR A 241 -15.85 -11.49 -19.98
C THR A 241 -16.20 -10.02 -19.77
N PHE A 242 -16.79 -9.46 -20.82
CA PHE A 242 -17.03 -8.05 -20.97
C PHE A 242 -18.53 -7.80 -21.04
N GLN A 243 -18.94 -6.56 -20.78
CA GLN A 243 -20.32 -6.11 -20.93
C GLN A 243 -20.31 -4.77 -21.67
N LYS A 244 -21.42 -4.45 -22.35
CA LYS A 244 -21.65 -3.14 -22.92
C LYS A 244 -23.16 -2.96 -23.08
N TRP A 245 -23.59 -1.70 -23.21
CA TRP A 245 -24.97 -1.44 -23.59
C TRP A 245 -25.08 -0.11 -24.33
N ALA A 246 -26.02 -0.07 -25.28
CA ALA A 246 -26.39 1.14 -25.98
C ALA A 246 -27.85 1.41 -25.69
N ALA A 247 -28.30 2.67 -25.79
CA ALA A 247 -29.64 3.05 -25.34
C ALA A 247 -30.13 4.31 -26.06
N VAL A 248 -31.42 4.31 -26.45
CA VAL A 248 -32.03 5.44 -27.15
C VAL A 248 -33.38 5.77 -26.51
N VAL A 249 -33.74 7.06 -26.57
CA VAL A 249 -35.06 7.58 -26.21
C VAL A 249 -35.91 7.68 -27.48
N VAL A 250 -37.05 6.96 -27.50
CA VAL A 250 -37.92 6.95 -28.66
C VAL A 250 -39.29 7.49 -28.25
N PRO A 251 -39.97 8.25 -29.14
CA PRO A 251 -41.33 8.75 -28.87
C PRO A 251 -42.29 7.63 -28.53
N SER A 252 -42.96 7.76 -27.37
CA SER A 252 -43.88 6.71 -26.92
C SER A 252 -44.78 6.31 -28.08
N GLY A 253 -44.75 5.02 -28.43
CA GLY A 253 -45.62 4.42 -29.43
C GLY A 253 -44.92 4.16 -30.77
N GLN A 254 -43.64 4.50 -30.87
CA GLN A 254 -42.85 4.12 -32.03
C GLN A 254 -41.84 3.06 -31.61
N GLU A 255 -42.04 2.55 -30.39
CA GLU A 255 -41.04 1.79 -29.66
C GLU A 255 -40.62 0.55 -30.44
N GLN A 256 -41.22 0.36 -31.63
CA GLN A 256 -41.09 -0.91 -32.31
C GLN A 256 -40.47 -0.74 -33.69
N ARG A 257 -40.14 0.50 -34.03
CA ARG A 257 -39.55 0.81 -35.32
C ARG A 257 -38.03 0.81 -35.20
N TYR A 258 -37.54 0.61 -33.97
CA TYR A 258 -36.12 0.74 -33.66
C TYR A 258 -35.48 -0.64 -33.55
N THR A 259 -34.30 -0.77 -34.20
CA THR A 259 -33.52 -2.00 -34.26
C THR A 259 -32.07 -1.75 -33.86
N CYS A 260 -31.53 -2.69 -33.06
CA CYS A 260 -30.17 -2.65 -32.55
C CYS A 260 -29.32 -3.74 -33.21
N HIS A 261 -28.07 -3.40 -33.54
CA HIS A 261 -27.24 -4.25 -34.39
C HIS A 261 -25.95 -4.64 -33.68
N VAL A 262 -25.86 -5.92 -33.28
CA VAL A 262 -24.80 -6.42 -32.44
C VAL A 262 -23.86 -7.28 -33.27
N GLN A 263 -22.62 -6.81 -33.39
CA GLN A 263 -21.58 -7.39 -34.23
C GLN A 263 -20.39 -7.78 -33.35
N HIS A 264 -19.90 -9.00 -33.53
CA HIS A 264 -18.85 -9.58 -32.70
C HIS A 264 -18.36 -10.85 -33.39
N GLU A 265 -17.05 -11.12 -33.34
CA GLU A 265 -16.49 -12.22 -34.11
C GLU A 265 -16.95 -13.57 -33.56
N GLY A 266 -17.78 -13.55 -32.52
CA GLY A 266 -18.24 -14.79 -31.92
C GLY A 266 -19.60 -15.23 -32.46
N LEU A 267 -20.22 -14.37 -33.27
CA LEU A 267 -21.53 -14.62 -33.87
C LEU A 267 -21.36 -15.09 -35.32
N PRO A 268 -21.99 -16.22 -35.72
CA PRO A 268 -22.01 -16.65 -37.12
C PRO A 268 -22.64 -15.60 -38.03
N LYS A 269 -23.73 -14.99 -37.52
CA LYS A 269 -24.47 -13.98 -38.27
C LYS A 269 -24.68 -12.79 -37.33
N PRO A 270 -24.38 -11.54 -37.76
CA PRO A 270 -24.58 -10.35 -36.94
C PRO A 270 -26.04 -10.10 -36.54
N LEU A 271 -26.31 -10.04 -35.22
CA LEU A 271 -27.66 -10.06 -34.67
C LEU A 271 -28.45 -8.80 -35.03
N THR A 272 -29.78 -8.93 -34.97
CA THR A 272 -30.69 -7.79 -35.10
C THR A 272 -31.76 -7.97 -34.03
N LEU A 273 -32.07 -6.88 -33.32
CA LEU A 273 -32.92 -6.96 -32.14
C LEU A 273 -33.90 -5.80 -32.13
N ARG A 274 -35.12 -6.09 -31.66
CA ARG A 274 -36.25 -5.17 -31.68
C ARG A 274 -37.21 -5.48 -30.54
N TRP A 275 -38.01 -4.48 -30.17
CA TRP A 275 -39.01 -4.58 -29.12
C TRP A 275 -40.32 -5.13 -29.70
N MET B 1 -0.45 19.02 -20.15
CA MET B 1 -1.16 18.07 -19.26
C MET B 1 -2.66 18.39 -19.31
N ILE B 2 -3.41 17.46 -19.91
CA ILE B 2 -4.86 17.52 -19.97
C ILE B 2 -5.41 16.48 -18.99
N GLN B 3 -5.68 16.92 -17.75
CA GLN B 3 -6.44 16.13 -16.80
C GLN B 3 -7.84 15.89 -17.36
N ARG B 4 -8.39 14.68 -17.06
CA ARG B 4 -9.66 14.14 -17.51
C ARG B 4 -10.32 13.42 -16.34
N THR B 5 -11.62 13.68 -16.10
CA THR B 5 -12.30 13.12 -14.94
C THR B 5 -12.69 11.64 -15.11
N PRO B 6 -12.70 10.81 -14.06
CA PRO B 6 -13.08 9.41 -14.19
C PRO B 6 -14.53 9.21 -14.59
N LYS B 7 -14.77 8.23 -15.47
CA LYS B 7 -16.08 7.74 -15.82
C LYS B 7 -16.41 6.48 -14.99
N ILE B 8 -17.46 6.58 -14.17
CA ILE B 8 -17.77 5.58 -13.17
C ILE B 8 -18.96 4.72 -13.59
N GLN B 9 -18.84 3.39 -13.48
CA GLN B 9 -20.00 2.53 -13.69
C GLN B 9 -20.06 1.48 -12.61
N VAL B 10 -21.11 1.53 -11.78
CA VAL B 10 -21.27 0.50 -10.76
C VAL B 10 -22.25 -0.54 -11.27
N TYR B 11 -21.96 -1.81 -10.98
CA TYR B 11 -22.70 -2.90 -11.57
C TYR B 11 -22.21 -4.21 -10.95
N SER B 12 -22.77 -5.33 -11.42
CA SER B 12 -22.50 -6.59 -10.73
C SER B 12 -21.95 -7.62 -11.72
N ARG B 13 -21.11 -8.55 -11.23
CA ARG B 13 -20.44 -9.47 -12.14
C ARG B 13 -21.48 -10.15 -13.01
N HIS B 14 -22.44 -10.80 -12.34
CA HIS B 14 -23.60 -11.49 -12.88
C HIS B 14 -24.88 -10.74 -12.48
N PRO B 15 -25.99 -10.94 -13.22
CA PRO B 15 -27.31 -10.46 -12.82
C PRO B 15 -27.63 -10.80 -11.36
N ALA B 16 -28.21 -9.83 -10.65
CA ALA B 16 -28.43 -9.97 -9.22
C ALA B 16 -29.59 -10.93 -8.99
N GLU B 17 -29.46 -11.73 -7.95
CA GLU B 17 -30.58 -12.46 -7.37
C GLU B 17 -30.36 -12.44 -5.86
N ASN B 18 -31.42 -12.10 -5.12
CA ASN B 18 -31.29 -11.96 -3.67
C ASN B 18 -31.00 -13.30 -3.02
N GLY B 19 -29.98 -13.31 -2.16
CA GLY B 19 -29.57 -14.48 -1.40
C GLY B 19 -28.46 -15.27 -2.11
N LYS B 20 -28.23 -14.98 -3.40
CA LYS B 20 -27.21 -15.67 -4.17
C LYS B 20 -25.94 -14.80 -4.27
N SER B 21 -24.78 -15.44 -4.11
CA SER B 21 -23.49 -14.75 -4.08
C SER B 21 -23.14 -14.16 -5.44
N ASN B 22 -22.64 -12.93 -5.44
CA ASN B 22 -22.29 -12.21 -6.66
C ASN B 22 -20.94 -11.49 -6.48
N PHE B 23 -20.62 -10.62 -7.46
CA PHE B 23 -19.61 -9.58 -7.30
C PHE B 23 -20.21 -8.19 -7.54
N LEU B 24 -19.88 -7.24 -6.64
CA LEU B 24 -20.10 -5.80 -6.84
C LEU B 24 -18.82 -5.15 -7.38
N ASN B 25 -19.00 -4.43 -8.50
CA ASN B 25 -17.97 -3.91 -9.39
C ASN B 25 -18.19 -2.42 -9.51
N CYS B 26 -17.08 -1.65 -9.43
CA CYS B 26 -17.06 -0.22 -9.68
C CYS B 26 -15.94 0.06 -10.68
N TYR B 27 -16.30 0.52 -11.86
CA TYR B 27 -15.27 0.58 -12.87
C TYR B 27 -15.06 2.06 -13.13
N VAL B 28 -13.82 2.49 -12.89
CA VAL B 28 -13.38 3.86 -13.11
C VAL B 28 -12.44 3.82 -14.30
N SER B 29 -12.73 4.64 -15.32
CA SER B 29 -11.92 4.68 -16.54
C SER B 29 -11.94 6.06 -17.18
N GLY B 30 -11.05 6.23 -18.17
CA GLY B 30 -10.92 7.48 -18.91
C GLY B 30 -10.23 8.56 -18.09
N PHE B 31 -9.93 8.29 -16.82
CA PHE B 31 -9.37 9.34 -16.00
C PHE B 31 -7.90 9.54 -16.32
N HIS B 32 -7.35 10.69 -15.87
CA HIS B 32 -5.95 11.07 -15.86
C HIS B 32 -5.80 12.31 -14.99
N PRO B 33 -4.84 12.33 -14.02
CA PRO B 33 -3.87 11.23 -13.84
C PRO B 33 -4.33 10.10 -12.92
N SER B 34 -3.36 9.35 -12.41
CA SER B 34 -3.62 7.97 -12.07
C SER B 34 -3.95 7.83 -10.60
N ASP B 35 -3.55 8.81 -9.76
CA ASP B 35 -4.02 8.81 -8.36
C ASP B 35 -5.53 9.00 -8.35
N ILE B 36 -6.18 7.98 -7.76
CA ILE B 36 -7.62 7.91 -7.60
C ILE B 36 -7.95 7.18 -6.31
N GLU B 37 -8.99 7.61 -5.59
CA GLU B 37 -9.49 6.83 -4.45
C GLU B 37 -10.83 6.24 -4.83
N VAL B 38 -11.10 4.98 -4.48
CA VAL B 38 -12.39 4.38 -4.82
C VAL B 38 -12.78 3.38 -3.74
N ASP B 39 -13.99 3.58 -3.19
CA ASP B 39 -14.54 2.77 -2.12
C ASP B 39 -16.00 2.38 -2.42
N LEU B 40 -16.27 1.08 -2.36
CA LEU B 40 -17.63 0.59 -2.49
C LEU B 40 -18.30 0.66 -1.12
N LEU B 41 -19.45 1.36 -1.07
CA LEU B 41 -20.20 1.49 0.18
C LEU B 41 -21.38 0.54 0.15
N LYS B 42 -21.82 0.16 1.35
CA LYS B 42 -23.03 -0.60 1.65
C LYS B 42 -23.75 0.16 2.76
N ASN B 43 -24.97 0.61 2.44
CA ASN B 43 -25.70 1.51 3.30
C ASN B 43 -24.71 2.50 3.88
N GLY B 44 -24.02 3.22 2.98
CA GLY B 44 -23.25 4.40 3.33
C GLY B 44 -21.93 4.07 4.00
N GLU B 45 -21.74 2.79 4.39
CA GLU B 45 -20.56 2.40 5.12
C GLU B 45 -19.57 1.79 4.14
N ARG B 46 -18.26 1.96 4.43
CA ARG B 46 -17.19 1.51 3.54
C ARG B 46 -16.98 0.01 3.70
N ILE B 47 -17.17 -0.74 2.63
CA ILE B 47 -16.87 -2.16 2.65
C ILE B 47 -15.36 -2.33 2.79
N GLU B 48 -14.91 -2.84 3.94
CA GLU B 48 -13.59 -3.44 4.07
C GLU B 48 -13.62 -4.76 3.31
N LYS B 49 -12.63 -4.99 2.42
CA LYS B 49 -12.56 -6.13 1.50
C LYS B 49 -13.02 -5.73 0.09
N VAL B 50 -12.24 -4.86 -0.56
CA VAL B 50 -12.42 -4.51 -1.95
C VAL B 50 -11.04 -4.61 -2.58
N GLU B 51 -10.87 -5.52 -3.56
CA GLU B 51 -9.64 -5.67 -4.33
C GLU B 51 -9.78 -4.82 -5.60
N HIS B 52 -8.68 -4.60 -6.32
CA HIS B 52 -8.74 -3.92 -7.60
C HIS B 52 -7.64 -4.36 -8.56
N SER B 53 -7.94 -4.27 -9.85
CA SER B 53 -7.04 -4.73 -10.92
C SER B 53 -5.77 -3.90 -10.96
N ASP B 54 -4.81 -4.40 -11.74
CA ASP B 54 -3.59 -3.66 -12.06
C ASP B 54 -3.88 -2.50 -13.03
N LEU B 55 -3.30 -1.34 -12.72
CA LEU B 55 -3.42 -0.15 -13.52
C LEU B 55 -3.01 -0.50 -14.95
N SER B 56 -3.84 -0.13 -15.93
CA SER B 56 -3.34 0.12 -17.26
C SER B 56 -4.25 1.16 -17.92
N PHE B 57 -4.20 1.18 -19.27
CA PHE B 57 -4.57 2.40 -19.94
C PHE B 57 -4.88 2.17 -21.41
N SER B 58 -5.74 3.02 -21.95
CA SER B 58 -6.21 2.84 -23.32
C SER B 58 -5.32 3.61 -24.28
N LYS B 59 -5.64 3.55 -25.57
CA LYS B 59 -4.97 4.31 -26.62
C LYS B 59 -4.92 5.82 -26.29
N ASP B 60 -6.01 6.36 -25.73
CA ASP B 60 -6.12 7.67 -25.08
C ASP B 60 -4.92 8.00 -24.17
N TRP B 61 -4.28 6.96 -23.60
CA TRP B 61 -3.35 7.03 -22.48
C TRP B 61 -4.05 7.19 -21.13
N SER B 62 -5.37 7.09 -21.07
CA SER B 62 -6.06 7.39 -19.83
C SER B 62 -6.20 6.08 -19.06
N PHE B 63 -6.25 6.15 -17.73
CA PHE B 63 -6.13 4.95 -16.92
C PHE B 63 -7.51 4.36 -16.76
N TYR B 64 -7.57 3.05 -16.49
CA TYR B 64 -8.79 2.46 -15.95
C TYR B 64 -8.42 1.45 -14.84
N LEU B 65 -9.34 1.19 -13.91
CA LEU B 65 -9.16 0.21 -12.84
C LEU B 65 -10.51 -0.40 -12.54
N LEU B 66 -10.57 -1.68 -12.20
CA LEU B 66 -11.83 -2.24 -11.73
C LEU B 66 -11.69 -2.51 -10.24
N TYR B 67 -12.61 -1.99 -9.42
CA TYR B 67 -12.67 -2.28 -8.00
C TYR B 67 -13.81 -3.27 -7.78
N TYR B 68 -13.53 -4.37 -7.04
CA TYR B 68 -14.51 -5.44 -6.91
C TYR B 68 -14.50 -6.08 -5.52
N THR B 69 -15.66 -6.65 -5.19
CA THR B 69 -16.00 -7.18 -3.88
C THR B 69 -17.08 -8.24 -4.07
N GLU B 70 -16.86 -9.40 -3.46
CA GLU B 70 -17.91 -10.40 -3.41
C GLU B 70 -19.05 -9.87 -2.55
N PHE B 71 -20.31 -10.05 -3.00
CA PHE B 71 -21.42 -9.80 -2.09
C PHE B 71 -22.55 -10.80 -2.35
N THR B 72 -23.63 -10.67 -1.54
CA THR B 72 -24.94 -11.23 -1.87
C THR B 72 -26.04 -10.16 -1.75
N PRO B 73 -26.69 -9.78 -2.87
CA PRO B 73 -27.65 -8.67 -2.84
C PRO B 73 -28.97 -9.03 -2.15
N THR B 74 -29.36 -8.23 -1.15
CA THR B 74 -30.64 -8.39 -0.47
C THR B 74 -31.59 -7.29 -0.94
N GLU B 75 -32.85 -7.31 -0.48
CA GLU B 75 -33.81 -6.34 -0.99
C GLU B 75 -33.56 -4.97 -0.38
N LYS B 76 -33.25 -4.95 0.93
CA LYS B 76 -33.13 -3.72 1.70
C LYS B 76 -31.81 -3.00 1.36
N ASP B 77 -30.79 -3.76 0.96
CA ASP B 77 -29.46 -3.20 0.85
C ASP B 77 -29.31 -2.29 -0.36
N GLU B 78 -28.85 -1.06 -0.11
CA GLU B 78 -28.41 -0.11 -1.13
C GLU B 78 -26.89 -0.13 -1.27
N TYR B 79 -26.38 -0.24 -2.52
CA TYR B 79 -24.94 -0.26 -2.73
C TYR B 79 -24.52 0.93 -3.59
N ALA B 80 -23.37 1.53 -3.29
CA ALA B 80 -22.89 2.59 -4.17
C ALA B 80 -21.38 2.68 -4.09
N CYS B 81 -20.85 3.48 -5.03
CA CYS B 81 -19.42 3.59 -5.25
C CYS B 81 -18.99 5.05 -5.12
N ARG B 82 -17.95 5.28 -4.31
CA ARG B 82 -17.57 6.63 -3.96
C ARG B 82 -16.20 6.89 -4.54
N VAL B 83 -16.06 7.90 -5.40
CA VAL B 83 -14.83 8.05 -6.15
C VAL B 83 -14.33 9.46 -5.90
N ASN B 84 -13.01 9.65 -5.75
CA ASN B 84 -12.39 10.95 -5.49
C ASN B 84 -11.16 11.08 -6.37
N HIS B 85 -11.00 12.25 -6.99
CA HIS B 85 -9.93 12.44 -7.95
C HIS B 85 -9.66 13.93 -7.98
N VAL B 86 -8.46 14.34 -8.43
CA VAL B 86 -8.10 15.74 -8.37
C VAL B 86 -9.03 16.52 -9.30
N THR B 87 -9.74 15.82 -10.19
CA THR B 87 -10.57 16.49 -11.18
C THR B 87 -11.90 16.93 -10.57
N LEU B 88 -12.21 16.43 -9.36
CA LEU B 88 -13.44 16.81 -8.69
C LEU B 88 -13.20 17.80 -7.55
N SER B 89 -14.29 18.31 -6.97
CA SER B 89 -14.18 19.25 -5.87
C SER B 89 -14.95 18.67 -4.68
N GLN B 90 -15.68 17.60 -4.97
CA GLN B 90 -16.22 16.74 -3.94
C GLN B 90 -16.28 15.35 -4.55
N PRO B 91 -16.01 14.30 -3.75
CA PRO B 91 -16.06 12.91 -4.22
C PRO B 91 -17.44 12.62 -4.83
N LYS B 92 -17.46 11.76 -5.86
CA LYS B 92 -18.68 11.40 -6.58
C LYS B 92 -19.19 10.06 -6.05
N ILE B 93 -20.51 9.97 -5.90
CA ILE B 93 -21.16 8.75 -5.44
C ILE B 93 -22.04 8.21 -6.57
N VAL B 94 -22.00 6.90 -6.81
CA VAL B 94 -22.83 6.39 -7.88
C VAL B 94 -23.53 5.17 -7.32
N LYS B 95 -24.84 5.30 -7.11
CA LYS B 95 -25.65 4.22 -6.55
C LYS B 95 -25.73 3.09 -7.57
N TRP B 96 -25.84 1.86 -7.06
CA TRP B 96 -26.08 0.67 -7.88
C TRP B 96 -27.54 0.64 -8.25
N ASP B 97 -27.81 0.40 -9.54
CA ASP B 97 -29.17 0.37 -10.05
C ASP B 97 -29.38 -0.97 -10.75
N ARG B 98 -29.59 -2.03 -9.96
CA ARG B 98 -29.72 -3.38 -10.48
C ARG B 98 -30.69 -3.41 -11.65
N ASP B 99 -31.81 -2.67 -11.57
CA ASP B 99 -32.79 -2.66 -12.65
C ASP B 99 -32.36 -1.73 -13.78
N MET B 100 -31.29 -2.15 -14.46
CA MET B 100 -30.68 -1.42 -15.55
C MET B 100 -31.16 -2.05 -16.88
N LYS C 2 25.71 -15.53 -19.06
CA LYS C 2 26.80 -14.54 -19.26
C LYS C 2 28.15 -15.24 -19.12
N GLU C 3 28.56 -15.97 -20.17
CA GLU C 3 29.90 -16.52 -20.30
C GLU C 3 30.23 -16.69 -21.78
N VAL C 4 31.49 -16.39 -22.09
CA VAL C 4 32.05 -16.41 -23.42
C VAL C 4 33.29 -17.30 -23.34
N GLU C 5 33.34 -18.34 -24.17
CA GLU C 5 34.56 -19.11 -24.35
C GLU C 5 35.17 -18.72 -25.69
N GLN C 6 36.50 -18.83 -25.81
CA GLN C 6 37.16 -18.39 -27.01
C GLN C 6 38.59 -18.93 -27.00
N ASP C 7 38.97 -19.67 -28.06
CA ASP C 7 40.29 -20.26 -28.17
C ASP C 7 41.35 -19.19 -27.93
N PRO C 8 42.25 -19.37 -26.92
CA PRO C 8 43.33 -18.43 -26.63
C PRO C 8 44.46 -18.19 -27.64
N GLY C 9 44.73 -19.15 -28.53
CA GLY C 9 45.85 -19.02 -29.47
C GLY C 9 47.23 -19.27 -28.84
N PRO C 10 48.31 -19.00 -29.59
CA PRO C 10 48.21 -18.25 -30.83
C PRO C 10 48.00 -19.08 -32.10
N LEU C 11 47.14 -18.55 -32.97
CA LEU C 11 46.92 -19.14 -34.28
C LEU C 11 47.92 -18.52 -35.26
N SER C 12 48.88 -19.32 -35.72
CA SER C 12 49.84 -18.96 -36.76
C SER C 12 49.28 -19.34 -38.13
N VAL C 13 49.24 -18.38 -39.05
CA VAL C 13 48.82 -18.67 -40.41
C VAL C 13 49.73 -17.93 -41.40
N PRO C 14 49.84 -18.37 -42.66
CA PRO C 14 50.61 -17.62 -43.65
C PRO C 14 49.76 -16.53 -44.29
N GLU C 15 50.40 -15.41 -44.66
CA GLU C 15 49.76 -14.31 -45.35
C GLU C 15 48.91 -14.87 -46.48
N GLY C 16 47.66 -14.44 -46.55
CA GLY C 16 46.77 -14.85 -47.63
C GLY C 16 45.70 -15.83 -47.14
N ALA C 17 45.98 -16.49 -46.02
CA ALA C 17 45.03 -17.42 -45.42
C ALA C 17 43.83 -16.66 -44.86
N ILE C 18 42.62 -17.13 -45.19
CA ILE C 18 41.39 -16.69 -44.56
C ILE C 18 41.37 -17.17 -43.10
N VAL C 19 41.53 -16.22 -42.17
CA VAL C 19 41.39 -16.46 -40.75
C VAL C 19 39.91 -16.61 -40.35
N SER C 20 39.64 -17.50 -39.38
CA SER C 20 38.32 -17.58 -38.77
C SER C 20 38.44 -17.61 -37.27
N LEU C 21 37.79 -16.63 -36.62
CA LEU C 21 37.78 -16.51 -35.19
C LEU C 21 36.34 -16.73 -34.69
N ASN C 22 36.19 -17.46 -33.58
CA ASN C 22 34.87 -17.80 -33.06
C ASN C 22 34.81 -17.50 -31.56
N CYS C 23 33.60 -17.16 -31.12
CA CYS C 23 33.20 -17.16 -29.72
C CYS C 23 31.82 -17.78 -29.65
N THR C 24 31.64 -18.73 -28.71
CA THR C 24 30.29 -19.17 -28.40
C THR C 24 29.87 -18.60 -27.06
N TYR C 25 28.57 -18.35 -26.93
CA TYR C 25 27.98 -17.85 -25.69
C TYR C 25 26.68 -18.59 -25.38
N SER C 26 26.24 -18.42 -24.13
CA SER C 26 25.06 -19.13 -23.67
C SER C 26 23.92 -18.17 -23.32
N ASN C 27 24.25 -16.94 -22.91
CA ASN C 27 23.25 -15.96 -22.52
C ASN C 27 22.31 -15.59 -23.67
N SER C 28 21.02 -15.91 -23.52
CA SER C 28 20.03 -15.54 -24.51
C SER C 28 19.86 -14.02 -24.63
N ALA C 29 20.28 -13.30 -23.57
CA ALA C 29 19.98 -11.89 -23.38
C ALA C 29 20.98 -10.94 -24.05
N PHE C 30 22.01 -11.45 -24.78
CA PHE C 30 23.00 -10.54 -25.36
C PHE C 30 22.42 -9.83 -26.58
N GLN C 31 22.56 -8.50 -26.63
CA GLN C 31 22.01 -7.74 -27.73
C GLN C 31 23.06 -7.08 -28.63
N TYR C 32 24.24 -6.72 -28.11
CA TYR C 32 25.26 -6.07 -28.93
C TYR C 32 26.50 -6.96 -28.97
N PHE C 33 27.11 -7.04 -30.16
CA PHE C 33 28.17 -8.00 -30.42
C PHE C 33 29.34 -7.32 -31.14
N MET C 34 30.53 -7.37 -30.53
CA MET C 34 31.60 -6.54 -31.04
C MET C 34 32.86 -7.39 -31.24
N TRP C 35 33.64 -7.00 -32.26
CA TRP C 35 34.96 -7.54 -32.45
C TRP C 35 35.96 -6.41 -32.23
N TYR C 36 36.86 -6.62 -31.27
CA TYR C 36 37.90 -5.66 -30.92
C TYR C 36 39.23 -6.22 -31.37
N ARG C 37 40.09 -5.34 -31.86
CA ARG C 37 41.45 -5.73 -32.18
C ARG C 37 42.38 -4.99 -31.24
N GLN C 38 43.19 -5.70 -30.45
CA GLN C 38 44.20 -5.15 -29.56
C GLN C 38 45.58 -5.59 -30.05
N TYR C 39 46.42 -4.60 -30.39
CA TYR C 39 47.82 -4.74 -30.77
C TYR C 39 48.71 -4.56 -29.55
N SER C 40 49.43 -5.63 -29.20
CA SER C 40 50.27 -5.76 -28.02
C SER C 40 50.70 -4.41 -27.43
N ARG C 41 50.29 -4.20 -26.16
CA ARG C 41 50.62 -3.00 -25.38
C ARG C 41 49.96 -1.78 -26.04
N LYS C 42 48.63 -1.85 -26.20
CA LYS C 42 47.79 -0.78 -26.73
C LYS C 42 46.33 -1.07 -26.34
N GLY C 43 45.47 -0.06 -26.50
CA GLY C 43 44.12 -0.17 -25.96
C GLY C 43 43.13 -0.69 -27.00
N PRO C 44 42.23 -1.64 -26.67
CA PRO C 44 41.46 -2.34 -27.70
C PRO C 44 40.76 -1.31 -28.56
N GLU C 45 40.62 -1.58 -29.86
CA GLU C 45 39.93 -0.65 -30.75
C GLU C 45 38.88 -1.40 -31.57
N LEU C 46 37.72 -0.76 -31.81
CA LEU C 46 36.57 -1.41 -32.42
C LEU C 46 36.92 -1.79 -33.85
N LEU C 47 36.33 -2.90 -34.29
CA LEU C 47 36.57 -3.44 -35.62
C LEU C 47 35.24 -3.72 -36.31
N MET C 48 34.30 -4.34 -35.59
CA MET C 48 32.96 -4.58 -36.12
C MET C 48 31.95 -4.40 -35.01
N TYR C 49 30.76 -3.97 -35.41
CA TYR C 49 29.63 -3.84 -34.50
C TYR C 49 28.34 -4.26 -35.20
N THR C 50 27.65 -5.24 -34.61
CA THR C 50 26.27 -5.51 -34.99
C THR C 50 25.34 -5.66 -33.77
N TYR C 51 24.11 -5.18 -33.94
CA TYR C 51 23.07 -5.33 -32.93
C TYR C 51 22.11 -6.45 -33.37
N SER C 52 22.13 -6.69 -34.68
CA SER C 52 21.20 -7.64 -35.28
C SER C 52 21.96 -8.85 -35.77
N SER C 53 21.23 -9.96 -35.94
CA SER C 53 21.70 -11.15 -36.63
C SER C 53 22.09 -10.85 -38.08
N GLY C 54 22.73 -11.83 -38.72
CA GLY C 54 23.11 -11.74 -40.13
C GLY C 54 24.62 -11.63 -40.31
N ASN C 55 25.02 -10.87 -41.34
CA ASN C 55 26.39 -10.78 -41.78
C ASN C 55 26.68 -9.33 -42.16
N LYS C 56 27.73 -8.75 -41.57
CA LYS C 56 28.15 -7.40 -41.94
C LYS C 56 29.58 -7.49 -42.50
N GLU C 57 30.00 -6.49 -43.31
CA GLU C 57 31.27 -6.51 -44.03
C GLU C 57 31.96 -5.14 -44.14
N ASP C 58 33.24 -5.09 -43.75
CA ASP C 58 34.09 -3.91 -43.88
C ASP C 58 35.29 -4.33 -44.74
N GLY C 59 34.99 -4.70 -45.99
CA GLY C 59 35.98 -5.10 -46.99
C GLY C 59 36.56 -6.48 -46.68
N ARG C 60 37.75 -6.47 -46.05
CA ARG C 60 38.50 -7.66 -45.72
C ARG C 60 37.87 -8.39 -44.53
N PHE C 61 36.82 -7.79 -43.94
CA PHE C 61 36.33 -8.25 -42.65
C PHE C 61 34.86 -8.63 -42.74
N THR C 62 34.50 -9.76 -42.10
CA THR C 62 33.15 -10.28 -42.10
C THR C 62 32.76 -10.73 -40.70
N ALA C 63 31.64 -10.21 -40.19
CA ALA C 63 31.19 -10.56 -38.87
C ALA C 63 29.92 -11.37 -39.05
N GLN C 64 29.79 -12.43 -38.24
CA GLN C 64 28.60 -13.27 -38.32
C GLN C 64 28.06 -13.48 -36.90
N VAL C 65 26.80 -13.10 -36.70
CA VAL C 65 26.15 -13.49 -35.46
C VAL C 65 25.08 -14.50 -35.83
N ASP C 66 24.92 -15.54 -34.99
CA ASP C 66 23.86 -16.53 -35.13
C ASP C 66 23.36 -16.91 -33.75
N LYS C 67 22.18 -16.36 -33.38
CA LYS C 67 21.62 -16.41 -32.04
C LYS C 67 21.13 -17.82 -31.69
N SER C 68 21.00 -18.68 -32.72
CA SER C 68 20.59 -20.06 -32.55
C SER C 68 21.75 -20.89 -32.01
N SER C 69 22.89 -20.88 -32.70
CA SER C 69 24.05 -21.64 -32.25
C SER C 69 24.71 -20.93 -31.07
N LYS C 70 24.45 -19.61 -30.97
CA LYS C 70 25.03 -18.70 -29.99
C LYS C 70 26.53 -18.61 -30.23
N TYR C 71 26.84 -18.01 -31.40
CA TYR C 71 28.06 -18.21 -32.17
C TYR C 71 28.36 -16.87 -32.85
N ILE C 72 29.54 -16.31 -32.54
CA ILE C 72 29.99 -15.01 -33.02
C ILE C 72 31.21 -15.30 -33.87
N SER C 73 31.25 -14.79 -35.11
CA SER C 73 32.38 -15.12 -35.97
C SER C 73 32.95 -13.89 -36.66
N LEU C 74 34.28 -13.88 -36.81
CA LEU C 74 34.97 -12.88 -37.62
C LEU C 74 35.91 -13.56 -38.61
N PHE C 75 35.81 -13.13 -39.87
CA PHE C 75 36.60 -13.70 -40.95
C PHE C 75 37.44 -12.60 -41.55
N ILE C 76 38.76 -12.74 -41.44
CA ILE C 76 39.63 -11.84 -42.17
C ILE C 76 40.07 -12.60 -43.42
N ARG C 77 39.50 -12.20 -44.56
CA ARG C 77 40.01 -12.68 -45.83
C ARG C 77 41.28 -11.89 -46.16
N ASP C 78 42.17 -12.50 -46.94
CA ASP C 78 43.42 -11.86 -47.30
C ASP C 78 44.17 -11.40 -46.05
N SER C 79 44.52 -12.37 -45.19
CA SER C 79 45.41 -12.15 -44.07
C SER C 79 46.58 -11.28 -44.53
N GLN C 80 46.96 -10.34 -43.67
CA GLN C 80 48.17 -9.58 -43.89
C GLN C 80 48.95 -9.56 -42.58
N PRO C 81 50.30 -9.40 -42.64
CA PRO C 81 51.14 -9.19 -41.45
C PRO C 81 50.65 -8.20 -40.40
N SER C 82 50.15 -7.04 -40.87
CA SER C 82 49.63 -5.93 -40.08
C SER C 82 48.36 -6.33 -39.32
N ASP C 83 47.93 -7.60 -39.45
CA ASP C 83 46.77 -8.06 -38.70
C ASP C 83 47.19 -8.92 -37.51
N SER C 84 48.49 -9.05 -37.22
CA SER C 84 48.89 -9.75 -36.01
C SER C 84 48.48 -8.96 -34.78
N ALA C 85 47.57 -9.55 -33.99
CA ALA C 85 46.95 -8.84 -32.89
C ALA C 85 46.28 -9.86 -31.96
N THR C 86 45.69 -9.36 -30.88
CA THR C 86 44.81 -10.24 -30.16
C THR C 86 43.42 -9.72 -30.45
N TYR C 87 42.57 -10.60 -30.98
CA TYR C 87 41.19 -10.24 -31.26
C TYR C 87 40.27 -10.74 -30.17
N LEU C 88 39.61 -9.78 -29.51
CA LEU C 88 38.64 -9.97 -28.44
C LEU C 88 37.24 -9.85 -29.04
N CYS C 89 36.35 -10.77 -28.68
CA CYS C 89 34.93 -10.65 -28.92
C CYS C 89 34.27 -10.16 -27.63
N ALA C 90 33.16 -9.41 -27.75
CA ALA C 90 32.48 -8.86 -26.59
C ALA C 90 31.00 -8.87 -26.90
N MET C 91 30.17 -8.97 -25.85
CA MET C 91 28.74 -8.98 -26.02
C MET C 91 28.10 -8.26 -24.84
N SER C 92 27.05 -7.47 -25.09
CA SER C 92 26.44 -6.73 -23.99
C SER C 92 24.97 -7.09 -23.79
N GLY C 93 24.56 -7.15 -22.52
CA GLY C 93 23.23 -7.58 -22.12
C GLY C 93 22.58 -6.63 -21.12
N LEU C 94 21.31 -6.32 -21.37
CA LEU C 94 20.57 -5.42 -20.49
C LEU C 94 20.61 -5.93 -19.06
N LYS C 95 21.03 -5.06 -18.14
CA LYS C 95 21.01 -5.32 -16.71
C LYS C 95 19.78 -4.67 -16.07
N GLU C 96 19.52 -4.95 -14.79
CA GLU C 96 18.28 -4.48 -14.18
C GLU C 96 18.40 -3.03 -13.77
N ASP C 97 19.63 -2.51 -13.75
CA ASP C 97 19.75 -1.09 -13.45
C ASP C 97 19.61 -0.31 -14.75
N SER C 98 19.42 -1.07 -15.85
CA SER C 98 19.21 -0.63 -17.22
C SER C 98 20.52 -0.21 -17.86
N SER C 99 21.64 -0.62 -17.24
CA SER C 99 22.90 -0.57 -17.95
C SER C 99 23.03 -1.79 -18.86
N TYR C 100 23.84 -1.68 -19.91
CA TYR C 100 24.24 -2.84 -20.70
C TYR C 100 25.64 -3.25 -20.25
N LYS C 101 25.83 -4.51 -19.85
CA LYS C 101 27.14 -4.94 -19.35
C LYS C 101 27.96 -5.56 -20.48
N LEU C 102 29.21 -5.10 -20.62
CA LEU C 102 30.02 -5.59 -21.72
C LEU C 102 30.98 -6.71 -21.26
N ILE C 103 30.67 -7.96 -21.67
CA ILE C 103 31.42 -9.14 -21.30
C ILE C 103 32.29 -9.57 -22.47
N PHE C 104 33.56 -9.82 -22.20
CA PHE C 104 34.57 -10.01 -23.22
C PHE C 104 35.06 -11.46 -23.23
N GLY C 105 35.32 -12.01 -24.41
CA GLY C 105 35.99 -13.30 -24.46
C GLY C 105 37.48 -13.11 -24.12
N SER C 106 38.18 -14.21 -23.81
CA SER C 106 39.54 -14.11 -23.30
C SER C 106 40.48 -13.53 -24.36
N GLY C 107 40.09 -13.56 -25.63
CA GLY C 107 40.93 -12.99 -26.68
C GLY C 107 41.69 -14.07 -27.44
N THR C 108 41.70 -13.98 -28.77
CA THR C 108 42.47 -14.90 -29.59
C THR C 108 43.68 -14.16 -30.15
N ARG C 109 44.89 -14.63 -29.82
CA ARG C 109 46.10 -14.09 -30.43
C ARG C 109 46.26 -14.56 -31.87
N LEU C 110 46.30 -13.61 -32.82
CA LEU C 110 46.57 -13.96 -34.19
C LEU C 110 47.97 -13.49 -34.57
N LEU C 111 48.75 -14.42 -35.12
CA LEU C 111 50.03 -14.13 -35.74
C LEU C 111 49.94 -14.57 -37.20
N VAL C 112 50.00 -13.62 -38.14
CA VAL C 112 49.93 -13.93 -39.55
C VAL C 112 51.33 -13.78 -40.14
N ARG C 113 51.88 -14.90 -40.63
CA ARG C 113 53.24 -15.00 -41.13
C ARG C 113 53.32 -14.38 -42.52
N PRO C 114 54.43 -13.68 -42.87
CA PRO C 114 54.66 -13.15 -44.22
C PRO C 114 55.50 -14.06 -45.10
N ASP C 115 55.29 -13.98 -46.43
CA ASP C 115 55.99 -14.90 -47.32
C ASP C 115 57.38 -14.38 -47.68
N ILE C 116 58.40 -15.02 -47.13
CA ILE C 116 59.79 -14.74 -47.46
C ILE C 116 60.03 -15.21 -48.90
N GLN C 117 60.24 -14.24 -49.78
CA GLN C 117 60.40 -14.44 -51.21
C GLN C 117 61.66 -15.27 -51.52
N ASN C 118 62.82 -14.91 -50.91
CA ASN C 118 64.08 -15.60 -51.18
C ASN C 118 64.83 -15.90 -49.89
N PRO C 119 64.46 -16.97 -49.14
CA PRO C 119 65.06 -17.27 -47.84
C PRO C 119 66.56 -17.54 -47.84
N ASP C 120 67.31 -16.64 -47.19
CA ASP C 120 68.77 -16.74 -47.19
C ASP C 120 69.32 -17.06 -45.80
N PRO C 121 68.89 -18.17 -45.15
CA PRO C 121 69.20 -18.43 -43.75
C PRO C 121 70.69 -18.41 -43.40
N ALA C 122 71.05 -17.71 -42.31
CA ALA C 122 72.40 -17.59 -41.76
C ALA C 122 72.39 -17.35 -40.25
N VAL C 123 73.55 -17.61 -39.59
CA VAL C 123 73.78 -17.28 -38.19
C VAL C 123 75.06 -16.45 -38.02
N TYR C 124 74.88 -15.18 -37.66
CA TYR C 124 75.99 -14.25 -37.66
C TYR C 124 76.50 -14.04 -36.25
N GLN C 125 77.82 -13.84 -36.14
CA GLN C 125 78.44 -13.33 -34.92
C GLN C 125 78.60 -11.82 -35.06
N LEU C 126 78.03 -11.06 -34.12
CA LEU C 126 77.99 -9.61 -34.17
C LEU C 126 78.98 -9.02 -33.18
N ARG C 127 79.62 -7.90 -33.56
CA ARG C 127 80.64 -7.23 -32.78
C ARG C 127 80.00 -6.57 -31.55
N ASP C 128 80.47 -6.99 -30.37
CA ASP C 128 80.02 -6.44 -29.08
C ASP C 128 80.14 -4.91 -29.11
N LYS C 134 78.60 -10.28 -23.01
CA LYS C 134 77.37 -10.94 -23.51
C LYS C 134 77.33 -10.86 -25.04
N SER C 135 78.12 -11.72 -25.68
CA SER C 135 78.15 -11.86 -27.14
C SER C 135 76.75 -12.13 -27.68
N VAL C 136 76.49 -11.62 -28.89
CA VAL C 136 75.17 -11.69 -29.50
C VAL C 136 75.20 -12.47 -30.82
N CYS C 137 74.36 -13.51 -30.89
CA CYS C 137 74.13 -14.32 -32.08
C CYS C 137 72.82 -13.93 -32.76
N LEU C 138 72.83 -13.88 -34.09
CA LEU C 138 71.67 -13.49 -34.87
C LEU C 138 71.37 -14.55 -35.93
N PHE C 139 70.27 -15.27 -35.71
CA PHE C 139 69.73 -16.16 -36.72
C PHE C 139 68.82 -15.31 -37.61
N THR C 140 69.15 -15.17 -38.89
CA THR C 140 68.31 -14.26 -39.68
C THR C 140 68.03 -14.80 -41.07
N ASP C 141 67.05 -14.17 -41.73
CA ASP C 141 66.71 -14.39 -43.13
C ASP C 141 66.03 -15.74 -43.37
N PHE C 142 65.82 -16.49 -42.27
CA PHE C 142 65.23 -17.82 -42.33
C PHE C 142 63.77 -17.73 -42.77
N ASP C 143 63.21 -18.91 -43.06
CA ASP C 143 61.93 -19.10 -43.74
C ASP C 143 60.79 -19.08 -42.75
N SER C 144 59.69 -18.43 -43.17
CA SER C 144 58.58 -18.01 -42.33
C SER C 144 57.93 -19.23 -41.68
N GLN C 145 58.09 -20.40 -42.32
CA GLN C 145 57.49 -21.65 -41.88
C GLN C 145 58.54 -22.49 -41.16
N THR C 146 59.57 -21.83 -40.62
CA THR C 146 60.53 -22.44 -39.71
C THR C 146 60.30 -21.87 -38.31
N ASN C 147 60.47 -22.70 -37.29
CA ASN C 147 60.08 -22.34 -35.93
C ASN C 147 61.33 -22.35 -35.04
N VAL C 148 61.45 -21.33 -34.17
CA VAL C 148 62.66 -21.12 -33.38
C VAL C 148 62.35 -21.35 -31.90
N SER C 149 63.18 -22.12 -31.19
CA SER C 149 62.83 -22.60 -29.87
C SER C 149 63.86 -22.19 -28.81
N GLN C 150 63.36 -21.87 -27.60
CA GLN C 150 64.14 -21.31 -26.50
C GLN C 150 65.01 -22.39 -25.86
N SER C 151 66.34 -22.23 -25.94
CA SER C 151 67.29 -23.29 -25.64
C SER C 151 67.16 -23.82 -24.21
N LYS C 152 67.84 -24.95 -23.96
CA LYS C 152 67.74 -25.70 -22.72
C LYS C 152 68.83 -25.29 -21.74
N ASP C 153 69.92 -24.70 -22.26
CA ASP C 153 70.99 -24.17 -21.42
C ASP C 153 70.51 -22.89 -20.73
N SER C 154 70.34 -22.97 -19.39
CA SER C 154 69.63 -21.97 -18.59
C SER C 154 70.31 -20.60 -18.63
N ASP C 155 71.59 -20.59 -19.02
CA ASP C 155 72.40 -19.40 -18.92
C ASP C 155 72.55 -18.73 -20.29
N VAL C 156 71.78 -19.23 -21.28
CA VAL C 156 71.68 -18.63 -22.61
C VAL C 156 70.28 -18.02 -22.77
N TYR C 157 70.13 -17.11 -23.74
CA TYR C 157 68.87 -16.41 -23.92
C TYR C 157 68.48 -16.36 -25.39
N ILE C 158 67.48 -17.17 -25.75
CA ILE C 158 66.95 -17.21 -27.09
C ILE C 158 65.64 -16.45 -27.07
N THR C 159 65.42 -15.65 -28.11
CA THR C 159 64.17 -14.92 -28.28
C THR C 159 63.46 -15.43 -29.53
N ASP C 160 62.14 -15.25 -29.55
CA ASP C 160 61.29 -15.66 -30.66
C ASP C 160 61.64 -14.89 -31.94
N LYS C 161 61.18 -15.43 -33.07
CA LYS C 161 61.34 -14.85 -34.39
C LYS C 161 60.54 -13.56 -34.46
N CYS C 162 61.06 -12.59 -35.23
CA CYS C 162 60.56 -11.24 -35.34
C CYS C 162 60.67 -10.87 -36.82
N VAL C 163 59.56 -10.36 -37.40
CA VAL C 163 59.49 -9.89 -38.78
C VAL C 163 59.75 -8.38 -38.83
N LEU C 164 60.82 -7.97 -39.55
CA LEU C 164 61.07 -6.57 -39.85
C LEU C 164 60.76 -6.30 -41.32
N ASP C 165 60.52 -5.04 -41.69
CA ASP C 165 60.09 -4.71 -43.04
C ASP C 165 60.72 -3.39 -43.50
N MET C 166 61.37 -3.42 -44.67
CA MET C 166 61.96 -2.23 -45.28
C MET C 166 61.06 -1.74 -46.42
N ARG C 167 60.04 -0.94 -46.05
CA ARG C 167 58.91 -0.57 -46.90
C ARG C 167 59.37 0.02 -48.24
N SER C 168 60.58 0.57 -48.26
CA SER C 168 61.08 1.27 -49.43
C SER C 168 61.70 0.28 -50.41
N MET C 169 62.13 -0.88 -49.88
CA MET C 169 62.87 -1.82 -50.70
C MET C 169 62.08 -3.12 -50.87
N ASP C 170 60.78 -3.07 -50.56
CA ASP C 170 59.87 -4.17 -50.85
C ASP C 170 60.43 -5.46 -50.24
N PHE C 171 61.08 -5.36 -49.07
CA PHE C 171 61.83 -6.48 -48.52
C PHE C 171 61.37 -6.74 -47.07
N LYS C 172 61.23 -8.03 -46.73
CA LYS C 172 60.92 -8.49 -45.38
C LYS C 172 61.82 -9.66 -44.97
N SER C 173 62.20 -9.69 -43.69
CA SER C 173 63.01 -10.79 -43.20
C SER C 173 62.67 -11.13 -41.75
N ASN C 174 63.03 -12.36 -41.36
CA ASN C 174 62.84 -12.87 -40.01
C ASN C 174 64.18 -12.92 -39.29
N SER C 175 64.16 -12.75 -37.96
CA SER C 175 65.39 -12.76 -37.18
C SER C 175 65.07 -13.13 -35.73
N ALA C 176 65.92 -13.99 -35.14
CA ALA C 176 65.87 -14.26 -33.72
C ALA C 176 67.21 -13.88 -33.11
N VAL C 177 67.24 -13.66 -31.79
CA VAL C 177 68.48 -13.26 -31.13
C VAL C 177 68.76 -14.23 -30.00
N ALA C 178 70.03 -14.63 -29.91
CA ALA C 178 70.52 -15.42 -28.81
C ALA C 178 71.80 -14.79 -28.27
N TRP C 179 71.99 -14.93 -26.96
CA TRP C 179 73.16 -14.34 -26.34
C TRP C 179 73.42 -15.00 -24.98
N SER C 180 74.70 -15.03 -24.61
CA SER C 180 75.15 -15.58 -23.35
C SER C 180 76.47 -14.92 -23.00
N ASN C 181 76.82 -14.99 -21.71
CA ASN C 181 78.00 -14.34 -21.15
C ASN C 181 79.18 -15.34 -21.12
N PHE C 185 81.94 -19.70 -25.87
CA PHE C 185 80.53 -19.28 -25.99
C PHE C 185 79.79 -20.30 -26.85
N ALA C 186 79.39 -19.91 -28.06
CA ALA C 186 78.83 -20.83 -29.04
C ALA C 186 78.70 -20.13 -30.39
N CYS C 187 77.50 -19.61 -30.68
CA CYS C 187 77.15 -19.00 -31.95
C CYS C 187 77.26 -20.02 -33.09
N ALA C 188 77.50 -21.27 -32.70
CA ALA C 188 77.39 -22.44 -33.55
C ALA C 188 76.52 -23.46 -32.82
N ASN C 189 76.41 -23.30 -31.49
CA ASN C 189 75.74 -24.26 -30.62
C ASN C 189 74.48 -23.63 -30.02
N ALA C 190 74.13 -22.43 -30.49
CA ALA C 190 73.12 -21.63 -29.81
C ALA C 190 71.72 -22.11 -30.18
N PHE C 191 71.53 -22.47 -31.45
CA PHE C 191 70.20 -22.72 -31.98
C PHE C 191 69.97 -24.20 -32.22
N ASN C 192 70.90 -25.05 -31.74
CA ASN C 192 70.87 -26.48 -31.96
C ASN C 192 69.62 -27.07 -31.32
N ASN C 193 69.10 -26.35 -30.32
CA ASN C 193 67.86 -26.69 -29.65
C ASN C 193 66.66 -26.39 -30.55
N SER C 194 66.81 -25.49 -31.53
CA SER C 194 65.75 -25.22 -32.49
C SER C 194 66.02 -26.01 -33.76
N ILE C 195 64.97 -26.36 -34.52
CA ILE C 195 65.17 -27.16 -35.72
C ILE C 195 65.34 -26.28 -36.96
N ILE C 196 66.62 -26.04 -37.28
CA ILE C 196 67.11 -25.08 -38.26
C ILE C 196 67.44 -25.76 -39.59
N PRO C 197 67.19 -25.10 -40.75
CA PRO C 197 67.49 -25.69 -42.05
C PRO C 197 69.00 -25.78 -42.16
N GLU C 198 69.49 -26.83 -42.84
CA GLU C 198 70.89 -26.95 -43.14
C GLU C 198 71.24 -25.93 -44.22
N ASP C 199 71.92 -24.85 -43.82
CA ASP C 199 72.20 -23.68 -44.64
C ASP C 199 72.85 -22.56 -43.82
N THR C 200 73.00 -22.75 -42.50
CA THR C 200 72.90 -21.57 -41.63
C THR C 200 74.12 -21.30 -40.72
N PHE C 201 75.34 -21.26 -41.30
CA PHE C 201 76.53 -20.90 -40.55
C PHE C 201 77.64 -20.47 -41.49
N PHE C 202 78.26 -19.32 -41.17
CA PHE C 202 79.23 -18.69 -42.05
C PHE C 202 80.42 -18.22 -41.21
N GLN D 4 38.49 9.98 -28.45
CA GLN D 4 39.73 9.66 -27.68
C GLN D 4 39.45 9.71 -26.17
N VAL D 5 39.87 8.65 -25.46
CA VAL D 5 39.79 8.53 -24.01
C VAL D 5 41.19 8.74 -23.42
N THR D 6 41.28 9.35 -22.25
CA THR D 6 42.60 9.55 -21.72
C THR D 6 42.72 8.87 -20.38
N GLN D 7 43.85 8.23 -20.19
CA GLN D 7 44.15 7.80 -18.84
C GLN D 7 45.40 8.54 -18.44
N ASN D 8 45.61 8.64 -17.13
CA ASN D 8 46.80 9.22 -16.53
C ASN D 8 46.92 8.74 -15.09
N PRO D 9 48.06 8.18 -14.66
CA PRO D 9 49.20 7.92 -15.57
C PRO D 9 49.23 6.60 -16.36
N ARG D 10 50.10 6.53 -17.38
CA ARG D 10 50.13 5.39 -18.28
C ARG D 10 51.03 4.28 -17.74
N TYR D 11 51.98 4.67 -16.88
CA TYR D 11 52.71 3.75 -16.02
C TYR D 11 52.71 4.30 -14.59
N LEU D 12 53.12 3.44 -13.65
CA LEU D 12 53.13 3.82 -12.25
C LEU D 12 53.55 2.60 -11.45
N ILE D 13 54.52 2.85 -10.56
CA ILE D 13 55.01 1.90 -9.58
C ILE D 13 54.75 2.44 -8.18
N THR D 14 54.36 1.55 -7.27
CA THR D 14 54.16 1.88 -5.87
C THR D 14 54.58 0.68 -5.02
N VAL D 15 55.04 0.96 -3.79
CA VAL D 15 55.21 -0.10 -2.79
C VAL D 15 53.80 -0.43 -2.33
N THR D 16 53.60 -1.54 -1.61
CA THR D 16 52.29 -1.86 -1.06
C THR D 16 51.83 -0.70 -0.16
N GLY D 17 50.51 -0.49 -0.05
CA GLY D 17 49.99 0.33 1.02
C GLY D 17 49.72 1.80 0.69
N LYS D 18 50.40 2.39 -0.30
CA LYS D 18 50.19 3.81 -0.59
C LYS D 18 48.97 4.00 -1.49
N LYS D 19 47.98 4.75 -1.00
CA LYS D 19 46.82 5.14 -1.78
C LYS D 19 47.27 5.82 -3.08
N LEU D 20 46.75 5.33 -4.22
CA LEU D 20 47.01 5.97 -5.51
C LEU D 20 45.73 6.02 -6.32
N THR D 21 45.72 6.83 -7.38
CA THR D 21 44.51 7.08 -8.15
C THR D 21 44.91 7.18 -9.61
N VAL D 22 44.11 6.54 -10.48
CA VAL D 22 44.31 6.61 -11.91
C VAL D 22 43.14 7.42 -12.51
N THR D 23 43.44 8.57 -13.11
CA THR D 23 42.36 9.41 -13.58
C THR D 23 42.17 9.21 -15.08
N CYS D 24 40.88 9.18 -15.46
CA CYS D 24 40.40 8.89 -16.80
C CYS D 24 39.55 10.07 -17.29
N SER D 25 39.64 10.43 -18.57
CA SER D 25 39.00 11.66 -18.97
C SER D 25 38.45 11.59 -20.38
N GLN D 26 37.41 12.39 -20.66
CA GLN D 26 36.85 12.38 -22.01
C GLN D 26 35.97 13.59 -22.24
N ASN D 27 36.23 14.38 -23.29
CA ASN D 27 35.30 15.47 -23.60
C ASN D 27 34.41 15.12 -24.78
N MET D 28 33.96 13.87 -24.84
CA MET D 28 33.13 13.45 -25.95
C MET D 28 31.67 13.57 -25.56
N ASN D 29 31.40 13.84 -24.27
CA ASN D 29 30.03 14.03 -23.82
C ASN D 29 29.30 12.70 -23.64
N HIS D 30 30.08 11.59 -23.48
CA HIS D 30 29.56 10.28 -23.11
C HIS D 30 29.12 10.31 -21.65
N GLU D 31 28.11 9.48 -21.27
CA GLU D 31 27.65 9.47 -19.89
C GLU D 31 28.06 8.19 -19.15
N TYR D 32 28.40 7.14 -19.90
CA TYR D 32 28.79 5.88 -19.28
C TYR D 32 30.31 5.76 -19.25
N MET D 33 30.86 5.47 -18.08
CA MET D 33 32.28 5.20 -18.03
C MET D 33 32.49 4.00 -17.13
N SER D 34 33.43 3.11 -17.50
CA SER D 34 33.79 2.04 -16.59
C SER D 34 35.29 1.76 -16.65
N TRP D 35 35.77 1.01 -15.66
CA TRP D 35 37.18 0.66 -15.53
C TRP D 35 37.26 -0.86 -15.62
N TYR D 36 38.17 -1.40 -16.46
CA TYR D 36 38.46 -2.82 -16.54
C TYR D 36 39.92 -3.08 -16.17
N ARG D 37 40.17 -4.33 -15.72
CA ARG D 37 41.53 -4.80 -15.63
C ARG D 37 41.77 -5.91 -16.65
N GLN D 38 43.03 -6.08 -17.08
CA GLN D 38 43.38 -7.15 -18.01
C GLN D 38 44.58 -7.92 -17.47
N ASP D 39 44.41 -9.22 -17.25
CA ASP D 39 45.40 -10.13 -16.69
C ASP D 39 45.50 -11.39 -17.53
N PRO D 40 46.72 -11.96 -17.77
CA PRO D 40 46.87 -13.11 -18.68
C PRO D 40 45.96 -14.26 -18.30
N GLY D 41 45.15 -14.72 -19.26
CA GLY D 41 44.25 -15.84 -19.12
C GLY D 41 42.88 -15.49 -18.54
N LEU D 42 42.84 -14.47 -17.68
CA LEU D 42 41.58 -14.09 -17.06
C LEU D 42 40.77 -13.21 -18.02
N GLY D 43 41.44 -12.54 -18.96
CA GLY D 43 40.71 -11.79 -19.97
C GLY D 43 40.51 -10.34 -19.55
N LEU D 44 39.26 -9.84 -19.64
CA LEU D 44 38.97 -8.44 -19.36
C LEU D 44 37.85 -8.39 -18.34
N ARG D 45 38.10 -7.86 -17.14
CA ARG D 45 37.13 -7.92 -16.05
C ARG D 45 36.73 -6.53 -15.60
N GLN D 46 35.41 -6.28 -15.46
CA GLN D 46 34.95 -4.95 -15.07
C GLN D 46 35.07 -4.84 -13.55
N ILE D 47 35.33 -3.64 -13.07
CA ILE D 47 35.76 -3.38 -11.70
C ILE D 47 34.66 -2.54 -11.08
N TYR D 48 34.42 -1.37 -11.68
CA TYR D 48 33.32 -0.47 -11.36
C TYR D 48 32.87 0.23 -12.63
N TYR D 49 31.66 0.81 -12.58
CA TYR D 49 31.20 1.62 -13.69
C TYR D 49 30.27 2.69 -13.18
N SER D 50 29.82 3.53 -14.11
CA SER D 50 28.95 4.63 -13.80
C SER D 50 28.13 5.00 -15.02
N MET D 51 26.82 4.83 -14.89
CA MET D 51 25.96 5.08 -16.03
C MET D 51 25.82 6.57 -16.34
N ASN D 52 26.28 7.45 -15.44
CA ASN D 52 26.08 8.89 -15.50
C ASN D 52 26.59 9.57 -14.23
N VAL D 53 26.51 10.90 -14.21
CA VAL D 53 26.99 11.76 -13.13
C VAL D 53 26.32 11.35 -11.81
N GLU D 54 27.12 11.32 -10.75
CA GLU D 54 26.71 10.93 -9.41
C GLU D 54 26.23 9.48 -9.36
N VAL D 55 26.33 8.78 -10.49
CA VAL D 55 25.85 7.40 -10.55
C VAL D 55 27.03 6.42 -10.69
N THR D 56 27.16 5.48 -9.74
CA THR D 56 28.28 4.53 -9.74
C THR D 56 27.83 3.17 -9.19
N ASP D 57 28.52 2.09 -9.57
CA ASP D 57 28.08 0.75 -9.22
C ASP D 57 29.23 -0.24 -9.39
N LYS D 58 29.27 -1.28 -8.55
CA LYS D 58 30.30 -2.31 -8.58
C LYS D 58 30.29 -3.14 -9.86
N GLY D 59 31.40 -3.75 -10.20
CA GLY D 59 31.49 -4.63 -11.36
C GLY D 59 31.81 -6.03 -10.88
N ASP D 60 32.21 -6.92 -11.80
CA ASP D 60 32.61 -8.26 -11.42
C ASP D 60 33.65 -8.22 -10.29
N VAL D 61 34.68 -7.37 -10.42
CA VAL D 61 35.77 -7.41 -9.45
C VAL D 61 35.96 -6.06 -8.72
N PRO D 62 35.06 -5.65 -7.79
CA PRO D 62 35.18 -4.35 -7.15
C PRO D 62 36.05 -4.28 -5.90
N GLU D 63 36.28 -5.44 -5.28
CA GLU D 63 36.87 -5.50 -3.96
C GLU D 63 38.29 -4.97 -4.00
N GLY D 64 38.56 -3.92 -3.21
CA GLY D 64 39.87 -3.31 -3.08
C GLY D 64 40.01 -2.02 -3.87
N TYR D 65 38.94 -1.67 -4.60
CA TYR D 65 38.90 -0.50 -5.47
C TYR D 65 37.66 0.33 -5.17
N LYS D 66 37.78 1.66 -5.35
CA LYS D 66 36.65 2.57 -5.25
C LYS D 66 36.77 3.68 -6.29
N VAL D 67 35.64 4.28 -6.64
CA VAL D 67 35.56 5.33 -7.66
C VAL D 67 34.68 6.48 -7.18
N SER D 68 34.42 7.44 -8.09
CA SER D 68 33.55 8.60 -7.92
C SER D 68 33.12 9.07 -9.31
N ARG D 69 32.04 9.86 -9.40
CA ARG D 69 31.65 10.42 -10.68
C ARG D 69 31.03 11.78 -10.42
N LYS D 70 31.87 12.66 -9.89
CA LYS D 70 31.51 14.00 -9.45
C LYS D 70 31.32 14.91 -10.65
N GLU D 71 32.10 14.66 -11.72
CA GLU D 71 32.03 15.40 -12.97
C GLU D 71 31.81 14.37 -14.07
N LYS D 72 31.18 14.79 -15.18
CA LYS D 72 30.80 13.87 -16.23
C LYS D 72 32.04 13.34 -16.95
N ARG D 73 33.04 14.20 -17.11
CA ARG D 73 34.12 13.92 -18.04
C ARG D 73 35.26 13.16 -17.36
N ASN D 74 35.15 12.87 -16.05
CA ASN D 74 36.21 12.11 -15.39
C ASN D 74 35.64 10.98 -14.53
N PHE D 75 36.31 9.83 -14.61
CA PHE D 75 35.93 8.67 -13.83
C PHE D 75 37.19 8.11 -13.17
N PRO D 76 37.63 8.69 -12.04
CA PRO D 76 38.79 8.17 -11.31
C PRO D 76 38.65 6.79 -10.65
N LEU D 77 39.73 5.98 -10.75
CA LEU D 77 39.89 4.68 -10.11
C LEU D 77 40.81 4.85 -8.90
N ILE D 78 40.34 4.47 -7.70
CA ILE D 78 41.05 4.79 -6.46
C ILE D 78 41.33 3.53 -5.66
N LEU D 79 42.61 3.27 -5.37
CA LEU D 79 43.02 2.12 -4.56
C LEU D 79 43.45 2.60 -3.18
N GLU D 80 42.61 2.45 -2.14
CA GLU D 80 42.97 2.92 -0.80
C GLU D 80 44.28 2.28 -0.35
N SER D 81 44.31 0.95 -0.29
CA SER D 81 45.50 0.23 0.11
C SER D 81 45.88 -0.80 -0.96
N PRO D 82 46.80 -0.47 -1.90
CA PRO D 82 47.29 -1.44 -2.88
C PRO D 82 47.71 -2.76 -2.26
N SER D 83 47.43 -3.85 -2.98
CA SER D 83 47.87 -5.22 -2.73
C SER D 83 48.87 -5.56 -3.83
N PRO D 84 49.87 -6.43 -3.59
CA PRO D 84 50.67 -6.96 -4.68
C PRO D 84 49.83 -7.32 -5.91
N ASN D 85 48.81 -8.18 -5.72
CA ASN D 85 48.12 -8.81 -6.84
C ASN D 85 47.09 -7.86 -7.47
N GLN D 86 47.23 -6.57 -7.22
CA GLN D 86 46.49 -5.59 -7.99
C GLN D 86 47.31 -5.15 -9.19
N THR D 87 48.46 -5.82 -9.38
CA THR D 87 49.32 -5.50 -10.49
C THR D 87 48.63 -5.95 -11.77
N SER D 88 48.26 -4.99 -12.64
CA SER D 88 47.51 -5.31 -13.85
C SER D 88 47.59 -4.20 -14.91
N LEU D 89 47.05 -4.50 -16.08
CA LEU D 89 46.78 -3.47 -17.07
C LEU D 89 45.36 -2.96 -16.85
N TYR D 90 45.22 -1.65 -16.61
CA TYR D 90 43.93 -1.08 -16.29
C TYR D 90 43.44 -0.17 -17.42
N PHE D 91 42.27 -0.51 -17.99
CA PHE D 91 41.67 0.27 -19.05
C PHE D 91 40.36 0.86 -18.58
N CYS D 92 40.20 2.14 -18.89
CA CYS D 92 38.99 2.92 -18.76
C CYS D 92 38.25 2.91 -20.08
N ALA D 93 36.95 2.70 -20.06
CA ALA D 93 36.20 2.73 -21.31
C ALA D 93 35.01 3.67 -21.14
N SER D 94 34.66 4.43 -22.21
CA SER D 94 33.49 5.28 -22.15
C SER D 94 32.40 4.87 -23.14
N SER D 95 31.14 5.15 -22.79
CA SER D 95 30.05 4.88 -23.71
C SER D 95 29.00 5.99 -23.66
N ILE D 96 28.60 6.38 -24.87
CA ILE D 96 27.75 7.53 -25.08
C ILE D 96 26.51 7.39 -24.22
N GLN D 97 25.97 6.16 -24.08
CA GLN D 97 24.77 6.01 -23.25
C GLN D 97 24.59 4.57 -22.80
N GLN D 98 24.47 4.41 -21.47
CA GLN D 98 24.04 3.24 -20.70
C GLN D 98 25.11 2.16 -20.62
N GLY D 99 26.18 2.29 -21.40
CA GLY D 99 27.01 1.11 -21.66
C GLY D 99 26.66 0.42 -22.98
N ALA D 100 25.63 0.93 -23.66
CA ALA D 100 25.09 0.28 -24.84
C ALA D 100 26.02 0.50 -26.01
N ASP D 101 25.66 -0.08 -27.17
CA ASP D 101 26.46 -0.04 -28.38
C ASP D 101 27.94 -0.16 -28.03
N THR D 102 28.77 0.58 -28.77
CA THR D 102 30.21 0.47 -28.70
C THR D 102 30.73 1.12 -27.42
N GLN D 103 31.90 0.64 -26.95
CA GLN D 103 32.58 1.18 -25.79
C GLN D 103 34.01 1.53 -26.19
N TYR D 104 34.40 2.79 -25.98
CA TYR D 104 35.67 3.32 -26.46
C TYR D 104 36.69 3.14 -25.36
N PHE D 105 37.86 2.56 -25.69
CA PHE D 105 38.84 2.26 -24.65
C PHE D 105 39.97 3.29 -24.54
N GLY D 106 40.44 3.44 -23.30
CA GLY D 106 41.64 4.19 -22.96
C GLY D 106 42.89 3.53 -23.52
N PRO D 107 44.05 4.22 -23.51
CA PRO D 107 45.28 3.64 -24.04
C PRO D 107 45.94 2.70 -23.03
N GLY D 108 45.36 2.59 -21.84
CA GLY D 108 45.85 1.68 -20.80
C GLY D 108 46.82 2.31 -19.80
N THR D 109 46.67 1.90 -18.53
CA THR D 109 47.54 2.24 -17.42
C THR D 109 48.21 0.97 -16.94
N ARG D 110 49.55 0.92 -17.01
CA ARG D 110 50.20 -0.30 -16.54
C ARG D 110 50.57 -0.09 -15.07
N LEU D 111 50.29 -1.08 -14.20
CA LEU D 111 50.50 -0.86 -12.77
C LEU D 111 51.21 -2.03 -12.09
N THR D 112 52.28 -1.71 -11.33
CA THR D 112 52.98 -2.72 -10.56
C THR D 112 53.05 -2.29 -9.09
N VAL D 113 52.57 -3.17 -8.19
CA VAL D 113 52.56 -2.94 -6.75
C VAL D 113 53.50 -3.94 -6.05
N LEU D 114 54.62 -3.42 -5.51
CA LEU D 114 55.71 -4.28 -5.09
C LEU D 114 55.70 -4.52 -3.58
N GLU D 115 56.27 -5.66 -3.18
CA GLU D 115 56.52 -5.98 -1.77
C GLU D 115 57.29 -4.83 -1.13
N ASP D 116 58.51 -4.56 -1.64
CA ASP D 116 59.23 -3.32 -1.38
C ASP D 116 60.07 -2.96 -2.60
N LEU D 117 60.46 -1.69 -2.70
CA LEU D 117 60.97 -1.16 -3.97
C LEU D 117 62.44 -1.52 -4.21
N LYS D 118 62.99 -2.47 -3.43
CA LYS D 118 64.33 -3.05 -3.63
C LYS D 118 64.55 -3.47 -5.08
N ASN D 119 63.45 -3.86 -5.76
CA ASN D 119 63.47 -4.75 -6.92
C ASN D 119 63.45 -3.98 -8.24
N VAL D 120 63.37 -2.64 -8.16
CA VAL D 120 63.24 -1.79 -9.34
C VAL D 120 64.63 -1.47 -9.87
N PHE D 121 64.97 -1.96 -11.07
CA PHE D 121 66.28 -1.71 -11.65
C PHE D 121 66.09 -1.00 -12.99
N PRO D 122 66.83 0.10 -13.28
CA PRO D 122 66.80 0.70 -14.62
C PRO D 122 67.39 -0.28 -15.63
N PRO D 123 67.01 -0.21 -16.92
CA PRO D 123 67.64 -1.04 -17.95
C PRO D 123 69.05 -0.55 -18.27
N GLU D 124 69.91 -1.48 -18.67
CA GLU D 124 71.17 -1.17 -19.34
C GLU D 124 70.93 -1.37 -20.83
N VAL D 125 71.65 -0.62 -21.66
CA VAL D 125 71.42 -0.67 -23.10
C VAL D 125 72.78 -0.93 -23.76
N ALA D 126 72.76 -1.64 -24.89
CA ALA D 126 73.97 -2.07 -25.59
C ALA D 126 73.59 -2.32 -27.04
N VAL D 127 74.20 -1.59 -27.97
CA VAL D 127 73.98 -1.91 -29.36
C VAL D 127 75.11 -2.83 -29.79
N PHE D 128 74.83 -3.63 -30.82
CA PHE D 128 75.77 -4.56 -31.41
C PHE D 128 75.75 -4.29 -32.91
N GLU D 129 76.94 -4.32 -33.52
CA GLU D 129 77.14 -3.73 -34.83
C GLU D 129 77.11 -4.84 -35.87
N PRO D 130 76.63 -4.56 -37.12
CA PRO D 130 76.56 -5.55 -38.19
C PRO D 130 77.72 -6.53 -38.33
N SER D 131 77.41 -7.71 -38.88
CA SER D 131 78.38 -8.76 -39.13
C SER D 131 79.01 -8.52 -40.50
N GLU D 132 80.34 -8.68 -40.55
CA GLU D 132 81.06 -8.67 -41.81
C GLU D 132 80.32 -9.55 -42.81
N ALA D 133 80.10 -10.82 -42.44
CA ALA D 133 79.56 -11.84 -43.33
C ALA D 133 78.16 -11.47 -43.81
N GLU D 134 77.41 -10.74 -42.96
CA GLU D 134 76.02 -10.37 -43.20
C GLU D 134 75.94 -9.40 -44.38
N ILE D 135 76.86 -8.42 -44.37
CA ILE D 135 77.00 -7.46 -45.44
C ILE D 135 77.35 -8.24 -46.71
N SER D 136 78.43 -9.02 -46.63
CA SER D 136 79.06 -9.54 -47.82
C SER D 136 78.10 -10.44 -48.59
N HIS D 137 77.19 -11.10 -47.86
CA HIS D 137 76.35 -12.17 -48.38
C HIS D 137 75.07 -11.63 -49.00
N THR D 138 74.39 -10.72 -48.27
CA THR D 138 73.02 -10.30 -48.53
C THR D 138 72.92 -8.82 -48.89
N GLN D 139 74.01 -8.08 -48.63
CA GLN D 139 74.12 -6.67 -48.97
C GLN D 139 73.09 -5.83 -48.20
N LYS D 140 72.94 -6.18 -46.92
CA LYS D 140 72.11 -5.47 -45.95
C LYS D 140 72.86 -5.46 -44.62
N ALA D 141 72.36 -4.67 -43.65
CA ALA D 141 73.06 -4.43 -42.39
C ALA D 141 72.07 -4.38 -41.23
N THR D 142 72.16 -5.36 -40.33
CA THR D 142 71.28 -5.49 -39.18
C THR D 142 72.04 -5.09 -37.92
N LEU D 143 71.49 -4.07 -37.22
CA LEU D 143 71.89 -3.70 -35.88
C LEU D 143 70.95 -4.37 -34.87
N VAL D 144 71.52 -4.80 -33.74
CA VAL D 144 70.76 -5.34 -32.63
C VAL D 144 70.96 -4.44 -31.40
N CYS D 145 69.86 -3.96 -30.83
CA CYS D 145 69.94 -3.28 -29.55
C CYS D 145 69.50 -4.24 -28.45
N LEU D 146 70.01 -4.09 -27.23
CA LEU D 146 69.68 -5.02 -26.17
C LEU D 146 69.45 -4.32 -24.82
N ALA D 147 68.20 -4.25 -24.41
CA ALA D 147 67.86 -3.83 -23.06
C ALA D 147 68.08 -5.00 -22.11
N THR D 148 68.66 -4.75 -20.93
CA THR D 148 68.88 -5.86 -20.02
C THR D 148 68.76 -5.40 -18.58
N GLY D 149 68.29 -6.31 -17.71
CA GLY D 149 68.45 -6.22 -16.26
C GLY D 149 67.45 -5.27 -15.63
N PHE D 150 66.28 -5.12 -16.28
CA PHE D 150 65.30 -4.14 -15.86
C PHE D 150 64.14 -4.78 -15.08
N TYR D 151 63.49 -3.96 -14.26
CA TYR D 151 62.29 -4.32 -13.54
C TYR D 151 61.56 -3.02 -13.21
N PRO D 152 60.22 -2.97 -13.35
CA PRO D 152 59.48 -3.99 -14.10
C PRO D 152 59.57 -3.65 -15.58
N ASP D 153 58.90 -4.41 -16.45
CA ASP D 153 58.97 -4.13 -17.89
C ASP D 153 58.12 -2.91 -18.24
N HIS D 154 58.45 -1.76 -17.64
CA HIS D 154 57.89 -0.48 -18.03
C HIS D 154 58.83 0.25 -19.00
N VAL D 155 59.12 -0.37 -20.16
CA VAL D 155 60.14 0.08 -21.09
C VAL D 155 59.54 0.35 -22.46
N GLU D 156 60.12 1.30 -23.21
CA GLU D 156 59.73 1.57 -24.59
C GLU D 156 60.99 1.77 -25.42
N LEU D 157 61.23 0.84 -26.35
CA LEU D 157 62.39 0.92 -27.21
C LEU D 157 62.07 1.71 -28.46
N SER D 158 63.08 2.35 -29.04
CA SER D 158 62.92 3.17 -30.22
C SER D 158 64.28 3.26 -30.90
N TRP D 159 64.28 3.54 -32.21
CA TRP D 159 65.51 3.67 -32.99
C TRP D 159 65.53 5.05 -33.62
N TRP D 160 66.70 5.72 -33.51
CA TRP D 160 66.89 7.08 -34.00
C TRP D 160 68.10 7.10 -34.93
N VAL D 161 67.86 7.64 -36.12
CA VAL D 161 68.85 7.70 -37.19
C VAL D 161 69.08 9.17 -37.59
N ASN D 162 70.25 9.69 -37.18
CA ASN D 162 70.63 11.10 -37.29
C ASN D 162 69.57 11.99 -36.63
N GLY D 163 69.47 11.85 -35.29
CA GLY D 163 68.72 12.77 -34.45
C GLY D 163 67.22 12.55 -34.55
N LYS D 164 66.74 12.03 -35.68
CA LYS D 164 65.32 11.86 -35.93
C LYS D 164 64.94 10.38 -35.80
N GLU D 165 63.65 10.11 -35.55
CA GLU D 165 63.15 8.75 -35.41
C GLU D 165 62.90 8.10 -36.77
N VAL D 166 62.74 6.78 -36.77
CA VAL D 166 62.71 5.95 -37.99
C VAL D 166 62.09 4.60 -37.62
N HIS D 167 61.14 4.16 -38.45
CA HIS D 167 60.28 3.03 -38.14
C HIS D 167 60.54 1.84 -39.04
N SER D 168 60.78 2.09 -40.34
CA SER D 168 61.21 1.08 -41.30
C SER D 168 62.35 0.24 -40.74
N GLY D 169 62.45 -1.00 -41.24
CA GLY D 169 63.49 -1.96 -40.90
C GLY D 169 63.64 -2.21 -39.39
N VAL D 170 62.62 -1.86 -38.58
CA VAL D 170 62.71 -2.10 -37.15
C VAL D 170 61.76 -3.22 -36.70
N CYS D 171 62.29 -4.16 -35.89
CA CYS D 171 61.54 -5.15 -35.14
C CYS D 171 62.05 -5.19 -33.70
N THR D 172 61.11 -5.05 -32.76
CA THR D 172 61.32 -5.29 -31.34
C THR D 172 60.46 -6.49 -30.96
N ASP D 173 61.03 -7.38 -30.14
CA ASP D 173 60.35 -8.55 -29.60
C ASP D 173 59.06 -8.07 -28.94
N PRO D 174 57.89 -8.67 -29.26
CA PRO D 174 56.62 -8.26 -28.66
C PRO D 174 56.62 -8.35 -27.13
N GLN D 175 57.39 -9.31 -26.58
CA GLN D 175 57.37 -9.56 -25.15
C GLN D 175 58.80 -9.59 -24.62
N PRO D 176 59.04 -9.14 -23.37
CA PRO D 176 60.35 -9.29 -22.72
C PRO D 176 60.72 -10.75 -22.48
N LEU D 177 61.78 -11.00 -21.72
CA LEU D 177 62.43 -12.31 -21.74
C LEU D 177 63.15 -12.56 -20.41
N LYS D 178 62.39 -13.01 -19.40
CA LYS D 178 62.81 -13.16 -18.01
C LYS D 178 64.20 -13.79 -17.87
N GLU D 179 65.11 -13.07 -17.22
CA GLU D 179 66.51 -13.45 -17.16
C GLU D 179 66.72 -14.65 -16.23
N GLN D 180 65.90 -14.74 -15.20
CA GLN D 180 65.94 -15.85 -14.27
C GLN D 180 64.50 -16.27 -13.96
N PRO D 181 63.89 -17.16 -14.78
CA PRO D 181 62.44 -17.35 -14.77
C PRO D 181 61.92 -18.03 -13.49
N ALA D 182 62.85 -18.56 -12.69
CA ALA D 182 62.56 -19.37 -11.50
C ALA D 182 62.08 -18.50 -10.34
N LEU D 183 62.25 -17.18 -10.50
CA LEU D 183 61.85 -16.23 -9.47
C LEU D 183 60.73 -15.35 -10.03
N ASN D 184 60.01 -14.65 -9.14
CA ASN D 184 59.05 -13.64 -9.55
C ASN D 184 59.57 -12.25 -9.17
N ASP D 185 60.73 -12.22 -8.51
CA ASP D 185 61.47 -10.99 -8.28
C ASP D 185 62.59 -10.90 -9.32
N SER D 186 62.21 -11.15 -10.58
CA SER D 186 63.14 -11.44 -11.66
C SER D 186 63.21 -10.28 -12.64
N ARG D 187 64.45 -9.88 -12.98
CA ARG D 187 64.70 -8.80 -13.92
C ARG D 187 64.53 -9.33 -15.35
N TYR D 188 64.40 -8.41 -16.31
CA TYR D 188 63.96 -8.76 -17.66
C TYR D 188 64.98 -8.29 -18.69
N ALA D 189 64.94 -8.93 -19.86
CA ALA D 189 65.78 -8.61 -21.00
C ALA D 189 64.89 -8.49 -22.24
N LEU D 190 65.27 -7.61 -23.18
CA LEU D 190 64.45 -7.39 -24.35
C LEU D 190 65.31 -6.85 -25.49
N SER D 191 65.19 -7.45 -26.67
CA SER D 191 66.05 -7.12 -27.80
C SER D 191 65.26 -6.40 -28.87
N SER D 192 65.97 -5.74 -29.80
CA SER D 192 65.39 -5.17 -31.01
C SER D 192 66.31 -5.32 -32.22
N ARG D 193 65.81 -4.93 -33.41
CA ARG D 193 66.60 -5.00 -34.64
C ARG D 193 66.29 -3.79 -35.54
N LEU D 194 67.34 -3.10 -36.00
CA LEU D 194 67.22 -2.19 -37.12
C LEU D 194 68.03 -2.73 -38.30
N ARG D 195 67.58 -2.39 -39.52
CA ARG D 195 68.24 -2.88 -40.72
C ARG D 195 68.10 -1.87 -41.86
N VAL D 196 69.24 -1.65 -42.52
CA VAL D 196 69.43 -0.69 -43.59
C VAL D 196 70.25 -1.38 -44.67
N SER D 197 70.32 -0.76 -45.86
CA SER D 197 71.18 -1.23 -46.94
C SER D 197 72.65 -1.19 -46.51
N ALA D 198 73.49 -1.98 -47.18
CA ALA D 198 74.91 -2.02 -46.85
C ALA D 198 75.49 -0.62 -46.93
N THR D 199 75.38 0.00 -48.12
CA THR D 199 76.06 1.24 -48.47
C THR D 199 75.75 2.32 -47.42
N PHE D 200 74.50 2.37 -46.95
CA PHE D 200 74.04 3.37 -45.99
C PHE D 200 74.75 3.15 -44.66
N TRP D 201 74.93 1.88 -44.27
CA TRP D 201 75.58 1.58 -43.01
C TRP D 201 77.07 1.87 -43.13
N GLN D 202 77.61 1.63 -44.34
CA GLN D 202 79.03 1.75 -44.60
C GLN D 202 79.42 3.22 -44.80
N ASN D 203 78.44 4.11 -44.61
CA ASN D 203 78.64 5.54 -44.62
C ASN D 203 78.85 6.02 -43.18
N PRO D 204 80.13 6.21 -42.73
CA PRO D 204 80.42 6.59 -41.35
C PRO D 204 79.86 7.93 -40.88
N ARG D 205 79.25 8.70 -41.78
CA ARG D 205 78.64 9.95 -41.39
C ARG D 205 77.18 9.74 -41.00
N ASN D 206 76.82 8.46 -40.77
CA ASN D 206 75.48 8.06 -40.36
C ASN D 206 75.53 7.58 -38.91
N HIS D 207 74.65 8.16 -38.09
CA HIS D 207 74.55 7.92 -36.66
C HIS D 207 73.33 7.06 -36.33
N PHE D 208 73.63 5.89 -35.78
CA PHE D 208 72.62 4.93 -35.41
C PHE D 208 72.57 4.88 -33.88
N ARG D 209 71.38 5.19 -33.35
CA ARG D 209 71.19 5.22 -31.90
C ARG D 209 69.90 4.52 -31.51
N CYS D 210 70.02 3.65 -30.50
CA CYS D 210 68.91 2.92 -29.91
C CYS D 210 68.60 3.51 -28.54
N GLN D 211 67.31 3.77 -28.29
CA GLN D 211 66.87 4.52 -27.13
C GLN D 211 65.82 3.71 -26.38
N VAL D 212 66.03 3.55 -25.06
CA VAL D 212 65.17 2.75 -24.20
C VAL D 212 64.63 3.63 -23.07
N GLN D 213 63.34 3.96 -23.13
CA GLN D 213 62.67 4.84 -22.18
C GLN D 213 62.11 4.00 -21.03
N PHE D 214 62.57 4.28 -19.81
CA PHE D 214 62.08 3.48 -18.68
C PHE D 214 61.15 4.29 -17.77
N TYR D 215 60.00 3.70 -17.45
CA TYR D 215 59.06 4.32 -16.54
C TYR D 215 59.21 3.68 -15.16
N GLY D 216 59.98 4.33 -14.29
CA GLY D 216 60.19 3.84 -12.94
C GLY D 216 59.68 4.82 -11.89
N LEU D 217 60.38 4.93 -10.76
CA LEU D 217 59.93 5.74 -9.64
C LEU D 217 59.88 7.23 -10.00
N SER D 218 59.04 7.97 -9.27
CA SER D 218 58.99 9.41 -9.37
C SER D 218 59.73 9.94 -8.15
N GLU D 219 60.12 11.23 -8.16
CA GLU D 219 60.79 11.83 -7.02
C GLU D 219 59.79 12.02 -5.86
N ASN D 220 58.67 11.27 -5.94
CA ASN D 220 57.60 11.24 -4.95
C ASN D 220 57.53 9.88 -4.26
N ASP D 221 58.67 9.15 -4.27
CA ASP D 221 58.76 7.78 -3.80
C ASP D 221 60.05 7.58 -2.99
N GLU D 222 59.91 6.92 -1.83
CA GLU D 222 60.91 6.90 -0.77
C GLU D 222 62.04 5.91 -1.09
N TRP D 223 63.27 6.42 -1.11
CA TRP D 223 64.45 5.62 -1.42
C TRP D 223 65.36 5.57 -0.20
N THR D 224 65.87 4.37 0.16
CA THR D 224 66.85 4.23 1.24
C THR D 224 67.89 3.15 0.93
N GLN D 225 68.26 2.98 -0.33
CA GLN D 225 69.32 2.03 -0.66
C GLN D 225 70.57 2.82 -1.03
N ASP D 226 71.72 2.14 -1.02
CA ASP D 226 73.00 2.76 -1.30
C ASP D 226 72.98 3.36 -2.71
N ARG D 227 72.31 2.69 -3.64
CA ARG D 227 72.47 3.02 -5.04
C ARG D 227 71.49 4.12 -5.44
N ALA D 228 71.68 4.66 -6.65
CA ALA D 228 70.86 5.73 -7.20
C ALA D 228 69.43 5.23 -7.36
N LYS D 229 68.47 6.05 -6.90
CA LYS D 229 67.04 5.79 -7.06
C LYS D 229 66.75 5.50 -8.53
N PRO D 230 66.06 4.37 -8.83
CA PRO D 230 65.71 3.99 -10.21
C PRO D 230 64.48 4.79 -10.65
N VAL D 231 64.71 6.09 -10.77
CA VAL D 231 63.70 7.02 -11.22
C VAL D 231 63.45 6.74 -12.70
N THR D 232 62.33 7.25 -13.21
CA THR D 232 62.06 7.25 -14.63
C THR D 232 63.24 7.91 -15.35
N GLN D 233 63.70 7.30 -16.45
CA GLN D 233 64.88 7.80 -17.14
C GLN D 233 65.05 7.12 -18.48
N ILE D 234 65.80 7.78 -19.37
CA ILE D 234 66.15 7.22 -20.67
C ILE D 234 67.59 6.67 -20.58
N VAL D 235 67.81 5.52 -21.21
CA VAL D 235 69.15 4.93 -21.28
C VAL D 235 69.41 4.61 -22.74
N SER D 236 70.62 4.92 -23.22
CA SER D 236 70.90 4.82 -24.65
C SER D 236 72.16 4.01 -24.91
N ALA D 237 72.44 3.85 -26.20
CA ALA D 237 73.65 3.23 -26.69
C ALA D 237 73.73 3.57 -28.17
N GLU D 238 74.98 3.78 -28.63
CA GLU D 238 75.27 4.47 -29.87
C GLU D 238 76.27 3.68 -30.69
N ALA D 239 76.18 3.83 -32.01
CA ALA D 239 77.12 3.23 -32.95
C ALA D 239 77.19 4.11 -34.21
N TRP D 240 78.39 4.16 -34.81
CA TRP D 240 78.65 4.94 -36.02
C TRP D 240 78.97 3.98 -37.15
N GLY D 241 78.43 4.27 -38.33
CA GLY D 241 78.58 3.41 -39.49
C GLY D 241 80.05 3.20 -39.91
N ARG D 242 80.45 1.93 -40.04
CA ARG D 242 81.82 1.61 -40.41
C ARG D 242 81.89 1.35 -41.91
N ALA D 243 82.78 2.10 -42.60
CA ALA D 243 82.99 1.95 -44.03
C ALA D 243 83.84 0.70 -44.31
N SER E 3 10.12 15.89 20.23
CA SER E 3 9.22 14.68 20.16
C SER E 3 8.72 14.29 21.54
N HIS E 4 7.41 14.05 21.63
CA HIS E 4 6.77 13.57 22.84
C HIS E 4 5.69 12.56 22.50
N SER E 5 5.30 11.74 23.49
CA SER E 5 4.15 10.84 23.35
C SER E 5 3.52 10.56 24.71
N MET E 6 2.20 10.29 24.67
CA MET E 6 1.42 9.84 25.82
C MET E 6 0.93 8.42 25.54
N ARG E 7 1.16 7.51 26.50
CA ARG E 7 0.83 6.12 26.30
C ARG E 7 0.11 5.58 27.53
N TYR E 8 -0.87 4.69 27.28
CA TYR E 8 -1.59 3.97 28.33
C TYR E 8 -1.29 2.46 28.22
N PHE E 9 -0.91 1.89 29.37
CA PHE E 9 -0.70 0.47 29.58
C PHE E 9 -1.75 -0.04 30.55
N PHE E 10 -2.25 -1.26 30.27
CA PHE E 10 -3.34 -1.87 31.00
C PHE E 10 -3.20 -3.39 30.90
N THR E 11 -3.26 -4.06 32.05
CA THR E 11 -3.00 -5.48 32.20
C THR E 11 -4.08 -6.05 33.12
N SER E 12 -4.73 -7.15 32.71
CA SER E 12 -5.55 -7.94 33.61
C SER E 12 -5.02 -9.36 33.67
N VAL E 13 -4.82 -9.85 34.90
CA VAL E 13 -4.41 -11.22 35.17
C VAL E 13 -5.56 -11.86 35.91
N SER E 14 -5.92 -13.09 35.57
CA SER E 14 -7.00 -13.76 36.28
C SER E 14 -6.50 -14.47 37.55
N ARG E 15 -7.44 -14.94 38.38
CA ARG E 15 -7.15 -15.66 39.62
C ARG E 15 -8.23 -16.70 39.89
N PRO E 16 -8.23 -17.84 39.16
CA PRO E 16 -9.33 -18.81 39.26
C PRO E 16 -9.52 -19.26 40.69
N GLY E 17 -10.70 -18.99 41.26
CA GLY E 17 -11.01 -19.35 42.64
C GLY E 17 -10.79 -18.20 43.64
N ARG E 18 -9.72 -17.44 43.45
CA ARG E 18 -9.37 -16.36 44.37
C ARG E 18 -9.84 -15.00 43.82
N GLY E 19 -11.08 -14.93 43.31
CA GLY E 19 -11.75 -13.65 43.17
C GLY E 19 -11.73 -13.06 41.76
N GLU E 20 -11.94 -11.75 41.64
CA GLU E 20 -11.98 -11.04 40.37
C GLU E 20 -10.55 -10.92 39.84
N PRO E 21 -10.33 -10.89 38.50
CA PRO E 21 -9.03 -10.52 37.95
C PRO E 21 -8.38 -9.33 38.66
N ARG E 22 -7.05 -9.38 38.70
CA ARG E 22 -6.24 -8.26 39.15
C ARG E 22 -6.06 -7.31 37.98
N PHE E 23 -6.28 -6.01 38.20
CA PHE E 23 -6.27 -5.11 37.07
C PHE E 23 -5.44 -3.88 37.39
N ILE E 24 -4.39 -3.63 36.60
CA ILE E 24 -3.53 -2.47 36.78
C ILE E 24 -3.57 -1.64 35.49
N ALA E 25 -3.69 -0.32 35.63
CA ALA E 25 -3.64 0.57 34.49
C ALA E 25 -2.57 1.62 34.78
N VAL E 26 -1.92 2.19 33.74
CA VAL E 26 -0.89 3.19 33.98
C VAL E 26 -0.76 4.12 32.76
N GLY E 27 -0.83 5.43 33.01
CA GLY E 27 -0.60 6.41 31.95
C GLY E 27 0.80 7.02 32.06
N TYR E 28 1.43 7.23 30.89
CA TYR E 28 2.72 7.88 30.83
C TYR E 28 2.67 9.04 29.84
N VAL E 29 3.27 10.17 30.23
CA VAL E 29 3.75 11.16 29.27
C VAL E 29 5.25 10.99 29.08
N ASP E 30 5.64 10.80 27.81
CA ASP E 30 6.95 10.28 27.43
C ASP E 30 7.30 9.10 28.33
N ASP E 31 8.42 9.20 29.05
CA ASP E 31 8.87 8.11 29.90
C ASP E 31 8.58 8.46 31.35
N THR E 32 7.61 9.37 31.54
CA THR E 32 7.15 9.77 32.86
C THR E 32 5.72 9.29 33.09
N GLN E 33 5.46 8.64 34.23
CA GLN E 33 4.16 8.13 34.64
C GLN E 33 3.39 9.22 35.37
N PHE E 34 2.15 9.48 34.94
CA PHE E 34 1.40 10.61 35.50
C PHE E 34 0.18 10.18 36.31
N VAL E 35 -0.51 9.11 35.87
CA VAL E 35 -1.67 8.61 36.59
C VAL E 35 -1.64 7.08 36.56
N ARG E 36 -2.26 6.46 37.56
CA ARG E 36 -2.28 5.02 37.67
C ARG E 36 -3.65 4.61 38.21
N PHE E 37 -3.81 3.30 38.51
CA PHE E 37 -5.02 2.66 39.01
C PHE E 37 -4.73 1.19 39.29
N ASP E 38 -5.26 0.67 40.41
CA ASP E 38 -5.02 -0.73 40.77
C ASP E 38 -6.27 -1.34 41.41
N SER E 39 -6.83 -2.37 40.76
CA SER E 39 -8.01 -3.09 41.24
C SER E 39 -7.92 -3.38 42.73
N ASP E 40 -6.71 -3.64 43.20
CA ASP E 40 -6.48 -4.16 44.54
C ASP E 40 -6.22 -3.06 45.55
N ALA E 41 -6.01 -1.81 45.08
CA ALA E 41 -5.80 -0.66 45.94
C ALA E 41 -7.14 -0.26 46.55
N ALA E 42 -7.08 0.54 47.62
CA ALA E 42 -8.21 0.85 48.49
C ALA E 42 -9.21 1.79 47.84
N SER E 43 -8.70 2.93 47.30
CA SER E 43 -9.47 4.10 46.90
C SER E 43 -10.41 3.81 45.72
N GLN E 44 -9.96 2.96 44.79
CA GLN E 44 -10.76 2.55 43.66
C GLN E 44 -10.96 3.74 42.71
N ARG E 45 -10.10 4.75 42.84
CA ARG E 45 -10.14 5.88 41.94
C ARG E 45 -8.92 5.82 41.03
N MET E 46 -9.03 6.48 39.88
CA MET E 46 -7.78 6.81 39.24
C MET E 46 -6.99 7.67 40.24
N GLU E 47 -5.67 7.59 40.21
CA GLU E 47 -4.89 8.30 41.21
C GLU E 47 -3.67 8.92 40.55
N PRO E 48 -3.23 10.09 41.08
CA PRO E 48 -2.10 10.83 40.49
C PRO E 48 -0.77 10.16 40.80
N ARG E 49 0.19 10.31 39.88
CA ARG E 49 1.55 9.82 40.07
C ARG E 49 2.58 10.89 39.68
N ALA E 50 2.15 11.91 38.94
CA ALA E 50 2.98 13.07 38.68
C ALA E 50 2.50 14.22 39.57
N PRO E 51 3.24 15.35 39.61
CA PRO E 51 2.72 16.54 40.29
C PRO E 51 1.65 17.24 39.44
N TRP E 52 2.01 17.58 38.19
CA TRP E 52 1.24 18.46 37.31
C TRP E 52 -0.12 17.90 36.89
N ILE E 53 -0.57 16.81 37.52
CA ILE E 53 -1.90 16.30 37.22
C ILE E 53 -2.91 16.66 38.32
N GLU E 54 -2.42 17.18 39.45
CA GLU E 54 -3.30 17.44 40.60
C GLU E 54 -4.21 18.65 40.33
N GLN E 55 -3.78 19.52 39.40
CA GLN E 55 -4.48 20.73 38.98
C GLN E 55 -5.87 20.41 38.42
N GLU E 56 -6.04 19.19 37.89
CA GLU E 56 -7.31 18.83 37.29
C GLU E 56 -8.33 18.61 38.40
N GLY E 57 -9.58 19.03 38.16
CA GLY E 57 -10.62 19.04 39.18
C GLY E 57 -11.41 17.73 39.20
N PRO E 58 -12.34 17.54 40.17
CA PRO E 58 -13.09 16.28 40.29
C PRO E 58 -13.69 15.77 38.98
N GLU E 59 -14.00 16.67 38.05
CA GLU E 59 -14.59 16.27 36.79
C GLU E 59 -13.58 15.46 35.98
N TYR E 60 -12.28 15.72 36.16
CA TYR E 60 -11.28 14.89 35.52
C TYR E 60 -11.28 13.48 36.16
N TRP E 61 -11.12 13.43 37.48
CA TRP E 61 -10.96 12.18 38.22
C TRP E 61 -12.22 11.33 38.14
N ASP E 62 -13.38 11.98 38.36
CA ASP E 62 -14.67 11.32 38.24
C ASP E 62 -14.75 10.63 36.88
N GLY E 63 -14.13 11.24 35.88
CA GLY E 63 -14.22 10.79 34.50
C GLY E 63 -13.28 9.61 34.20
N GLU E 64 -12.03 9.72 34.68
CA GLU E 64 -10.98 8.75 34.42
C GLU E 64 -11.22 7.49 35.25
N THR E 65 -11.94 7.65 36.37
CA THR E 65 -12.32 6.47 37.12
C THR E 65 -13.35 5.71 36.30
N ARG E 66 -14.24 6.46 35.65
CA ARG E 66 -15.31 5.85 34.88
C ARG E 66 -14.68 4.98 33.80
N LYS E 67 -13.80 5.60 33.00
CA LYS E 67 -13.25 5.02 31.78
C LYS E 67 -12.28 3.91 32.17
N VAL E 68 -11.59 4.07 33.29
CA VAL E 68 -10.62 3.06 33.67
C VAL E 68 -11.35 1.83 34.23
N LYS E 69 -12.51 2.03 34.86
CA LYS E 69 -13.28 0.87 35.27
C LYS E 69 -13.95 0.16 34.07
N ALA E 70 -14.27 0.92 33.02
CA ALA E 70 -14.72 0.34 31.77
C ALA E 70 -13.68 -0.65 31.24
N HIS E 71 -12.40 -0.23 31.23
CA HIS E 71 -11.32 -1.09 30.76
C HIS E 71 -11.24 -2.35 31.63
N SER E 72 -11.32 -2.15 32.94
CA SER E 72 -11.34 -3.28 33.85
C SER E 72 -12.37 -4.30 33.39
N GLN E 73 -13.66 -3.90 33.35
CA GLN E 73 -14.76 -4.79 33.05
C GLN E 73 -14.59 -5.42 31.68
N THR E 74 -13.93 -4.71 30.75
CA THR E 74 -13.76 -5.25 29.42
C THR E 74 -12.80 -6.45 29.43
N HIS E 75 -11.64 -6.28 30.06
CA HIS E 75 -10.70 -7.37 30.28
C HIS E 75 -11.37 -8.54 31.02
N ARG E 76 -12.06 -8.22 32.15
CA ARG E 76 -12.83 -9.20 32.92
C ARG E 76 -13.63 -10.08 31.95
N VAL E 77 -14.31 -9.43 31.01
CA VAL E 77 -15.15 -10.15 30.09
C VAL E 77 -14.30 -10.75 28.96
N ASP E 78 -13.22 -10.05 28.59
CA ASP E 78 -12.37 -10.52 27.51
C ASP E 78 -11.69 -11.83 27.92
N LEU E 79 -11.31 -11.93 29.21
CA LEU E 79 -10.65 -13.11 29.73
C LEU E 79 -11.54 -14.35 29.61
N GLY E 80 -12.86 -14.19 29.71
CA GLY E 80 -13.74 -15.34 29.63
C GLY E 80 -14.06 -15.73 28.20
N THR E 81 -14.05 -14.76 27.28
CA THR E 81 -14.35 -14.96 25.87
C THR E 81 -13.21 -15.72 25.23
N LEU E 82 -11.98 -15.17 25.33
CA LEU E 82 -10.78 -15.74 24.74
C LEU E 82 -10.61 -17.17 25.24
N ARG E 83 -10.96 -17.39 26.49
CA ARG E 83 -10.94 -18.73 27.02
C ARG E 83 -11.68 -19.69 26.07
N GLY E 84 -12.90 -19.33 25.68
CA GLY E 84 -13.69 -20.08 24.72
C GLY E 84 -13.04 -20.08 23.32
N TYR E 85 -12.65 -18.89 22.85
CA TYR E 85 -11.95 -18.72 21.59
C TYR E 85 -10.84 -19.75 21.47
N TYR E 86 -10.20 -20.08 22.58
CA TYR E 86 -9.04 -20.94 22.48
C TYR E 86 -9.25 -22.28 23.17
N ASN E 87 -10.50 -22.59 23.53
CA ASN E 87 -10.91 -23.90 24.03
C ASN E 87 -10.03 -24.34 25.19
N GLN E 88 -10.11 -23.59 26.28
CA GLN E 88 -9.28 -23.75 27.47
C GLN E 88 -10.14 -23.98 28.71
N SER E 89 -9.59 -24.73 29.67
CA SER E 89 -10.30 -24.99 30.91
C SER E 89 -10.58 -23.69 31.68
N GLU E 90 -11.01 -23.82 32.94
CA GLU E 90 -11.21 -22.69 33.82
C GLU E 90 -10.24 -22.77 35.00
N ALA E 91 -9.22 -23.61 34.87
CA ALA E 91 -8.31 -23.96 35.96
C ALA E 91 -7.12 -23.01 36.03
N GLY E 92 -6.59 -22.54 34.89
CA GLY E 92 -5.33 -21.83 34.88
C GLY E 92 -5.50 -20.31 34.81
N SER E 93 -4.39 -19.59 35.05
CA SER E 93 -4.36 -18.14 35.03
C SER E 93 -4.03 -17.65 33.64
N HIS E 94 -4.60 -16.49 33.28
CA HIS E 94 -4.37 -15.92 31.97
C HIS E 94 -4.20 -14.42 32.11
N THR E 95 -3.55 -13.81 31.11
CA THR E 95 -3.23 -12.40 31.11
C THR E 95 -3.79 -11.71 29.88
N VAL E 96 -4.46 -10.55 30.07
CA VAL E 96 -4.83 -9.68 28.97
C VAL E 96 -4.08 -8.37 29.19
N GLN E 97 -3.42 -7.85 28.14
CA GLN E 97 -2.83 -6.53 28.26
C GLN E 97 -3.27 -5.68 27.06
N ARG E 98 -3.34 -4.36 27.25
CA ARG E 98 -3.85 -3.42 26.25
C ARG E 98 -2.98 -2.17 26.37
N MET E 99 -2.65 -1.61 25.21
CA MET E 99 -1.72 -0.50 25.15
C MET E 99 -2.07 0.35 23.93
N TYR E 100 -2.24 1.66 24.15
CA TYR E 100 -2.67 2.56 23.09
C TYR E 100 -2.25 3.99 23.40
N GLY E 101 -2.06 4.79 22.33
CA GLY E 101 -1.43 6.08 22.49
C GLY E 101 -1.19 6.81 21.18
N CYS E 102 -0.74 8.06 21.30
CA CYS E 102 -0.58 8.98 20.19
C CYS E 102 0.80 9.61 20.27
N ASP E 103 1.41 9.85 19.11
CA ASP E 103 2.70 10.51 19.01
C ASP E 103 2.52 11.91 18.41
N VAL E 104 3.02 12.94 19.09
CA VAL E 104 3.19 14.25 18.49
C VAL E 104 4.65 14.45 18.13
N GLY E 105 4.94 15.45 17.30
CA GLY E 105 6.30 15.67 16.84
C GLY E 105 6.86 17.00 17.32
N SER E 106 8.00 17.41 16.72
CA SER E 106 8.73 18.65 16.97
C SER E 106 7.76 19.79 17.24
N ASP E 107 6.70 19.87 16.43
CA ASP E 107 5.74 20.97 16.41
C ASP E 107 4.48 20.65 17.23
N TRP E 108 4.47 19.49 17.90
CA TRP E 108 3.28 19.04 18.58
C TRP E 108 2.15 18.84 17.55
N ARG E 109 2.47 18.09 16.48
CA ARG E 109 1.47 17.63 15.52
C ARG E 109 1.46 16.11 15.51
N PHE E 110 0.26 15.53 15.34
CA PHE E 110 0.08 14.07 15.27
C PHE E 110 1.13 13.48 14.34
N LEU E 111 1.73 12.36 14.76
CA LEU E 111 2.74 11.65 13.96
C LEU E 111 2.32 10.19 13.73
N ARG E 112 1.88 9.51 14.79
CA ARG E 112 1.46 8.12 14.73
C ARG E 112 0.42 7.89 15.83
N GLY E 113 -0.28 6.75 15.76
CA GLY E 113 -1.14 6.24 16.83
C GLY E 113 -1.23 4.71 16.76
N TYR E 114 -1.58 4.07 17.90
CA TYR E 114 -1.62 2.61 17.97
C TYR E 114 -2.69 2.12 18.96
N HIS E 115 -2.99 0.82 18.93
CA HIS E 115 -3.97 0.19 19.81
C HIS E 115 -3.80 -1.33 19.79
N GLN E 116 -2.91 -1.83 20.66
CA GLN E 116 -2.54 -3.23 20.70
C GLN E 116 -3.21 -3.92 21.88
N TYR E 117 -3.27 -5.26 21.80
CA TYR E 117 -4.01 -6.13 22.71
C TYR E 117 -3.39 -7.51 22.60
N ALA E 118 -2.71 -7.96 23.64
CA ALA E 118 -2.10 -9.27 23.59
C ALA E 118 -2.85 -10.18 24.55
N TYR E 119 -2.86 -11.46 24.24
CA TYR E 119 -3.43 -12.44 25.13
C TYR E 119 -2.33 -13.43 25.48
N ASP E 120 -2.12 -13.60 26.78
CA ASP E 120 -1.05 -14.39 27.34
C ASP E 120 0.27 -14.00 26.68
N GLY E 121 0.52 -12.69 26.61
CA GLY E 121 1.83 -12.23 26.18
C GLY E 121 2.13 -12.44 24.71
N LYS E 122 1.21 -13.05 23.94
CA LYS E 122 1.33 -13.05 22.49
C LYS E 122 0.36 -12.01 21.92
N ASP E 123 0.73 -11.42 20.78
CA ASP E 123 -0.15 -10.48 20.10
C ASP E 123 -1.48 -11.16 19.85
N TYR E 124 -2.58 -10.43 20.04
CA TYR E 124 -3.88 -10.92 19.68
C TYR E 124 -4.38 -10.19 18.44
N ILE E 125 -4.82 -8.95 18.64
CA ILE E 125 -5.24 -8.05 17.58
C ILE E 125 -4.65 -6.66 17.83
N ALA E 126 -4.28 -5.96 16.74
CA ALA E 126 -3.78 -4.58 16.80
C ALA E 126 -4.28 -3.79 15.59
N LEU E 127 -4.00 -2.49 15.58
CA LEU E 127 -4.49 -1.54 14.60
C LEU E 127 -3.37 -1.29 13.58
N LYS E 128 -3.67 -1.37 12.27
CA LYS E 128 -2.63 -1.10 11.29
C LYS E 128 -2.34 0.40 11.28
N GLU E 129 -1.12 0.78 10.86
CA GLU E 129 -0.70 2.18 10.88
C GLU E 129 -1.75 3.10 10.22
N ASP E 130 -2.49 2.63 9.20
CA ASP E 130 -3.42 3.47 8.44
C ASP E 130 -4.64 3.85 9.30
N LEU E 131 -4.73 3.21 10.47
CA LEU E 131 -5.82 3.34 11.43
C LEU E 131 -7.20 3.11 10.78
N ARG E 132 -7.25 2.26 9.74
CA ARG E 132 -8.54 1.88 9.17
C ARG E 132 -8.73 0.37 9.31
N SER E 133 -7.62 -0.38 9.34
CA SER E 133 -7.68 -1.83 9.29
C SER E 133 -7.08 -2.44 10.56
N TRP E 134 -7.27 -3.77 10.66
CA TRP E 134 -6.84 -4.61 11.76
C TRP E 134 -5.94 -5.75 11.28
N THR E 135 -5.04 -6.15 12.19
CA THR E 135 -4.19 -7.32 12.12
C THR E 135 -4.68 -8.37 13.11
N ALA E 136 -4.89 -9.59 12.63
CA ALA E 136 -5.36 -10.71 13.40
C ALA E 136 -4.37 -11.87 13.24
N ALA E 137 -3.57 -12.12 14.28
CA ALA E 137 -2.56 -13.18 14.21
C ALA E 137 -3.13 -14.56 14.50
N ASP E 138 -4.45 -14.75 14.37
CA ASP E 138 -5.14 -15.90 14.93
C ASP E 138 -6.51 -16.01 14.29
N MET E 139 -6.91 -17.25 13.98
CA MET E 139 -8.32 -17.53 13.71
C MET E 139 -9.16 -16.95 14.84
N ALA E 140 -8.63 -17.03 16.07
CA ALA E 140 -9.30 -16.57 17.28
C ALA E 140 -9.58 -15.06 17.21
N ALA E 141 -8.57 -14.31 16.76
CA ALA E 141 -8.63 -12.86 16.72
C ALA E 141 -9.41 -12.37 15.49
N GLN E 142 -10.06 -13.30 14.79
CA GLN E 142 -10.86 -12.95 13.62
C GLN E 142 -12.28 -12.58 14.06
N THR E 143 -12.90 -13.38 14.92
CA THR E 143 -14.24 -13.02 15.37
C THR E 143 -14.20 -11.63 16.01
N THR E 144 -13.03 -11.26 16.53
CA THR E 144 -12.87 -9.95 17.12
C THR E 144 -12.80 -8.91 16.01
N LYS E 145 -11.88 -9.13 15.04
CA LYS E 145 -11.70 -8.26 13.89
C LYS E 145 -13.03 -8.03 13.20
N HIS E 146 -13.80 -9.11 13.00
CA HIS E 146 -15.01 -9.01 12.22
C HIS E 146 -16.09 -8.28 13.01
N LYS E 147 -16.05 -8.39 14.34
CA LYS E 147 -17.00 -7.72 15.20
C LYS E 147 -16.71 -6.23 15.17
N TRP E 148 -15.42 -5.92 15.35
CA TRP E 148 -14.99 -4.56 15.50
C TRP E 148 -15.17 -3.81 14.18
N GLU E 149 -14.96 -4.53 13.07
CA GLU E 149 -15.15 -3.97 11.74
C GLU E 149 -16.62 -3.60 11.53
N ALA E 150 -17.54 -4.37 12.14
CA ALA E 150 -18.96 -4.11 12.06
C ALA E 150 -19.30 -2.89 12.92
N ALA E 151 -18.74 -2.82 14.12
CA ALA E 151 -19.02 -1.74 15.05
C ALA E 151 -18.42 -0.41 14.58
N HIS E 152 -17.60 -0.46 13.51
CA HIS E 152 -16.81 0.67 13.04
C HIS E 152 -16.10 1.37 14.22
N VAL E 153 -15.18 0.63 14.87
CA VAL E 153 -14.49 1.13 16.06
C VAL E 153 -13.19 1.83 15.65
N ALA E 154 -12.59 1.41 14.53
CA ALA E 154 -11.34 1.98 14.08
C ALA E 154 -11.56 3.44 13.64
N GLU E 155 -12.78 3.74 13.19
CA GLU E 155 -13.07 5.12 12.89
C GLU E 155 -13.07 5.89 14.21
N GLN E 156 -13.66 5.29 15.24
CA GLN E 156 -13.80 6.00 16.50
C GLN E 156 -12.46 6.10 17.22
N LEU E 157 -11.65 5.04 17.12
CA LEU E 157 -10.34 5.08 17.74
C LEU E 157 -9.45 6.06 16.97
N ARG E 158 -9.65 6.18 15.65
CA ARG E 158 -8.87 7.09 14.83
C ARG E 158 -9.15 8.52 15.30
N ALA E 159 -10.45 8.82 15.46
CA ALA E 159 -10.93 10.13 15.83
C ALA E 159 -10.49 10.48 17.26
N TYR E 160 -10.16 9.46 18.05
CA TYR E 160 -9.50 9.70 19.31
C TYR E 160 -8.00 9.91 19.11
N LEU E 161 -7.31 8.97 18.45
CA LEU E 161 -5.86 9.00 18.47
C LEU E 161 -5.32 10.24 17.77
N GLU E 162 -6.06 10.73 16.76
CA GLU E 162 -5.67 11.88 15.96
C GLU E 162 -6.02 13.20 16.66
N GLY E 163 -6.94 13.15 17.64
CA GLY E 163 -7.58 14.37 18.13
C GLY E 163 -7.46 14.55 19.65
N THR E 164 -8.56 14.26 20.36
CA THR E 164 -8.64 14.20 21.81
C THR E 164 -7.28 13.87 22.43
N CYS E 165 -6.62 12.83 21.91
CA CYS E 165 -5.38 12.35 22.48
C CYS E 165 -4.37 13.49 22.47
N VAL E 166 -4.15 14.05 21.27
CA VAL E 166 -3.05 14.96 20.99
C VAL E 166 -3.42 16.37 21.46
N GLU E 167 -4.73 16.66 21.53
CA GLU E 167 -5.19 17.86 22.19
C GLU E 167 -4.88 17.73 23.68
N TRP E 168 -5.16 16.55 24.24
CA TRP E 168 -4.93 16.38 25.67
C TRP E 168 -3.44 16.19 25.93
N LEU E 169 -2.68 15.83 24.90
CA LEU E 169 -1.24 15.71 25.04
C LEU E 169 -0.63 17.11 25.07
N ARG E 170 -1.00 17.91 24.05
CA ARG E 170 -0.55 19.29 23.89
C ARG E 170 -0.86 20.05 25.18
N ARG E 171 -2.07 19.82 25.72
CA ARG E 171 -2.46 20.43 26.99
C ARG E 171 -1.46 20.06 28.09
N TYR E 172 -1.01 18.80 28.11
CA TYR E 172 -0.27 18.28 29.25
C TYR E 172 1.17 18.78 29.26
N LEU E 173 1.73 18.98 28.06
CA LEU E 173 3.09 19.45 27.89
C LEU E 173 3.19 20.94 28.19
N GLU E 174 2.19 21.71 27.72
CA GLU E 174 2.06 23.13 28.05
C GLU E 174 1.85 23.25 29.56
N ASN E 175 0.90 22.47 30.07
CA ASN E 175 0.51 22.50 31.48
C ASN E 175 1.68 22.07 32.37
N GLY E 176 2.73 21.55 31.74
CA GLY E 176 3.82 20.96 32.52
C GLY E 176 5.17 21.22 31.88
N LYS E 177 5.29 22.36 31.18
CA LYS E 177 6.48 22.72 30.41
C LYS E 177 7.71 22.41 31.26
N GLU E 178 7.67 22.92 32.51
CA GLU E 178 8.81 23.03 33.41
C GLU E 178 9.39 21.66 33.76
N THR E 179 8.65 20.58 33.51
CA THR E 179 9.09 19.24 33.90
C THR E 179 9.28 18.33 32.67
N LEU E 180 8.31 18.34 31.75
CA LEU E 180 8.25 17.35 30.70
C LEU E 180 9.13 17.76 29.51
N GLN E 181 9.19 19.09 29.25
CA GLN E 181 10.01 19.64 28.19
C GLN E 181 11.44 19.91 28.70
N ARG E 182 11.91 19.14 29.68
CA ARG E 182 13.32 19.21 30.08
C ARG E 182 14.15 18.34 29.14
N THR E 183 15.47 18.53 29.18
CA THR E 183 16.42 17.73 28.42
C THR E 183 17.69 17.62 29.26
N ASP E 184 17.99 16.39 29.71
CA ASP E 184 19.18 16.12 30.49
C ASP E 184 20.12 15.25 29.67
N ALA E 185 21.36 15.71 29.51
CA ALA E 185 22.36 15.01 28.72
C ALA E 185 22.99 13.94 29.58
N PRO E 186 23.21 12.70 29.04
CA PRO E 186 23.94 11.65 29.75
C PRO E 186 25.23 12.14 30.40
N LYS E 187 25.26 12.17 31.74
CA LYS E 187 26.53 12.37 32.42
C LYS E 187 27.25 11.02 32.50
N THR E 188 28.17 10.80 31.54
CA THR E 188 28.87 9.53 31.39
C THR E 188 29.86 9.30 32.54
N HIS E 189 30.11 8.02 32.84
CA HIS E 189 30.86 7.60 34.03
C HIS E 189 31.89 6.54 33.62
N ARG E 203 33.21 -0.97 29.12
CA ARG E 203 32.10 -0.38 29.93
C ARG E 203 32.01 1.11 29.63
N CYS E 204 31.08 1.48 28.75
CA CYS E 204 30.78 2.87 28.40
C CYS E 204 29.51 3.30 29.15
N TRP E 205 29.69 3.93 30.32
CA TRP E 205 28.61 4.27 31.24
C TRP E 205 27.95 5.60 30.84
N ALA E 206 26.61 5.67 30.96
CA ALA E 206 25.88 6.92 30.73
C ALA E 206 24.68 7.02 31.67
N LEU E 207 24.72 7.99 32.61
CA LEU E 207 23.71 8.12 33.65
C LEU E 207 22.96 9.45 33.54
N SER E 208 21.81 9.50 34.23
CA SER E 208 20.99 10.69 34.45
C SER E 208 20.66 11.42 33.16
N PHE E 209 20.00 10.72 32.23
CA PHE E 209 19.50 11.33 31.01
C PHE E 209 17.96 11.27 30.98
N TYR E 210 17.38 12.15 30.14
CA TYR E 210 15.96 12.12 29.81
C TYR E 210 15.74 12.80 28.46
N PRO E 211 14.97 12.21 27.50
CA PRO E 211 14.34 10.90 27.69
C PRO E 211 15.30 9.70 27.74
N ALA E 212 14.82 8.51 27.36
CA ALA E 212 15.62 7.30 27.53
C ALA E 212 16.12 6.77 26.19
N GLU E 213 15.66 7.41 25.10
CA GLU E 213 16.07 7.04 23.75
C GLU E 213 17.58 7.24 23.64
N ILE E 214 18.35 6.14 23.79
CA ILE E 214 19.81 6.24 23.72
C ILE E 214 20.39 5.10 22.87
N THR E 215 21.53 5.39 22.21
CA THR E 215 22.25 4.43 21.40
C THR E 215 23.69 4.34 21.89
N LEU E 216 24.15 3.13 22.21
CA LEU E 216 25.54 2.91 22.58
C LEU E 216 26.16 1.88 21.62
N THR E 217 27.13 2.36 20.83
CA THR E 217 27.79 1.54 19.82
C THR E 217 29.30 1.66 19.99
N TRP E 218 29.98 0.50 19.98
CA TRP E 218 31.43 0.41 20.07
C TRP E 218 32.07 0.49 18.69
N GLN E 219 33.37 0.80 18.65
CA GLN E 219 34.16 0.73 17.44
C GLN E 219 35.59 0.30 17.79
N ARG E 220 36.15 -0.64 17.01
CA ARG E 220 37.56 -0.97 17.05
C ARG E 220 38.19 -0.56 15.73
N ASP E 221 39.19 0.34 15.83
CA ASP E 221 39.92 0.89 14.69
C ASP E 221 39.01 1.84 13.90
N GLY E 222 37.92 2.29 14.54
CA GLY E 222 36.93 3.14 13.89
C GLY E 222 35.80 2.35 13.24
N GLU E 223 35.94 1.02 13.20
CA GLU E 223 34.89 0.16 12.71
C GLU E 223 34.22 -0.53 13.90
N ASP E 224 32.89 -0.45 13.96
CA ASP E 224 32.09 -1.04 15.02
C ASP E 224 32.48 -2.51 15.21
N GLN E 225 32.26 -3.01 16.43
CA GLN E 225 32.55 -4.40 16.77
C GLN E 225 31.30 -5.09 17.30
N THR E 226 31.33 -6.43 17.27
CA THR E 226 30.23 -7.30 17.66
C THR E 226 30.77 -8.69 18.03
N LEU E 231 25.79 -5.50 26.61
CA LEU E 231 24.95 -4.29 26.82
C LEU E 231 23.66 -4.64 27.56
N VAL E 232 23.51 -4.14 28.81
CA VAL E 232 22.27 -4.26 29.56
C VAL E 232 21.24 -3.25 29.06
N GLU E 233 20.00 -3.43 29.52
CA GLU E 233 18.86 -2.61 29.14
C GLU E 233 18.77 -1.38 30.04
N THR E 234 18.49 -0.25 29.38
CA THR E 234 18.20 1.02 30.03
C THR E 234 17.32 0.76 31.25
N ARG E 235 17.81 1.12 32.44
CA ARG E 235 17.03 0.98 33.64
C ARG E 235 16.77 2.38 34.24
N PRO E 236 15.65 2.59 34.97
CA PRO E 236 15.48 3.80 35.76
C PRO E 236 16.28 3.81 37.06
N ALA E 237 16.84 4.98 37.39
CA ALA E 237 17.56 5.25 38.62
C ALA E 237 16.58 5.36 39.79
N GLY E 238 15.37 5.84 39.49
CA GLY E 238 14.28 5.87 40.45
C GLY E 238 13.73 7.27 40.68
N ASP E 239 14.47 8.29 40.23
CA ASP E 239 14.14 9.68 40.51
C ASP E 239 13.64 10.31 39.22
N GLY E 240 13.55 9.50 38.18
CA GLY E 240 13.14 9.96 36.87
C GLY E 240 14.32 10.13 35.92
N THR E 241 15.46 9.53 36.28
CA THR E 241 16.65 9.54 35.45
C THR E 241 16.93 8.12 34.97
N PHE E 242 17.58 7.98 33.80
CA PHE E 242 17.83 6.65 33.24
C PHE E 242 19.32 6.38 33.09
N GLN E 243 19.69 5.10 33.27
CA GLN E 243 21.06 4.61 33.18
C GLN E 243 21.15 3.52 32.12
N LYS E 244 22.34 3.34 31.54
CA LYS E 244 22.68 2.23 30.64
C LYS E 244 24.20 2.09 30.57
N TRP E 245 24.68 0.93 30.10
CA TRP E 245 26.09 0.77 29.75
C TRP E 245 26.24 -0.29 28.66
N ALA E 246 27.28 -0.12 27.83
CA ALA E 246 27.71 -1.10 26.83
C ALA E 246 29.15 -1.51 27.14
N ALA E 247 29.50 -2.78 26.93
CA ALA E 247 30.81 -3.28 27.31
C ALA E 247 31.39 -4.29 26.31
N VAL E 248 32.71 -4.21 26.12
CA VAL E 248 33.47 -5.15 25.32
C VAL E 248 34.74 -5.51 26.09
N VAL E 249 35.28 -6.71 25.81
CA VAL E 249 36.45 -7.24 26.48
C VAL E 249 37.66 -7.01 25.58
N VAL E 250 38.62 -6.23 26.09
CA VAL E 250 39.77 -5.81 25.30
C VAL E 250 40.93 -6.78 25.54
N PRO E 251 41.84 -6.96 24.55
CA PRO E 251 43.11 -7.67 24.76
C PRO E 251 44.09 -6.85 25.62
N SER E 252 44.63 -7.51 26.67
CA SER E 252 45.56 -6.92 27.62
C SER E 252 46.66 -6.14 26.91
N GLY E 253 46.50 -4.81 26.83
CA GLY E 253 47.52 -3.95 26.23
C GLY E 253 46.99 -3.14 25.05
N GLN E 254 45.88 -3.60 24.48
CA GLN E 254 45.30 -2.98 23.30
C GLN E 254 44.24 -1.97 23.71
N GLU E 255 44.03 -1.84 25.03
CA GLU E 255 42.86 -1.24 25.64
C GLU E 255 42.72 0.24 25.27
N GLN E 256 43.45 0.68 24.25
CA GLN E 256 43.46 2.07 23.83
C GLN E 256 43.18 2.16 22.34
N ARG E 257 42.57 1.11 21.78
CA ARG E 257 42.28 1.03 20.35
C ARG E 257 40.78 1.09 20.09
N TYR E 258 39.97 1.17 21.16
CA TYR E 258 38.53 1.07 21.03
C TYR E 258 37.86 2.39 21.43
N THR E 259 36.86 2.79 20.61
CA THR E 259 36.12 4.03 20.76
C THR E 259 34.63 3.75 20.87
N CYS E 260 34.01 4.32 21.92
CA CYS E 260 32.58 4.22 22.15
C CYS E 260 31.91 5.51 21.70
N HIS E 261 30.75 5.38 21.02
CA HIS E 261 30.05 6.52 20.42
C HIS E 261 28.65 6.64 21.03
N VAL E 262 28.39 7.76 21.73
CA VAL E 262 27.19 8.00 22.51
C VAL E 262 26.43 9.18 21.91
N GLN E 263 25.13 8.99 21.65
CA GLN E 263 24.32 10.02 21.04
C GLN E 263 22.95 10.07 21.72
N HIS E 264 22.56 11.27 22.13
CA HIS E 264 21.34 11.51 22.90
C HIS E 264 20.90 12.97 22.71
N GLU E 265 19.58 13.18 22.63
CA GLU E 265 19.01 14.48 22.29
C GLU E 265 19.20 15.48 23.42
N GLY E 266 19.86 15.05 24.50
CA GLY E 266 20.37 15.95 25.51
C GLY E 266 21.67 16.62 25.08
N LEU E 267 22.35 16.03 24.09
CA LEU E 267 23.68 16.46 23.69
C LEU E 267 23.61 17.14 22.32
N PRO E 268 24.40 18.22 22.09
CA PRO E 268 24.32 18.97 20.84
C PRO E 268 25.00 18.27 19.66
N LYS E 269 26.08 17.55 19.97
CA LYS E 269 26.69 16.65 18.99
C LYS E 269 26.78 15.24 19.56
N PRO E 270 27.00 14.21 18.71
CA PRO E 270 27.26 12.84 19.20
C PRO E 270 28.64 12.82 19.86
N LEU E 271 28.69 12.37 21.11
CA LEU E 271 29.93 12.34 21.88
C LEU E 271 30.80 11.15 21.47
N THR E 272 32.10 11.23 21.78
CA THR E 272 33.06 10.15 21.55
C THR E 272 33.93 9.97 22.79
N LEU E 273 33.92 8.76 23.36
CA LEU E 273 34.67 8.44 24.57
C LEU E 273 35.70 7.34 24.28
N MET F 1 1.27 -20.31 25.22
CA MET F 1 1.88 -19.35 26.15
C MET F 1 3.39 -19.60 26.19
N ILE F 2 4.20 -18.52 26.16
CA ILE F 2 5.65 -18.65 26.22
C ILE F 2 6.12 -18.01 27.53
N GLN F 3 6.49 -18.83 28.51
CA GLN F 3 7.01 -18.29 29.77
C GLN F 3 8.46 -17.85 29.59
N ARG F 4 8.76 -16.72 30.26
CA ARG F 4 10.04 -16.05 30.21
C ARG F 4 10.55 -15.82 31.63
N THR F 5 11.81 -16.19 31.85
CA THR F 5 12.48 -15.96 33.12
C THR F 5 12.85 -14.48 33.17
N PRO F 6 12.71 -13.79 34.33
CA PRO F 6 13.12 -12.38 34.47
C PRO F 6 14.62 -12.04 34.40
N LYS F 7 14.96 -10.93 33.70
CA LYS F 7 16.29 -10.35 33.68
C LYS F 7 16.45 -9.43 34.89
N ILE F 8 17.45 -9.71 35.73
CA ILE F 8 17.63 -9.00 36.99
C ILE F 8 18.87 -8.11 36.94
N GLN F 9 18.77 -6.94 37.58
CA GLN F 9 19.84 -5.95 37.64
C GLN F 9 19.77 -5.27 39.00
N VAL F 10 20.86 -5.38 39.78
CA VAL F 10 20.91 -4.76 41.10
C VAL F 10 21.88 -3.59 41.04
N TYR F 11 21.35 -2.37 41.23
CA TYR F 11 22.17 -1.18 41.12
C TYR F 11 21.75 -0.16 42.17
N SER F 12 22.15 1.11 41.94
CA SER F 12 21.93 2.24 42.83
C SER F 12 21.39 3.42 42.04
N ARG F 13 20.76 4.38 42.74
CA ARG F 13 20.12 5.50 42.07
C ARG F 13 21.16 6.52 41.62
N HIS F 14 21.89 7.07 42.59
CA HIS F 14 23.03 7.96 42.37
C HIS F 14 24.27 7.15 42.67
N PRO F 15 25.48 7.54 42.17
CA PRO F 15 26.73 6.87 42.55
C PRO F 15 26.89 6.73 44.07
N ALA F 16 27.39 5.56 44.51
CA ALA F 16 27.45 5.21 45.92
C ALA F 16 28.68 5.81 46.60
N GLU F 17 28.46 6.45 47.76
CA GLU F 17 29.52 6.99 48.61
C GLU F 17 29.10 6.94 50.07
N ASN F 18 29.72 6.01 50.82
CA ASN F 18 29.44 5.75 52.22
C ASN F 18 29.25 7.06 52.98
N GLY F 19 28.05 7.24 53.54
CA GLY F 19 27.66 8.45 54.26
C GLY F 19 26.57 9.21 53.52
N LYS F 20 26.60 9.16 52.19
CA LYS F 20 25.68 9.90 51.34
C LYS F 20 24.41 9.06 51.15
N SER F 21 23.25 9.73 51.16
CA SER F 21 21.97 9.03 51.06
C SER F 21 21.69 8.62 49.61
N ASN F 22 21.49 7.31 49.41
CA ASN F 22 21.31 6.76 48.08
C ASN F 22 20.08 5.85 48.09
N PHE F 23 19.72 5.38 46.90
CA PHE F 23 18.63 4.42 46.69
C PHE F 23 19.17 3.15 46.04
N LEU F 24 18.78 2.00 46.61
CA LEU F 24 19.09 0.68 46.07
C LEU F 24 17.98 0.24 45.10
N ASN F 25 18.39 -0.17 43.90
CA ASN F 25 17.44 -0.55 42.89
C ASN F 25 17.57 -2.06 42.63
N CYS F 26 16.45 -2.70 42.26
CA CYS F 26 16.43 -4.02 41.67
C CYS F 26 15.49 -4.02 40.47
N TYR F 27 15.96 -4.49 39.32
CA TYR F 27 15.23 -4.35 38.07
C TYR F 27 15.08 -5.69 37.37
N VAL F 28 13.91 -6.29 37.63
CA VAL F 28 13.37 -7.45 36.96
C VAL F 28 12.64 -6.97 35.70
N SER F 29 12.94 -7.60 34.57
CA SER F 29 12.32 -7.22 33.30
C SER F 29 12.30 -8.43 32.35
N GLY F 30 11.59 -8.28 31.22
CA GLY F 30 11.60 -9.22 30.11
C GLY F 30 10.99 -10.58 30.49
N PHE F 31 10.30 -10.60 31.64
CA PHE F 31 9.71 -11.80 32.20
C PHE F 31 8.22 -11.87 31.87
N HIS F 32 7.65 -13.05 32.10
CA HIS F 32 6.28 -13.40 31.76
C HIS F 32 6.00 -14.84 32.20
N PRO F 33 4.88 -15.08 32.90
CA PRO F 33 3.86 -14.07 33.12
C PRO F 33 4.24 -13.12 34.26
N SER F 34 3.25 -12.36 34.73
CA SER F 34 3.52 -11.21 35.58
C SER F 34 3.71 -11.59 37.05
N ASP F 35 3.30 -12.80 37.49
CA ASP F 35 3.52 -13.15 38.90
C ASP F 35 5.03 -13.24 39.18
N ILE F 36 5.45 -12.58 40.24
CA ILE F 36 6.86 -12.55 40.61
C ILE F 36 6.95 -12.01 42.03
N GLU F 37 7.75 -12.66 42.87
CA GLU F 37 7.99 -12.18 44.23
C GLU F 37 9.42 -11.71 44.32
N VAL F 38 9.62 -10.44 44.66
CA VAL F 38 10.95 -9.86 44.60
C VAL F 38 11.28 -9.23 45.94
N ASP F 39 12.35 -9.74 46.58
CA ASP F 39 12.81 -9.24 47.87
C ASP F 39 14.22 -8.64 47.71
N LEU F 40 14.57 -7.74 48.64
CA LEU F 40 15.95 -7.30 48.77
C LEU F 40 16.54 -7.92 50.05
N LEU F 41 17.85 -8.09 50.08
CA LEU F 41 18.50 -8.76 51.20
C LEU F 41 19.67 -7.90 51.69
N LYS F 42 19.72 -7.72 53.02
CA LYS F 42 20.80 -7.00 53.67
C LYS F 42 21.63 -7.98 54.51
N ASN F 43 22.71 -8.50 53.92
CA ASN F 43 23.61 -9.44 54.58
C ASN F 43 22.90 -10.77 54.83
N GLY F 44 21.88 -11.07 54.02
CA GLY F 44 21.12 -12.31 54.13
C GLY F 44 19.81 -12.11 54.90
N GLU F 45 19.69 -10.97 55.60
CA GLU F 45 18.44 -10.55 56.24
C GLU F 45 17.48 -10.06 55.16
N ARG F 46 16.18 -10.02 55.49
CA ARG F 46 15.18 -9.50 54.56
C ARG F 46 14.85 -8.06 54.94
N ILE F 47 14.94 -7.14 53.96
CA ILE F 47 14.57 -5.74 54.13
C ILE F 47 13.05 -5.65 54.08
N GLU F 48 12.45 -5.02 55.08
CA GLU F 48 11.01 -5.08 55.26
C GLU F 48 10.33 -3.93 54.51
N LYS F 49 10.78 -2.69 54.75
CA LYS F 49 10.13 -1.54 54.16
C LYS F 49 10.72 -1.27 52.77
N VAL F 50 10.09 -1.87 51.73
CA VAL F 50 10.52 -1.75 50.35
C VAL F 50 9.31 -1.54 49.43
N GLU F 51 9.36 -0.44 48.68
CA GLU F 51 8.35 -0.08 47.72
C GLU F 51 8.77 -0.57 46.33
N HIS F 52 7.78 -0.79 45.47
CA HIS F 52 8.02 -1.17 44.09
C HIS F 52 7.05 -0.43 43.17
N SER F 53 7.43 -0.33 41.90
CA SER F 53 6.65 0.39 40.90
C SER F 53 5.33 -0.31 40.62
N ASP F 54 4.52 0.30 39.76
CA ASP F 54 3.30 -0.30 39.24
C ASP F 54 3.62 -1.02 37.94
N LEU F 55 3.09 -2.25 37.83
CA LEU F 55 3.33 -3.16 36.72
C LEU F 55 3.06 -2.44 35.39
N SER F 56 4.03 -2.57 34.48
CA SER F 56 3.76 -2.36 33.07
C SER F 56 4.80 -3.12 32.26
N PHE F 57 4.75 -2.95 30.94
CA PHE F 57 5.42 -3.90 30.08
C PHE F 57 6.12 -3.16 28.94
N SER F 58 6.77 -3.94 28.07
CA SER F 58 7.49 -3.42 26.92
C SER F 58 6.65 -3.66 25.67
N LYS F 59 7.26 -3.55 24.49
CA LYS F 59 6.64 -3.92 23.23
C LYS F 59 6.69 -5.44 23.10
N ASP F 60 7.69 -6.04 23.76
CA ASP F 60 7.92 -7.48 23.90
C ASP F 60 6.71 -8.15 24.55
N TRP F 61 5.81 -7.32 25.12
CA TRP F 61 4.69 -7.66 25.99
C TRP F 61 5.18 -8.18 27.34
N SER F 62 6.50 -8.24 27.53
CA SER F 62 7.08 -8.73 28.77
C SER F 62 7.08 -7.62 29.82
N PHE F 63 6.88 -7.99 31.08
CA PHE F 63 6.69 -7.02 32.14
C PHE F 63 8.04 -6.49 32.63
N TYR F 64 7.99 -5.43 33.44
CA TYR F 64 9.16 -4.90 34.12
C TYR F 64 8.74 -4.25 35.44
N LEU F 65 9.56 -4.45 36.47
CA LEU F 65 9.32 -3.89 37.79
C LEU F 65 10.63 -3.37 38.39
N LEU F 66 10.54 -2.18 38.99
CA LEU F 66 11.61 -1.66 39.83
C LEU F 66 11.23 -1.86 41.30
N TYR F 67 12.13 -2.49 42.05
CA TYR F 67 12.03 -2.52 43.49
C TYR F 67 13.14 -1.67 44.04
N TYR F 68 12.76 -0.62 44.79
CA TYR F 68 13.74 0.28 45.34
C TYR F 68 13.55 0.40 46.86
N THR F 69 14.70 0.55 47.53
CA THR F 69 14.80 0.88 48.94
C THR F 69 15.77 2.06 49.11
N GLU F 70 15.52 2.90 50.11
CA GLU F 70 16.58 3.81 50.51
C GLU F 70 17.59 3.05 51.35
N PHE F 71 18.85 3.41 51.17
CA PHE F 71 19.92 2.95 52.05
C PHE F 71 21.02 3.98 51.97
N THR F 72 21.97 3.88 52.90
CA THR F 72 23.25 4.56 52.79
C THR F 72 24.31 3.45 52.88
N PRO F 73 25.16 3.27 51.85
CA PRO F 73 26.08 2.11 51.82
C PRO F 73 27.27 2.28 52.76
N THR F 74 27.57 1.26 53.56
CA THR F 74 28.79 1.24 54.34
C THR F 74 29.71 0.14 53.83
N GLU F 75 30.90 0.01 54.45
CA GLU F 75 31.93 -0.88 53.96
C GLU F 75 31.58 -2.35 54.24
N LYS F 76 30.81 -2.59 55.31
CA LYS F 76 30.51 -3.94 55.74
C LYS F 76 29.11 -4.37 55.29
N ASP F 77 28.40 -3.49 54.55
CA ASP F 77 27.08 -3.79 54.01
C ASP F 77 27.21 -4.47 52.63
N GLU F 78 26.53 -5.61 52.44
CA GLU F 78 26.57 -6.36 51.19
C GLU F 78 25.17 -6.74 50.72
N TYR F 79 24.71 -6.10 49.64
CA TYR F 79 23.29 -6.10 49.25
C TYR F 79 23.04 -6.98 48.03
N ALA F 80 21.84 -7.60 48.00
CA ALA F 80 21.43 -8.50 46.93
C ALA F 80 19.94 -8.36 46.64
N CYS F 81 19.48 -9.02 45.57
CA CYS F 81 18.09 -9.05 45.18
C CYS F 81 17.64 -10.50 44.99
N ARG F 82 16.59 -10.91 45.72
CA ARG F 82 16.05 -12.26 45.60
C ARG F 82 14.75 -12.21 44.78
N VAL F 83 14.70 -13.09 43.77
CA VAL F 83 13.63 -13.13 42.79
C VAL F 83 13.16 -14.59 42.66
N ASN F 84 11.83 -14.75 42.46
CA ASN F 84 11.17 -16.04 42.28
C ASN F 84 10.10 -15.86 41.22
N HIS F 85 9.76 -16.93 40.49
CA HIS F 85 8.93 -16.91 39.29
C HIS F 85 8.70 -18.33 38.83
N VAL F 86 7.61 -18.55 38.09
CA VAL F 86 7.24 -19.88 37.61
C VAL F 86 8.37 -20.51 36.80
N THR F 87 9.26 -19.67 36.22
CA THR F 87 10.22 -20.14 35.24
C THR F 87 11.49 -20.63 35.89
N LEU F 88 11.49 -20.84 37.22
CA LEU F 88 12.64 -21.37 37.96
C LEU F 88 12.22 -22.46 38.95
N SER F 89 13.21 -23.20 39.50
CA SER F 89 12.96 -24.34 40.39
C SER F 89 13.28 -23.95 41.83
N GLN F 90 14.24 -23.03 41.94
CA GLN F 90 14.69 -22.50 43.21
C GLN F 90 14.96 -21.01 43.06
N PRO F 91 14.78 -20.19 44.13
CA PRO F 91 14.96 -18.74 44.01
C PRO F 91 16.31 -18.39 43.40
N LYS F 92 16.40 -17.21 42.76
CA LYS F 92 17.64 -16.67 42.25
C LYS F 92 18.05 -15.42 43.04
N ILE F 93 19.37 -15.16 43.09
CA ILE F 93 19.95 -14.02 43.79
C ILE F 93 20.99 -13.34 42.90
N VAL F 94 21.01 -12.01 42.94
CA VAL F 94 21.95 -11.18 42.21
C VAL F 94 22.46 -10.12 43.18
N LYS F 95 23.76 -10.17 43.44
CA LYS F 95 24.41 -9.34 44.42
C LYS F 95 24.78 -8.02 43.77
N TRP F 96 24.87 -6.98 44.60
CA TRP F 96 25.17 -5.64 44.15
C TRP F 96 26.67 -5.48 44.02
N ASP F 97 27.07 -4.85 42.91
CA ASP F 97 28.46 -4.71 42.54
C ASP F 97 28.75 -3.22 42.40
N ARG F 98 29.11 -2.58 43.54
CA ARG F 98 29.38 -1.16 43.61
C ARG F 98 30.17 -0.73 42.38
N ASP F 99 31.22 -1.51 42.06
CA ASP F 99 32.06 -1.32 40.89
C ASP F 99 31.33 -1.85 39.64
N GLU G 3 -28.06 14.65 30.86
CA GLU G 3 -29.38 15.33 30.68
C GLU G 3 -29.47 15.84 29.24
N VAL G 4 -30.66 15.65 28.65
CA VAL G 4 -30.93 16.10 27.29
C VAL G 4 -32.20 16.95 27.34
N GLU G 5 -32.15 18.14 26.75
CA GLU G 5 -33.31 19.02 26.69
C GLU G 5 -33.84 19.07 25.26
N GLN G 6 -35.16 18.92 25.12
CA GLN G 6 -35.83 18.96 23.83
C GLN G 6 -37.20 19.62 24.00
N ASP G 7 -37.54 20.51 23.06
CA ASP G 7 -38.82 21.20 23.05
C ASP G 7 -39.93 20.17 22.83
N PRO G 8 -40.94 20.13 23.73
CA PRO G 8 -41.98 19.11 23.66
C PRO G 8 -42.75 19.09 22.35
N GLY G 9 -43.03 20.29 21.79
CA GLY G 9 -43.98 20.50 20.71
C GLY G 9 -45.40 20.73 21.23
N PRO G 10 -46.45 20.58 20.39
CA PRO G 10 -46.30 20.16 19.00
C PRO G 10 -45.91 21.34 18.12
N LEU G 11 -45.28 21.03 17.00
CA LEU G 11 -44.79 22.02 16.07
C LEU G 11 -45.42 21.75 14.71
N SER G 12 -46.27 22.67 14.28
CA SER G 12 -47.02 22.50 13.06
C SER G 12 -46.40 23.42 12.01
N VAL G 13 -46.15 22.84 10.85
CA VAL G 13 -45.57 23.55 9.72
C VAL G 13 -46.38 23.18 8.49
N PRO G 14 -46.42 24.05 7.47
CA PRO G 14 -46.93 23.68 6.17
C PRO G 14 -46.03 22.63 5.52
N GLU G 15 -46.57 21.91 4.53
CA GLU G 15 -45.85 21.00 3.64
C GLU G 15 -44.78 21.83 2.93
N GLY G 16 -43.67 21.20 2.55
CA GLY G 16 -42.65 21.92 1.79
C GLY G 16 -41.67 22.71 2.65
N ALA G 17 -42.10 23.13 3.85
CA ALA G 17 -41.27 23.94 4.73
C ALA G 17 -40.02 23.16 5.15
N ILE G 18 -39.09 23.84 5.81
CA ILE G 18 -38.01 23.08 6.43
C ILE G 18 -38.28 22.98 7.93
N VAL G 19 -38.08 21.76 8.42
CA VAL G 19 -38.19 21.44 9.83
C VAL G 19 -36.79 21.32 10.38
N SER G 20 -36.57 21.95 11.54
CA SER G 20 -35.32 21.87 12.30
C SER G 20 -35.64 21.52 13.75
N LEU G 21 -35.08 20.39 14.20
CA LEU G 21 -35.31 19.91 15.55
C LEU G 21 -33.99 19.94 16.33
N ASN G 22 -34.06 20.21 17.64
CA ASN G 22 -32.85 20.42 18.41
C ASN G 22 -32.81 19.59 19.70
N CYS G 23 -31.66 18.98 19.97
CA CYS G 23 -31.35 18.50 21.31
C CYS G 23 -30.02 19.11 21.77
N THR G 24 -30.07 19.73 22.96
CA THR G 24 -28.86 20.17 23.62
C THR G 24 -28.58 19.18 24.73
N TYR G 25 -27.31 18.75 24.87
CA TYR G 25 -26.95 17.86 25.97
C TYR G 25 -25.82 18.44 26.79
N SER G 26 -25.41 17.67 27.81
CA SER G 26 -24.53 18.11 28.86
C SER G 26 -23.27 17.24 28.93
N ASN G 27 -23.43 15.92 28.84
CA ASN G 27 -22.37 14.98 29.18
C ASN G 27 -21.33 14.85 28.06
N SER G 28 -20.07 15.15 28.39
CA SER G 28 -18.93 15.06 27.48
C SER G 28 -18.76 13.63 26.97
N ALA G 29 -19.21 12.66 27.76
CA ALA G 29 -18.94 11.24 27.55
C ALA G 29 -19.72 10.67 26.36
N PHE G 30 -20.77 11.37 25.92
CA PHE G 30 -21.62 10.89 24.85
C PHE G 30 -20.80 10.77 23.58
N GLN G 31 -20.79 9.57 22.98
CA GLN G 31 -20.02 9.35 21.77
C GLN G 31 -20.90 8.87 20.62
N TYR G 32 -22.11 8.38 20.91
CA TYR G 32 -23.01 7.90 19.88
C TYR G 32 -24.36 8.63 19.89
N PHE G 33 -24.70 9.24 18.75
CA PHE G 33 -25.88 10.08 18.66
C PHE G 33 -26.81 9.52 17.58
N MET G 34 -28.11 9.53 17.87
CA MET G 34 -29.07 8.98 16.93
C MET G 34 -30.38 9.76 16.98
N TRP G 35 -31.21 9.56 15.97
CA TRP G 35 -32.51 10.21 15.84
C TRP G 35 -33.52 9.13 15.51
N TYR G 36 -34.29 8.69 16.51
CA TYR G 36 -35.40 7.79 16.30
C TYR G 36 -36.62 8.57 15.89
N ARG G 37 -37.51 7.94 15.14
CA ARG G 37 -38.76 8.59 14.80
C ARG G 37 -39.85 7.64 15.22
N GLN G 38 -40.76 8.11 16.08
CA GLN G 38 -41.83 7.25 16.57
C GLN G 38 -43.17 7.73 16.00
N TYR G 39 -43.84 6.86 15.24
CA TYR G 39 -45.25 7.03 14.89
C TYR G 39 -46.15 6.65 16.08
N SER G 40 -47.33 7.28 16.16
CA SER G 40 -48.01 7.45 17.44
C SER G 40 -48.48 6.12 18.02
N ARG G 41 -48.80 5.15 17.16
CA ARG G 41 -49.34 3.94 17.73
C ARG G 41 -48.31 2.80 17.66
N LYS G 42 -47.01 3.16 17.60
CA LYS G 42 -45.94 2.23 17.29
C LYS G 42 -44.74 2.48 18.21
N GLY G 43 -43.71 1.62 18.09
CA GLY G 43 -42.41 1.78 18.75
C GLY G 43 -41.44 2.62 17.90
N PRO G 44 -40.31 3.14 18.45
CA PRO G 44 -39.44 4.05 17.70
C PRO G 44 -38.51 3.30 16.77
N GLU G 45 -38.44 3.77 15.52
CA GLU G 45 -37.53 3.23 14.52
C GLU G 45 -36.41 4.25 14.30
N LEU G 46 -35.19 3.75 14.10
CA LEU G 46 -34.02 4.58 13.86
C LEU G 46 -34.23 5.34 12.54
N LEU G 47 -33.68 6.54 12.47
CA LEU G 47 -33.87 7.38 11.31
C LEU G 47 -32.51 7.89 10.88
N MET G 48 -31.67 8.25 11.85
CA MET G 48 -30.33 8.72 11.60
C MET G 48 -29.39 8.12 12.65
N TYR G 49 -28.13 7.91 12.30
CA TYR G 49 -27.14 7.51 13.31
C TYR G 49 -25.78 8.10 12.96
N THR G 50 -25.04 8.55 13.97
CA THR G 50 -23.66 8.96 13.76
C THR G 50 -22.83 8.76 15.02
N TYR G 51 -21.54 8.46 14.82
CA TYR G 51 -20.60 8.24 15.91
C TYR G 51 -19.67 9.44 16.09
N SER G 52 -19.36 10.15 14.99
CA SER G 52 -18.52 11.33 15.08
C SER G 52 -19.33 12.61 14.87
N SER G 53 -18.65 13.74 15.02
CA SER G 53 -19.22 15.05 14.80
C SER G 53 -19.27 15.32 13.29
N GLY G 54 -19.99 16.39 12.92
CA GLY G 54 -20.14 16.77 11.52
C GLY G 54 -21.54 16.50 11.01
N ASN G 55 -21.65 16.26 9.70
CA ASN G 55 -22.90 16.30 8.97
C ASN G 55 -23.02 15.09 8.05
N LYS G 56 -23.93 14.16 8.38
CA LYS G 56 -24.20 13.05 7.48
C LYS G 56 -25.61 13.21 6.88
N GLU G 57 -25.83 12.57 5.73
CA GLU G 57 -27.08 12.72 5.01
C GLU G 57 -27.64 11.36 4.57
N ASP G 58 -28.96 11.35 4.32
CA ASP G 58 -29.67 10.27 3.67
C ASP G 58 -30.90 10.89 3.03
N GLY G 59 -30.71 11.55 1.88
CA GLY G 59 -31.80 12.20 1.17
C GLY G 59 -32.34 13.39 1.94
N ARG G 60 -33.65 13.41 2.16
CA ARG G 60 -34.32 14.55 2.74
C ARG G 60 -33.90 14.80 4.20
N PHE G 61 -33.14 13.87 4.81
CA PHE G 61 -32.73 14.02 6.20
C PHE G 61 -31.24 14.32 6.29
N THR G 62 -30.90 15.32 7.13
CA THR G 62 -29.55 15.65 7.58
C THR G 62 -29.53 15.66 9.11
N ALA G 63 -28.67 14.82 9.68
CA ALA G 63 -28.41 14.84 11.10
C ALA G 63 -27.00 15.36 11.30
N GLN G 64 -26.87 16.35 12.18
CA GLN G 64 -25.56 16.91 12.48
C GLN G 64 -25.33 16.95 13.98
N VAL G 65 -24.10 16.64 14.37
CA VAL G 65 -23.62 16.80 15.73
C VAL G 65 -22.52 17.86 15.74
N ASP G 66 -22.56 18.78 16.70
CA ASP G 66 -21.42 19.66 16.94
C ASP G 66 -21.23 19.77 18.45
N LYS G 67 -20.06 19.30 18.88
CA LYS G 67 -19.79 18.95 20.27
C LYS G 67 -19.27 20.14 21.05
N SER G 68 -19.23 21.31 20.40
CA SER G 68 -18.91 22.57 21.06
C SER G 68 -20.08 22.96 21.97
N SER G 69 -21.23 23.22 21.35
CA SER G 69 -22.44 23.57 22.09
C SER G 69 -22.95 22.35 22.85
N LYS G 70 -22.66 21.17 22.28
CA LYS G 70 -23.30 19.92 22.70
C LYS G 70 -24.78 20.01 22.37
N TYR G 71 -25.04 19.98 21.05
CA TYR G 71 -26.25 20.43 20.38
C TYR G 71 -26.46 19.51 19.17
N ILE G 72 -27.57 18.78 19.17
CA ILE G 72 -27.87 17.80 18.15
C ILE G 72 -29.03 18.31 17.29
N SER G 73 -28.96 18.01 15.99
CA SER G 73 -29.81 18.66 15.01
C SER G 73 -30.32 17.66 13.97
N LEU G 74 -31.59 17.84 13.62
CA LEU G 74 -32.24 17.14 12.53
C LEU G 74 -32.91 18.18 11.66
N PHE G 75 -32.78 18.00 10.35
CA PHE G 75 -33.31 18.92 9.37
C PHE G 75 -34.10 18.12 8.33
N ILE G 76 -35.42 18.24 8.36
CA ILE G 76 -36.21 17.63 7.31
C ILE G 76 -36.51 18.73 6.30
N ARG G 77 -35.88 18.63 5.13
CA ARG G 77 -36.15 19.48 3.98
C ARG G 77 -37.25 18.83 3.15
N ASP G 78 -38.16 19.67 2.62
CA ASP G 78 -39.33 19.22 1.88
C ASP G 78 -40.28 18.43 2.77
N SER G 79 -40.68 19.06 3.88
CA SER G 79 -41.68 18.51 4.78
C SER G 79 -42.84 17.96 3.98
N GLN G 80 -43.42 16.89 4.49
CA GLN G 80 -44.48 16.17 3.81
C GLN G 80 -45.38 15.59 4.89
N PRO G 81 -46.70 15.48 4.65
CA PRO G 81 -47.65 14.98 5.65
C PRO G 81 -47.30 13.70 6.41
N SER G 82 -46.63 12.75 5.74
CA SER G 82 -46.25 11.46 6.29
C SER G 82 -45.14 11.59 7.33
N ASP G 83 -44.54 12.78 7.45
CA ASP G 83 -43.50 13.02 8.45
C ASP G 83 -44.16 13.33 9.78
N SER G 84 -45.47 13.60 9.75
CA SER G 84 -46.10 13.99 10.99
C SER G 84 -45.80 12.83 11.92
N ALA G 85 -45.17 13.13 13.05
CA ALA G 85 -44.68 12.07 13.91
C ALA G 85 -44.13 12.69 15.19
N THR G 86 -43.44 11.87 15.99
CA THR G 86 -42.70 12.37 17.14
C THR G 86 -41.23 11.99 17.03
N TYR G 87 -40.39 13.02 16.93
CA TYR G 87 -39.00 12.75 16.69
C TYR G 87 -38.29 12.74 18.03
N LEU G 88 -37.66 11.62 18.39
CA LEU G 88 -36.87 11.52 19.61
C LEU G 88 -35.39 11.42 19.28
N CYS G 89 -34.56 12.24 19.92
CA CYS G 89 -33.11 12.11 19.86
C CYS G 89 -32.66 11.28 21.05
N ALA G 90 -31.48 10.66 20.95
CA ALA G 90 -30.94 9.77 21.97
C ALA G 90 -29.43 9.69 21.88
N MET G 91 -28.72 9.84 23.01
CA MET G 91 -27.27 9.69 22.98
C MET G 91 -26.80 8.68 24.03
N SER G 92 -25.96 7.74 23.60
CA SER G 92 -25.35 6.81 24.52
C SER G 92 -23.96 7.30 24.91
N GLY G 93 -23.52 6.85 26.09
CA GLY G 93 -22.26 7.21 26.70
C GLY G 93 -21.82 6.12 27.68
N LEU G 94 -20.50 6.00 27.86
CA LEU G 94 -19.84 4.87 28.51
C LEU G 94 -19.93 4.93 30.03
N LYS G 95 -20.43 3.84 30.61
CA LYS G 95 -20.59 3.73 32.05
C LYS G 95 -19.53 2.79 32.64
N GLU G 96 -19.47 2.78 33.99
CA GLU G 96 -18.36 2.18 34.70
C GLU G 96 -18.43 0.65 34.65
N ASP G 97 -19.47 0.10 34.01
CA ASP G 97 -19.55 -1.35 33.91
C ASP G 97 -19.32 -1.81 32.47
N SER G 98 -18.86 -0.87 31.63
CA SER G 98 -18.62 -1.08 30.21
C SER G 98 -19.92 -1.25 29.44
N SER G 99 -21.06 -0.96 30.10
CA SER G 99 -22.31 -0.82 29.39
C SER G 99 -22.27 0.43 28.52
N TYR G 100 -23.32 0.68 27.74
CA TYR G 100 -23.55 2.02 27.22
C TYR G 100 -25.01 2.43 27.44
N LYS G 101 -25.24 3.44 28.27
CA LYS G 101 -26.58 3.92 28.57
C LYS G 101 -27.04 4.90 27.49
N LEU G 102 -28.25 4.69 26.98
CA LEU G 102 -28.85 5.54 25.96
C LEU G 102 -29.77 6.59 26.62
N ILE G 103 -29.43 7.86 26.53
CA ILE G 103 -30.32 8.85 27.12
C ILE G 103 -31.22 9.44 26.03
N PHE G 104 -32.47 9.77 26.40
CA PHE G 104 -33.50 10.13 25.45
C PHE G 104 -34.08 11.53 25.70
N GLY G 105 -34.19 12.33 24.63
CA GLY G 105 -34.99 13.54 24.68
C GLY G 105 -36.42 13.18 25.07
N SER G 106 -37.23 14.17 25.45
CA SER G 106 -38.66 13.92 25.58
C SER G 106 -39.23 13.65 24.20
N GLY G 107 -38.56 14.14 23.15
CA GLY G 107 -38.99 14.01 21.76
C GLY G 107 -40.03 15.06 21.40
N THR G 108 -39.79 15.78 20.30
CA THR G 108 -40.66 16.82 19.76
C THR G 108 -41.70 16.19 18.84
N ARG G 109 -42.99 16.47 19.07
CA ARG G 109 -44.04 16.00 18.18
C ARG G 109 -44.14 16.95 16.99
N LEU G 110 -43.98 16.43 15.77
CA LEU G 110 -44.15 17.29 14.62
C LEU G 110 -45.51 17.02 13.94
N LEU G 111 -46.11 18.10 13.41
CA LEU G 111 -47.31 18.02 12.59
C LEU G 111 -47.08 18.82 11.31
N VAL G 112 -46.77 18.11 10.21
CA VAL G 112 -46.58 18.73 8.89
C VAL G 112 -47.93 18.75 8.17
N ARG G 113 -48.49 19.93 7.92
CA ARG G 113 -49.86 20.06 7.44
C ARG G 113 -49.82 19.99 5.93
N PRO G 114 -50.82 19.37 5.23
CA PRO G 114 -50.81 19.27 3.77
C PRO G 114 -51.26 20.56 3.09
N ASP G 115 -50.99 20.64 1.79
CA ASP G 115 -51.20 21.80 0.93
C ASP G 115 -52.45 21.58 0.10
N ILE G 116 -53.60 22.04 0.61
CA ILE G 116 -54.90 21.78 0.01
C ILE G 116 -55.12 22.79 -1.12
N GLN G 117 -54.83 22.34 -2.35
CA GLN G 117 -54.67 23.26 -3.47
C GLN G 117 -55.98 23.94 -3.81
N ASN G 118 -57.11 23.25 -3.62
CA ASN G 118 -58.37 23.86 -4.01
C ASN G 118 -59.43 23.55 -2.96
N PRO G 119 -59.44 24.33 -1.85
CA PRO G 119 -60.35 24.05 -0.73
C PRO G 119 -61.79 24.14 -1.20
N ASP G 120 -62.66 23.30 -0.60
CA ASP G 120 -64.08 23.24 -0.95
C ASP G 120 -64.88 23.07 0.34
N PRO G 121 -64.72 23.96 1.35
CA PRO G 121 -65.26 23.72 2.69
C PRO G 121 -66.78 23.54 2.68
N ALA G 122 -67.24 22.59 3.50
CA ALA G 122 -68.63 22.16 3.63
C ALA G 122 -68.88 21.47 4.98
N VAL G 123 -70.12 21.53 5.47
CA VAL G 123 -70.53 20.68 6.57
C VAL G 123 -71.67 19.79 6.05
N TYR G 124 -71.59 18.48 6.33
CA TYR G 124 -72.54 17.54 5.74
C TYR G 124 -73.11 16.68 6.85
N GLN G 125 -74.36 16.24 6.67
CA GLN G 125 -75.01 15.39 7.66
C GLN G 125 -75.08 13.94 7.15
N LEU G 126 -74.46 13.02 7.91
CA LEU G 126 -74.37 11.67 7.42
C LEU G 126 -75.57 10.89 7.92
N ARG G 127 -75.97 9.88 7.13
CA ARG G 127 -77.17 9.12 7.41
C ARG G 127 -76.95 8.30 8.67
N ASP G 128 -77.68 8.69 9.72
CA ASP G 128 -77.63 8.06 11.03
C ASP G 128 -78.09 6.60 10.89
N SER G 129 -77.16 5.70 10.53
CA SER G 129 -77.51 4.30 10.63
C SER G 129 -77.67 3.91 12.11
N LYS G 130 -78.95 3.77 12.48
CA LYS G 130 -79.50 3.82 13.83
C LYS G 130 -79.36 2.46 14.55
N SER G 131 -78.16 2.24 15.11
CA SER G 131 -77.85 1.21 16.09
C SER G 131 -77.62 1.90 17.45
N LYS G 134 -76.77 9.28 18.43
CA LYS G 134 -75.60 10.01 17.86
C LYS G 134 -75.88 10.40 16.41
N SER G 135 -76.18 11.70 16.20
CA SER G 135 -76.32 12.27 14.86
C SER G 135 -74.95 12.74 14.39
N VAL G 136 -74.57 12.42 13.14
CA VAL G 136 -73.19 12.64 12.73
C VAL G 136 -73.08 13.66 11.60
N CYS G 137 -72.25 14.68 11.88
CA CYS G 137 -71.97 15.85 11.07
C CYS G 137 -70.48 15.85 10.72
N LEU G 138 -70.17 16.13 9.45
CA LEU G 138 -68.84 15.93 8.90
C LEU G 138 -68.31 17.23 8.29
N PHE G 139 -67.61 18.02 9.09
CA PHE G 139 -66.93 19.18 8.56
C PHE G 139 -65.74 18.72 7.71
N THR G 140 -65.78 19.00 6.41
CA THR G 140 -64.79 18.40 5.52
C THR G 140 -64.32 19.39 4.47
N ASP G 141 -63.23 19.03 3.78
CA ASP G 141 -62.71 19.68 2.58
C ASP G 141 -62.20 21.10 2.82
N PHE G 142 -62.10 21.53 4.07
CA PHE G 142 -61.53 22.85 4.31
C PHE G 142 -60.01 22.80 4.11
N ASP G 143 -59.39 23.96 4.33
CA ASP G 143 -58.00 24.22 4.01
C ASP G 143 -57.19 24.10 5.30
N SER G 144 -55.90 23.83 5.13
CA SER G 144 -55.07 23.42 6.25
C SER G 144 -54.99 24.55 7.26
N GLN G 145 -55.51 25.73 6.86
CA GLN G 145 -55.41 26.95 7.62
C GLN G 145 -56.51 27.02 8.67
N THR G 146 -57.32 25.96 8.81
CA THR G 146 -58.47 26.03 9.69
C THR G 146 -58.29 25.17 10.92
N ASN G 147 -58.61 25.74 12.09
CA ASN G 147 -58.53 25.03 13.36
C ASN G 147 -59.95 24.75 13.80
N VAL G 148 -60.22 23.49 14.18
CA VAL G 148 -61.50 23.11 14.75
C VAL G 148 -61.31 22.96 16.26
N SER G 149 -62.25 23.52 17.05
CA SER G 149 -62.13 23.49 18.50
C SER G 149 -63.07 22.45 19.10
N GLN G 150 -62.84 22.15 20.39
CA GLN G 150 -63.81 21.52 21.26
C GLN G 150 -65.05 22.42 21.37
N SER G 151 -66.19 21.82 21.77
CA SER G 151 -67.42 22.60 21.93
C SER G 151 -67.70 22.89 23.40
N LYS G 152 -68.52 23.92 23.66
CA LYS G 152 -68.96 24.24 25.01
C LYS G 152 -69.67 23.02 25.60
N ASP G 153 -70.68 22.53 24.86
CA ASP G 153 -71.67 21.58 25.33
C ASP G 153 -71.01 20.23 25.65
N SER G 154 -71.06 19.83 26.93
CA SER G 154 -70.44 18.59 27.42
C SER G 154 -71.20 17.35 26.95
N ASP G 155 -72.02 17.52 25.90
CA ASP G 155 -72.89 16.47 25.39
C ASP G 155 -72.68 16.32 23.89
N VAL G 156 -71.75 17.11 23.35
CA VAL G 156 -71.38 17.07 21.95
C VAL G 156 -69.88 16.82 21.84
N TYR G 157 -69.53 16.09 20.77
CA TYR G 157 -68.19 15.57 20.53
C TYR G 157 -67.72 16.03 19.16
N ILE G 158 -66.63 16.81 19.19
CA ILE G 158 -65.94 17.27 18.00
C ILE G 158 -64.56 16.66 18.10
N THR G 159 -63.92 16.39 16.95
CA THR G 159 -62.63 15.76 16.99
C THR G 159 -61.66 16.63 16.22
N ASP G 160 -60.36 16.47 16.45
CA ASP G 160 -59.35 17.29 15.79
C ASP G 160 -59.38 17.02 14.29
N LYS G 161 -58.76 17.91 13.49
CA LYS G 161 -58.69 17.71 12.05
C LYS G 161 -57.94 16.43 11.74
N CYS G 162 -58.12 15.90 10.53
CA CYS G 162 -57.66 14.60 10.11
C CYS G 162 -57.41 14.63 8.60
N VAL G 163 -56.26 14.09 8.16
CA VAL G 163 -55.92 14.08 6.74
C VAL G 163 -56.11 12.68 6.16
N LEU G 164 -56.99 12.54 5.16
CA LEU G 164 -56.99 11.31 4.39
C LEU G 164 -56.25 11.55 3.09
N ASP G 165 -55.97 10.49 2.33
CA ASP G 165 -55.16 10.63 1.14
C ASP G 165 -55.52 9.56 0.10
N MET G 166 -56.21 10.02 -0.95
CA MET G 166 -56.63 9.16 -2.04
C MET G 166 -55.52 9.12 -3.10
N ARG G 167 -54.67 8.09 -3.01
CA ARG G 167 -53.58 7.86 -3.94
C ARG G 167 -54.11 7.77 -5.38
N SER G 168 -55.16 6.95 -5.55
CA SER G 168 -55.83 6.74 -6.82
C SER G 168 -56.00 8.05 -7.57
N MET G 169 -56.59 9.04 -6.90
CA MET G 169 -56.99 10.30 -7.51
C MET G 169 -56.05 11.43 -7.09
N ASP G 170 -54.91 11.06 -6.49
CA ASP G 170 -53.93 12.03 -6.03
C ASP G 170 -54.63 13.15 -5.27
N PHE G 171 -55.53 12.79 -4.35
CA PHE G 171 -56.36 13.76 -3.65
C PHE G 171 -56.18 13.60 -2.14
N LYS G 172 -56.08 14.73 -1.43
CA LYS G 172 -56.08 14.75 0.03
C LYS G 172 -57.07 15.79 0.56
N SER G 173 -57.78 15.46 1.64
CA SER G 173 -58.77 16.34 2.21
C SER G 173 -58.73 16.28 3.74
N ASN G 174 -58.99 17.41 4.39
CA ASN G 174 -59.10 17.42 5.83
C ASN G 174 -60.54 17.02 6.17
N SER G 175 -60.80 16.77 7.47
CA SER G 175 -62.12 16.45 7.99
C SER G 175 -62.09 16.57 9.51
N ALA G 176 -63.25 16.86 10.10
CA ALA G 176 -63.51 16.71 11.53
C ALA G 176 -64.96 16.25 11.68
N VAL G 177 -65.29 15.53 12.74
CA VAL G 177 -66.62 14.97 12.81
C VAL G 177 -67.22 15.35 14.16
N ALA G 178 -68.52 15.70 14.15
CA ALA G 178 -69.22 16.12 15.37
C ALA G 178 -70.47 15.28 15.60
N TRP G 179 -70.67 14.83 16.83
CA TRP G 179 -71.91 14.12 17.10
C TRP G 179 -72.34 14.34 18.56
N SER G 180 -73.66 14.41 18.75
CA SER G 180 -74.26 14.53 20.07
C SER G 180 -75.33 13.46 20.26
N ASN G 181 -75.73 13.23 21.52
CA ASN G 181 -76.78 12.28 21.82
C ASN G 181 -78.16 12.92 21.64
N LYS G 182 -78.21 14.26 21.57
CA LYS G 182 -79.42 15.02 21.80
C LYS G 182 -80.30 15.13 20.55
N SER G 183 -81.62 15.05 20.77
CA SER G 183 -82.65 15.30 19.77
C SER G 183 -82.71 16.80 19.48
N ASP G 184 -81.54 17.36 19.18
CA ASP G 184 -81.30 18.76 18.94
C ASP G 184 -80.61 18.82 17.59
N PHE G 185 -79.70 17.85 17.42
CA PHE G 185 -78.88 17.61 16.26
C PHE G 185 -77.91 18.79 16.10
N ALA G 186 -78.08 19.56 15.02
CA ALA G 186 -77.33 20.75 14.66
C ALA G 186 -76.85 20.64 13.20
N CYS G 187 -75.55 20.48 13.01
CA CYS G 187 -74.98 20.38 11.67
C CYS G 187 -74.95 21.78 11.06
N ALA G 188 -75.20 22.78 11.91
CA ALA G 188 -75.06 24.18 11.58
C ALA G 188 -74.76 24.95 12.85
N ASN G 189 -74.78 24.24 13.99
CA ASN G 189 -74.39 24.82 15.26
C ASN G 189 -73.45 23.86 15.99
N ALA G 190 -73.05 22.81 15.25
CA ALA G 190 -72.08 21.84 15.72
C ALA G 190 -70.73 22.51 15.81
N PHE G 191 -70.35 23.20 14.72
CA PHE G 191 -69.00 23.74 14.55
C PHE G 191 -69.00 25.26 14.71
N ASN G 192 -70.02 25.78 15.40
CA ASN G 192 -70.11 27.20 15.66
C ASN G 192 -68.92 27.60 16.53
N ASN G 193 -68.65 26.78 17.54
CA ASN G 193 -67.56 26.97 18.47
C ASN G 193 -66.24 27.19 17.74
N SER G 194 -66.11 26.62 16.53
CA SER G 194 -64.88 26.73 15.76
C SER G 194 -64.99 27.84 14.72
N ILE G 195 -63.83 28.35 14.31
CA ILE G 195 -63.76 29.52 13.44
C ILE G 195 -63.74 29.07 11.98
N ILE G 196 -64.95 28.93 11.42
CA ILE G 196 -65.16 28.34 10.10
C ILE G 196 -65.28 29.45 9.06
N PRO G 197 -64.62 29.31 7.88
CA PRO G 197 -64.78 30.26 6.77
C PRO G 197 -66.22 30.61 6.38
N GLU G 198 -66.42 31.84 5.88
CA GLU G 198 -67.71 32.32 5.39
C GLU G 198 -67.96 31.76 3.99
N ASP G 199 -67.40 30.58 3.73
CA ASP G 199 -67.34 30.08 2.37
C ASP G 199 -67.92 28.67 2.26
N THR G 200 -68.73 28.25 3.25
CA THR G 200 -68.99 26.84 3.44
C THR G 200 -70.47 26.51 3.10
N ALA H 3 -36.79 -11.79 12.37
CA ALA H 3 -35.94 -10.69 11.81
C ALA H 3 -35.93 -9.48 12.74
N GLN H 4 -36.71 -9.52 13.84
CA GLN H 4 -36.95 -8.32 14.64
C GLN H 4 -37.06 -8.65 16.13
N VAL H 5 -37.39 -7.61 16.93
CA VAL H 5 -37.62 -7.69 18.37
C VAL H 5 -39.12 -7.81 18.64
N THR H 6 -39.52 -8.85 19.37
CA THR H 6 -40.92 -9.04 19.71
C THR H 6 -41.11 -8.79 21.20
N GLN H 7 -42.31 -8.34 21.59
CA GLN H 7 -42.72 -8.42 22.99
C GLN H 7 -44.06 -9.10 22.99
N ASN H 8 -44.53 -9.54 24.18
CA ASN H 8 -45.74 -10.33 24.29
C ASN H 8 -46.23 -10.26 25.72
N PRO H 9 -47.49 -9.88 26.00
CA PRO H 9 -48.40 -9.36 24.96
C PRO H 9 -48.28 -7.84 24.71
N ARG H 10 -49.04 -7.34 23.71
CA ARG H 10 -48.93 -5.95 23.28
C ARG H 10 -49.85 -5.06 24.10
N TYR H 11 -51.00 -5.60 24.51
CA TYR H 11 -51.90 -4.90 25.41
C TYR H 11 -52.25 -5.82 26.55
N LEU H 12 -52.52 -5.25 27.73
CA LEU H 12 -52.82 -6.04 28.92
C LEU H 12 -53.55 -5.20 29.96
N ILE H 13 -54.39 -5.91 30.73
CA ILE H 13 -55.09 -5.36 31.87
C ILE H 13 -54.78 -6.22 33.10
N THR H 14 -54.90 -5.60 34.29
CA THR H 14 -54.67 -6.25 35.58
C THR H 14 -55.36 -5.47 36.71
N VAL H 15 -55.79 -6.19 37.76
CA VAL H 15 -56.15 -5.54 39.01
C VAL H 15 -54.87 -5.16 39.74
N THR H 16 -54.95 -4.17 40.64
CA THR H 16 -53.79 -3.77 41.42
C THR H 16 -53.34 -4.97 42.25
N GLY H 17 -52.03 -5.24 42.27
CA GLY H 17 -51.48 -6.29 43.13
C GLY H 17 -51.57 -7.71 42.55
N LYS H 18 -52.03 -7.87 41.31
CA LYS H 18 -51.95 -9.22 40.72
C LYS H 18 -50.70 -9.32 39.84
N LYS H 19 -49.96 -10.43 40.01
CA LYS H 19 -48.68 -10.64 39.32
C LYS H 19 -48.94 -10.94 37.83
N LEU H 20 -48.12 -10.30 36.99
CA LEU H 20 -48.18 -10.36 35.54
C LEU H 20 -46.75 -10.28 34.99
N THR H 21 -46.54 -10.78 33.78
CA THR H 21 -45.21 -10.77 33.16
C THR H 21 -45.32 -10.46 31.66
N VAL H 22 -44.34 -9.69 31.17
CA VAL H 22 -44.23 -9.33 29.76
C VAL H 22 -42.92 -9.90 29.25
N THR H 23 -43.00 -10.89 28.37
CA THR H 23 -41.79 -11.48 27.82
C THR H 23 -41.34 -10.65 26.63
N CYS H 24 -40.01 -10.54 26.44
CA CYS H 24 -39.44 -9.87 25.28
C CYS H 24 -38.44 -10.79 24.57
N SER H 25 -38.40 -10.69 23.24
CA SER H 25 -37.57 -11.58 22.45
C SER H 25 -36.95 -10.90 21.24
N GLN H 26 -35.82 -11.47 20.80
CA GLN H 26 -35.14 -11.06 19.60
C GLN H 26 -34.39 -12.29 19.10
N ASN H 27 -34.40 -12.48 17.78
CA ASN H 27 -33.68 -13.59 17.18
C ASN H 27 -32.55 -13.05 16.32
N MET H 28 -31.94 -11.93 16.74
CA MET H 28 -30.88 -11.33 15.95
C MET H 28 -29.53 -11.59 16.62
N ASN H 29 -29.57 -12.34 17.72
CA ASN H 29 -28.34 -12.74 18.39
C ASN H 29 -27.77 -11.61 19.25
N HIS H 30 -28.58 -10.61 19.59
CA HIS H 30 -28.09 -9.53 20.43
C HIS H 30 -27.87 -10.02 21.85
N GLU H 31 -26.90 -9.37 22.53
CA GLU H 31 -26.56 -9.75 23.89
C GLU H 31 -27.06 -8.74 24.91
N TYR H 32 -27.11 -7.46 24.52
CA TYR H 32 -27.67 -6.43 25.38
C TYR H 32 -29.17 -6.35 25.14
N MET H 33 -29.94 -6.19 26.21
CA MET H 33 -31.36 -5.99 26.11
C MET H 33 -31.74 -5.18 27.32
N SER H 34 -32.66 -4.23 27.15
CA SER H 34 -33.07 -3.44 28.28
C SER H 34 -34.55 -3.15 28.13
N TRP H 35 -35.19 -2.73 29.24
CA TRP H 35 -36.59 -2.31 29.26
C TRP H 35 -36.74 -0.81 29.57
N TYR H 36 -37.59 -0.13 28.78
CA TYR H 36 -37.93 1.27 28.98
C TYR H 36 -39.44 1.39 29.23
N ARG H 37 -39.84 2.36 30.06
CA ARG H 37 -41.24 2.76 30.13
C ARG H 37 -41.40 4.18 29.59
N GLN H 38 -42.50 4.44 28.85
CA GLN H 38 -42.76 5.75 28.29
C GLN H 38 -44.08 6.30 28.81
N ASP H 39 -44.01 7.39 29.57
CA ASP H 39 -45.20 8.08 30.04
C ASP H 39 -45.19 9.49 29.47
N PRO H 40 -46.36 10.04 29.05
CA PRO H 40 -46.48 11.44 28.64
C PRO H 40 -45.63 12.39 29.50
N GLY H 41 -44.92 13.30 28.85
CA GLY H 41 -44.22 14.32 29.62
C GLY H 41 -42.79 13.91 29.98
N LEU H 42 -42.65 12.76 30.64
CA LEU H 42 -41.35 12.30 31.13
C LEU H 42 -40.58 11.50 30.06
N GLY H 43 -41.19 11.23 28.90
CA GLY H 43 -40.44 10.52 27.86
C GLY H 43 -39.99 9.12 28.31
N LEU H 44 -38.80 8.70 27.85
CA LEU H 44 -38.32 7.34 28.06
C LEU H 44 -37.47 7.25 29.31
N ARG H 45 -37.53 6.10 30.00
CA ARG H 45 -36.80 5.88 31.23
C ARG H 45 -36.42 4.42 31.30
N GLN H 46 -35.15 4.14 31.65
CA GLN H 46 -34.67 2.77 31.71
C GLN H 46 -35.12 2.09 33.01
N ILE H 47 -35.73 0.91 32.90
CA ILE H 47 -36.20 0.12 34.03
C ILE H 47 -35.10 -0.82 34.53
N TYR H 48 -34.69 -1.76 33.66
CA TYR H 48 -33.64 -2.75 33.88
C TYR H 48 -32.98 -3.07 32.54
N TYR H 49 -31.77 -3.65 32.61
CA TYR H 49 -31.01 -3.98 31.40
C TYR H 49 -30.10 -5.17 31.67
N SER H 50 -29.56 -5.78 30.61
CA SER H 50 -28.81 -7.00 30.77
C SER H 50 -27.83 -7.13 29.62
N MET H 51 -26.53 -7.15 29.97
CA MET H 51 -25.46 -7.01 29.00
C MET H 51 -25.29 -8.32 28.27
N ASN H 52 -25.62 -9.41 28.98
CA ASN H 52 -25.42 -10.75 28.46
C ASN H 52 -26.14 -11.74 29.36
N VAL H 53 -26.08 -13.03 29.00
CA VAL H 53 -26.79 -14.03 29.77
C VAL H 53 -26.39 -13.86 31.23
N GLU H 54 -27.37 -13.91 32.12
CA GLU H 54 -27.13 -14.05 33.55
C GLU H 54 -26.54 -12.77 34.16
N VAL H 55 -26.26 -11.77 33.34
CA VAL H 55 -25.82 -10.47 33.81
C VAL H 55 -26.98 -9.48 33.67
N THR H 56 -27.48 -8.98 34.80
CA THR H 56 -28.49 -7.93 34.82
C THR H 56 -28.08 -6.83 35.79
N ASP H 57 -28.69 -5.64 35.65
CA ASP H 57 -28.45 -4.48 36.48
C ASP H 57 -29.73 -3.63 36.50
N LYS H 58 -29.92 -2.86 37.57
CA LYS H 58 -31.06 -1.95 37.66
C LYS H 58 -30.79 -0.78 36.72
N GLY H 59 -31.87 -0.13 36.28
CA GLY H 59 -31.77 1.10 35.50
C GLY H 59 -32.15 2.33 36.33
N ASP H 60 -32.67 3.34 35.63
CA ASP H 60 -33.12 4.59 36.23
C ASP H 60 -34.32 4.37 37.16
N VAL H 61 -35.40 3.79 36.63
CA VAL H 61 -36.60 3.57 37.43
C VAL H 61 -36.85 2.08 37.64
N PRO H 62 -36.03 1.38 38.46
CA PRO H 62 -36.11 -0.09 38.63
C PRO H 62 -37.09 -0.71 39.63
N GLU H 63 -37.54 0.11 40.58
CA GLU H 63 -38.39 -0.30 41.69
C GLU H 63 -39.75 -0.67 41.13
N GLY H 64 -40.27 -1.81 41.60
CA GLY H 64 -41.54 -2.34 41.20
C GLY H 64 -41.34 -3.46 40.19
N TYR H 65 -40.15 -3.50 39.58
CA TYR H 65 -39.89 -4.41 38.47
C TYR H 65 -38.67 -5.28 38.77
N LYS H 66 -38.73 -6.55 38.35
CA LYS H 66 -37.58 -7.45 38.36
C LYS H 66 -37.46 -8.11 36.98
N VAL H 67 -36.27 -8.64 36.67
CA VAL H 67 -36.03 -9.32 35.41
C VAL H 67 -35.34 -10.65 35.70
N SER H 68 -34.88 -11.30 34.63
CA SER H 68 -34.20 -12.60 34.64
C SER H 68 -33.57 -12.77 33.25
N ARG H 69 -32.48 -13.53 33.13
CA ARG H 69 -31.84 -13.61 31.82
C ARG H 69 -31.28 -15.03 31.59
N LYS H 70 -32.19 -16.00 31.40
CA LYS H 70 -31.82 -17.40 31.31
C LYS H 70 -31.26 -17.73 29.92
N GLU H 71 -32.04 -17.42 28.88
CA GLU H 71 -31.60 -17.52 27.49
C GLU H 71 -31.28 -16.12 26.97
N LYS H 72 -30.35 -16.07 25.99
CA LYS H 72 -29.95 -14.84 25.30
C LYS H 72 -31.14 -14.21 24.58
N ARG H 73 -32.01 -15.03 23.97
CA ARG H 73 -33.08 -14.53 23.12
C ARG H 73 -34.23 -13.91 23.94
N ASN H 74 -34.41 -14.35 25.20
CA ASN H 74 -35.52 -13.88 26.04
C ASN H 74 -34.99 -12.96 27.14
N PHE H 75 -35.85 -12.01 27.55
CA PHE H 75 -35.48 -11.10 28.62
C PHE H 75 -36.73 -10.60 29.35
N PRO H 76 -37.43 -11.46 30.11
CA PRO H 76 -38.80 -11.16 30.57
C PRO H 76 -38.88 -10.04 31.58
N LEU H 77 -40.01 -9.32 31.66
CA LEU H 77 -40.18 -8.23 32.64
C LEU H 77 -41.28 -8.56 33.64
N ILE H 78 -40.91 -8.76 34.92
CA ILE H 78 -41.82 -9.21 35.97
C ILE H 78 -42.25 -8.03 36.85
N LEU H 79 -43.56 -7.92 37.06
CA LEU H 79 -44.13 -7.06 38.07
C LEU H 79 -44.88 -7.97 39.03
N GLU H 80 -44.36 -8.10 40.26
CA GLU H 80 -44.96 -8.89 41.33
C GLU H 80 -46.21 -8.19 41.86
N SER H 81 -46.04 -6.92 42.22
CA SER H 81 -47.12 -6.10 42.75
C SER H 81 -47.34 -4.87 41.86
N PRO H 82 -48.05 -5.03 40.71
CA PRO H 82 -48.53 -3.89 39.93
C PRO H 82 -49.12 -2.79 40.81
N SER H 83 -48.89 -1.54 40.41
CA SER H 83 -49.43 -0.36 41.08
C SER H 83 -50.26 0.47 40.11
N PRO H 84 -51.15 1.36 40.60
CA PRO H 84 -51.89 2.26 39.70
C PRO H 84 -50.91 3.04 38.82
N ASN H 85 -49.70 3.26 39.35
CA ASN H 85 -48.68 4.08 38.71
C ASN H 85 -47.67 3.22 37.94
N GLN H 86 -48.02 1.98 37.63
CA GLN H 86 -47.15 1.19 36.75
C GLN H 86 -47.81 1.03 35.38
N THR H 87 -49.05 1.50 35.29
CA THR H 87 -49.78 1.68 34.04
C THR H 87 -48.91 2.51 33.08
N SER H 88 -48.41 1.88 32.00
CA SER H 88 -47.59 2.64 31.06
C SER H 88 -47.43 1.91 29.72
N LEU H 89 -46.56 2.49 28.89
CA LEU H 89 -46.21 1.93 27.60
C LEU H 89 -44.78 1.42 27.68
N TYR H 90 -44.59 0.14 27.35
CA TYR H 90 -43.34 -0.50 27.70
C TYR H 90 -42.66 -1.01 26.44
N PHE H 91 -41.47 -0.47 26.18
CA PHE H 91 -40.70 -0.87 25.01
C PHE H 91 -39.47 -1.67 25.43
N CYS H 92 -39.26 -2.78 24.73
CA CYS H 92 -38.07 -3.60 24.88
C CYS H 92 -37.10 -3.18 23.79
N ALA H 93 -35.80 -3.20 24.07
CA ALA H 93 -34.81 -2.86 23.06
C ALA H 93 -33.63 -3.79 23.19
N SER H 94 -33.13 -4.30 22.05
CA SER H 94 -31.89 -5.06 22.10
C SER H 94 -30.78 -4.31 21.37
N SER H 95 -29.55 -4.62 21.79
CA SER H 95 -28.35 -4.07 21.19
C SER H 95 -27.25 -5.13 21.02
N ILE H 96 -26.84 -5.28 19.77
CA ILE H 96 -25.71 -6.06 19.30
C ILE H 96 -24.68 -6.31 20.42
N GLN H 97 -24.13 -5.26 21.03
CA GLN H 97 -23.12 -5.46 22.05
C GLN H 97 -23.03 -4.23 22.95
N GLN H 98 -23.10 -4.46 24.28
CA GLN H 98 -22.83 -3.50 25.33
C GLN H 98 -23.85 -2.37 25.44
N GLY H 99 -24.93 -2.43 24.67
CA GLY H 99 -25.84 -1.29 24.58
C GLY H 99 -25.23 -0.17 23.76
N ALA H 100 -24.23 -0.48 22.93
CA ALA H 100 -23.52 0.51 22.15
C ALA H 100 -24.06 0.50 20.73
N ASP H 101 -23.76 1.56 19.98
CA ASP H 101 -24.33 1.81 18.67
C ASP H 101 -25.84 1.84 18.81
N THR H 102 -26.55 1.22 17.87
CA THR H 102 -27.99 1.42 17.75
C THR H 102 -28.72 0.49 18.70
N GLN H 103 -29.97 0.85 19.00
CA GLN H 103 -30.82 0.02 19.82
C GLN H 103 -32.12 -0.15 19.03
N TYR H 104 -32.52 -1.40 18.86
CA TYR H 104 -33.70 -1.77 18.12
C TYR H 104 -34.78 -2.08 19.14
N PHE H 105 -35.94 -1.40 19.00
CA PHE H 105 -37.01 -1.44 19.98
C PHE H 105 -38.10 -2.39 19.53
N GLY H 106 -38.93 -2.83 20.48
CA GLY H 106 -40.07 -3.66 20.15
C GLY H 106 -41.30 -2.78 19.97
N PRO H 107 -42.40 -3.31 19.35
CA PRO H 107 -43.65 -2.56 19.21
C PRO H 107 -44.19 -1.87 20.45
N GLY H 108 -43.87 -2.40 21.63
CA GLY H 108 -44.43 -1.83 22.86
C GLY H 108 -45.64 -2.59 23.36
N THR H 109 -45.68 -2.71 24.70
CA THR H 109 -46.75 -3.33 25.47
C THR H 109 -47.47 -2.22 26.23
N ARG H 110 -48.78 -2.11 26.02
CA ARG H 110 -49.55 -1.12 26.77
C ARG H 110 -50.21 -1.83 27.94
N LEU H 111 -49.85 -1.40 29.16
CA LEU H 111 -50.33 -2.05 30.36
C LEU H 111 -51.14 -1.04 31.15
N THR H 112 -52.40 -1.41 31.43
CA THR H 112 -53.27 -0.67 32.34
C THR H 112 -53.53 -1.50 33.59
N VAL H 113 -53.11 -0.97 34.75
CA VAL H 113 -53.34 -1.58 36.05
C VAL H 113 -54.44 -0.77 36.72
N LEU H 114 -55.49 -1.50 37.11
CA LEU H 114 -56.75 -0.93 37.58
C LEU H 114 -57.00 -1.36 39.03
N GLU H 115 -57.91 -0.64 39.69
CA GLU H 115 -58.18 -0.85 41.10
C GLU H 115 -59.31 -1.89 41.21
N ASP H 116 -60.06 -2.03 40.12
CA ASP H 116 -61.02 -3.10 39.89
C ASP H 116 -61.39 -3.11 38.41
N LEU H 117 -62.27 -4.01 37.97
CA LEU H 117 -62.45 -4.22 36.55
C LEU H 117 -63.79 -3.68 36.07
N LYS H 118 -64.52 -2.98 36.95
CA LYS H 118 -65.90 -2.61 36.66
C LYS H 118 -65.96 -1.65 35.47
N ASN H 119 -64.90 -0.87 35.27
CA ASN H 119 -64.89 0.24 34.32
C ASN H 119 -64.62 -0.24 32.89
N VAL H 120 -64.28 -1.52 32.73
CA VAL H 120 -63.88 -2.06 31.43
C VAL H 120 -65.13 -2.20 30.54
N PHE H 121 -65.23 -1.43 29.45
CA PHE H 121 -66.44 -1.51 28.64
C PHE H 121 -66.06 -1.64 27.16
N PRO H 122 -66.50 -2.70 26.45
CA PRO H 122 -66.17 -2.88 25.03
C PRO H 122 -66.87 -1.81 24.20
N PRO H 123 -66.35 -1.46 23.00
CA PRO H 123 -66.96 -0.43 22.19
C PRO H 123 -68.25 -0.91 21.52
N GLU H 124 -69.18 0.02 21.32
CA GLU H 124 -70.22 -0.10 20.32
C GLU H 124 -69.68 0.62 19.09
N VAL H 125 -70.03 0.12 17.91
CA VAL H 125 -69.46 0.62 16.66
C VAL H 125 -70.58 0.87 15.66
N ALA H 126 -70.59 2.06 15.04
CA ALA H 126 -71.58 2.41 14.02
C ALA H 126 -70.93 3.01 12.77
N VAL H 127 -71.27 2.52 11.57
CA VAL H 127 -70.85 3.19 10.34
C VAL H 127 -72.00 4.12 9.92
N PHE H 128 -71.68 5.31 9.41
CA PHE H 128 -72.68 6.26 8.95
C PHE H 128 -72.54 6.43 7.45
N GLU H 129 -73.66 6.39 6.71
CA GLU H 129 -73.60 6.40 5.26
C GLU H 129 -73.27 7.82 4.79
N PRO H 130 -72.68 7.96 3.58
CA PRO H 130 -72.29 9.27 3.04
C PRO H 130 -73.51 10.15 2.78
N SER H 131 -73.25 11.44 2.56
CA SER H 131 -74.31 12.44 2.40
C SER H 131 -74.96 12.26 1.03
N GLU H 132 -76.22 12.71 0.92
CA GLU H 132 -76.83 12.95 -0.38
C GLU H 132 -76.09 14.12 -1.02
N ALA H 133 -75.78 15.14 -0.20
CA ALA H 133 -75.24 16.45 -0.60
C ALA H 133 -73.77 16.33 -0.99
N GLU H 134 -72.99 15.62 -0.17
CA GLU H 134 -71.57 15.44 -0.44
C GLU H 134 -71.35 14.92 -1.87
N ILE H 135 -72.19 13.95 -2.27
CA ILE H 135 -71.96 13.25 -3.52
C ILE H 135 -72.17 14.22 -4.69
N SER H 136 -73.33 14.89 -4.71
CA SER H 136 -73.72 15.75 -5.82
C SER H 136 -72.76 16.94 -5.96
N HIS H 137 -72.29 17.43 -4.80
CA HIS H 137 -71.42 18.60 -4.69
C HIS H 137 -69.97 18.26 -5.08
N THR H 138 -69.43 17.15 -4.56
CA THR H 138 -67.99 16.95 -4.58
C THR H 138 -67.58 15.69 -5.36
N GLN H 139 -68.58 14.92 -5.82
CA GLN H 139 -68.41 13.73 -6.63
C GLN H 139 -67.55 12.67 -5.92
N LYS H 140 -67.48 12.77 -4.58
CA LYS H 140 -66.74 11.88 -3.71
C LYS H 140 -67.72 11.44 -2.62
N ALA H 141 -67.34 10.42 -1.83
CA ALA H 141 -68.19 9.92 -0.78
C ALA H 141 -67.37 9.60 0.47
N THR H 142 -67.74 10.26 1.56
CA THR H 142 -67.12 10.05 2.85
C THR H 142 -68.03 9.15 3.66
N LEU H 143 -67.43 8.13 4.26
CA LEU H 143 -68.10 7.31 5.25
C LEU H 143 -67.44 7.61 6.59
N VAL H 144 -68.23 7.54 7.64
CA VAL H 144 -67.72 7.79 8.98
C VAL H 144 -68.07 6.57 9.82
N CYS H 145 -67.07 6.08 10.54
CA CYS H 145 -67.25 5.00 11.50
C CYS H 145 -66.96 5.56 12.88
N LEU H 146 -67.87 5.32 13.83
CA LEU H 146 -67.77 5.83 15.18
C LEU H 146 -67.74 4.65 16.15
N ALA H 147 -66.63 4.48 16.84
CA ALA H 147 -66.54 3.58 17.98
C ALA H 147 -66.71 4.39 19.25
N THR H 148 -67.47 3.88 20.21
CA THR H 148 -67.92 4.69 21.33
C THR H 148 -67.95 3.87 22.61
N GLY H 149 -67.89 4.55 23.74
CA GLY H 149 -68.16 3.95 25.05
C GLY H 149 -67.29 2.75 25.37
N PHE H 150 -65.99 2.85 25.07
CA PHE H 150 -65.03 1.78 25.37
C PHE H 150 -64.04 2.28 26.41
N TYR H 151 -63.63 1.37 27.31
CA TYR H 151 -62.62 1.68 28.31
C TYR H 151 -61.79 0.44 28.60
N PRO H 152 -60.42 0.57 28.70
CA PRO H 152 -59.70 1.80 28.32
C PRO H 152 -59.32 1.80 26.85
N ASP H 153 -58.60 2.83 26.38
CA ASP H 153 -58.46 3.03 24.93
C ASP H 153 -57.52 2.01 24.30
N HIS H 154 -57.87 0.74 24.50
CA HIS H 154 -57.23 -0.39 23.85
C HIS H 154 -58.05 -0.78 22.63
N VAL H 155 -58.08 0.07 21.57
CA VAL H 155 -58.77 -0.23 20.32
C VAL H 155 -57.78 -0.08 19.17
N GLU H 156 -57.99 -0.87 18.11
CA GLU H 156 -57.37 -0.61 16.81
C GLU H 156 -58.42 -0.76 15.72
N LEU H 157 -58.62 0.29 14.92
CA LEU H 157 -59.72 0.36 13.96
C LEU H 157 -59.23 -0.03 12.57
N SER H 158 -60.14 -0.40 11.67
CA SER H 158 -59.72 -0.71 10.32
C SER H 158 -60.94 -0.74 9.42
N TRP H 159 -60.70 -0.45 8.15
CA TRP H 159 -61.76 -0.52 7.17
C TRP H 159 -61.51 -1.72 6.25
N TRP H 160 -62.62 -2.33 5.80
CA TRP H 160 -62.58 -3.38 4.80
C TRP H 160 -63.60 -3.10 3.71
N VAL H 161 -63.13 -3.05 2.47
CA VAL H 161 -64.00 -2.92 1.30
C VAL H 161 -63.91 -4.23 0.53
N ASN H 162 -65.08 -4.81 0.24
CA ASN H 162 -65.22 -6.10 -0.43
C ASN H 162 -64.31 -7.16 0.21
N GLY H 163 -64.28 -7.17 1.56
CA GLY H 163 -63.66 -8.22 2.34
C GLY H 163 -62.16 -8.02 2.48
N LYS H 164 -61.61 -7.12 1.67
CA LYS H 164 -60.19 -6.81 1.73
C LYS H 164 -59.99 -5.51 2.50
N GLU H 165 -58.83 -5.42 3.18
CA GLU H 165 -58.51 -4.27 4.01
C GLU H 165 -58.01 -3.14 3.12
N VAL H 166 -58.36 -1.89 3.47
CA VAL H 166 -57.95 -0.77 2.66
C VAL H 166 -57.24 0.28 3.51
N HIS H 167 -56.21 0.91 2.94
CA HIS H 167 -55.46 1.91 3.67
C HIS H 167 -55.62 3.31 3.03
N SER H 168 -55.74 3.34 1.70
CA SER H 168 -55.99 4.57 0.97
C SER H 168 -57.37 5.14 1.33
N GLY H 169 -57.49 6.47 1.37
CA GLY H 169 -58.77 7.14 1.60
C GLY H 169 -59.25 7.11 3.05
N VAL H 170 -58.42 6.59 3.97
CA VAL H 170 -58.76 6.44 5.39
C VAL H 170 -58.08 7.53 6.21
N CYS H 171 -58.74 7.93 7.31
CA CYS H 171 -58.18 8.79 8.34
C CYS H 171 -58.87 8.48 9.66
N THR H 172 -58.06 8.16 10.69
CA THR H 172 -58.57 7.83 12.01
C THR H 172 -58.07 8.90 12.97
N ASP H 173 -58.83 9.21 14.03
CA ASP H 173 -58.39 10.16 15.02
C ASP H 173 -57.05 9.66 15.53
N PRO H 174 -56.04 10.54 15.79
CA PRO H 174 -54.76 10.14 16.37
C PRO H 174 -54.90 9.62 17.80
N GLN H 175 -55.76 10.25 18.60
CA GLN H 175 -56.06 9.73 19.92
C GLN H 175 -57.57 9.57 20.04
N PRO H 176 -58.05 8.68 20.94
CA PRO H 176 -59.42 8.76 21.46
C PRO H 176 -59.73 10.05 22.21
N LEU H 177 -60.97 10.13 22.72
CA LEU H 177 -61.64 11.38 23.04
C LEU H 177 -62.52 11.05 24.24
N LYS H 178 -62.13 11.55 25.43
CA LYS H 178 -62.88 11.22 26.64
C LYS H 178 -64.31 11.65 26.40
N GLU H 179 -65.25 10.92 27.01
CA GLU H 179 -66.65 11.26 26.83
C GLU H 179 -67.01 12.32 27.85
N GLN H 180 -66.25 12.33 28.94
CA GLN H 180 -66.44 13.25 30.05
C GLN H 180 -65.07 13.61 30.63
N PRO H 181 -64.32 14.56 30.00
CA PRO H 181 -62.94 14.87 30.38
C PRO H 181 -62.74 15.01 31.89
N ALA H 182 -63.82 15.48 32.56
CA ALA H 182 -63.82 15.77 33.97
C ALA H 182 -63.59 14.51 34.80
N LEU H 183 -63.84 13.33 34.21
CA LEU H 183 -63.68 12.06 34.91
C LEU H 183 -62.23 11.56 34.81
N ASN H 184 -61.90 10.64 35.71
CA ASN H 184 -60.60 10.00 35.81
C ASN H 184 -60.86 8.50 35.64
N ASP H 185 -62.13 8.19 35.36
CA ASP H 185 -62.63 6.85 35.11
C ASP H 185 -63.67 6.93 33.99
N SER H 186 -63.37 7.74 32.96
CA SER H 186 -64.30 8.03 31.88
C SER H 186 -63.98 7.18 30.64
N ARG H 187 -65.03 6.89 29.87
CA ARG H 187 -64.97 6.08 28.66
C ARG H 187 -64.73 6.94 27.42
N TYR H 188 -64.28 6.28 26.34
CA TYR H 188 -63.67 6.89 25.17
C TYR H 188 -64.55 6.75 23.93
N ALA H 189 -64.35 7.66 22.97
CA ALA H 189 -64.90 7.53 21.63
C ALA H 189 -63.83 7.89 20.60
N LEU H 190 -64.02 7.40 19.40
CA LEU H 190 -63.00 7.44 18.36
C LEU H 190 -63.70 7.40 17.02
N SER H 191 -63.18 8.14 16.05
CA SER H 191 -63.89 8.20 14.79
C SER H 191 -62.93 7.81 13.68
N SER H 192 -63.48 7.51 12.52
CA SER H 192 -62.64 7.24 11.36
C SER H 192 -63.43 7.55 10.10
N ARG H 193 -62.71 7.64 8.97
CA ARG H 193 -63.33 8.03 7.73
C ARG H 193 -62.67 7.29 6.57
N LEU H 194 -63.51 6.71 5.72
CA LEU H 194 -63.05 6.28 4.40
C LEU H 194 -63.79 7.08 3.36
N ARG H 195 -63.06 7.45 2.31
CA ARG H 195 -63.61 8.25 1.23
C ARG H 195 -63.37 7.52 -0.09
N VAL H 196 -64.44 7.42 -0.87
CA VAL H 196 -64.38 6.67 -2.10
C VAL H 196 -65.12 7.49 -3.15
N SER H 197 -64.87 7.20 -4.44
CA SER H 197 -65.47 7.94 -5.52
C SER H 197 -67.00 7.88 -5.43
N ALA H 198 -67.70 8.86 -6.01
CA ALA H 198 -69.15 8.93 -5.94
C ALA H 198 -69.74 7.64 -6.53
N THR H 199 -69.20 7.24 -7.68
CA THR H 199 -69.71 6.11 -8.41
C THR H 199 -69.51 4.86 -7.54
N PHE H 200 -68.31 4.71 -6.97
CA PHE H 200 -67.94 3.51 -6.26
C PHE H 200 -68.91 3.24 -5.10
N TRP H 201 -69.25 4.29 -4.33
CA TRP H 201 -70.30 4.20 -3.33
C TRP H 201 -71.63 3.74 -3.92
N GLN H 202 -71.91 4.14 -5.18
CA GLN H 202 -73.23 3.93 -5.77
C GLN H 202 -73.42 2.48 -6.21
N ASN H 203 -72.31 1.74 -6.35
CA ASN H 203 -72.41 0.31 -6.64
C ASN H 203 -73.09 -0.39 -5.46
N PRO H 204 -74.28 -1.00 -5.66
CA PRO H 204 -75.01 -1.62 -4.56
C PRO H 204 -74.35 -2.92 -4.17
N ARG H 205 -73.36 -3.33 -4.97
CA ARG H 205 -72.70 -4.62 -4.92
C ARG H 205 -71.42 -4.53 -4.09
N ASN H 206 -71.24 -3.40 -3.42
CA ASN H 206 -69.99 -3.02 -2.78
C ASN H 206 -70.14 -3.00 -1.26
N HIS H 207 -69.37 -3.87 -0.61
CA HIS H 207 -69.54 -4.10 0.80
C HIS H 207 -68.46 -3.33 1.55
N PHE H 208 -68.90 -2.46 2.44
CA PHE H 208 -68.03 -1.70 3.31
C PHE H 208 -68.21 -2.19 4.74
N ARG H 209 -67.12 -2.18 5.50
CA ARG H 209 -67.15 -2.55 6.91
C ARG H 209 -66.02 -1.89 7.67
N CYS H 210 -66.43 -1.26 8.77
CA CYS H 210 -65.53 -0.69 9.75
C CYS H 210 -65.34 -1.72 10.85
N GLN H 211 -64.09 -1.96 11.26
CA GLN H 211 -63.84 -3.00 12.24
C GLN H 211 -63.06 -2.39 13.39
N VAL H 212 -63.37 -2.82 14.63
CA VAL H 212 -62.74 -2.28 15.82
C VAL H 212 -62.27 -3.42 16.74
N GLN H 213 -60.97 -3.43 17.02
CA GLN H 213 -60.34 -4.46 17.83
C GLN H 213 -60.18 -3.90 19.25
N PHE H 214 -60.61 -4.68 20.23
CA PHE H 214 -60.61 -4.18 21.58
C PHE H 214 -59.73 -5.10 22.39
N TYR H 215 -59.02 -4.55 23.39
CA TYR H 215 -58.23 -5.36 24.29
C TYR H 215 -58.74 -5.23 25.71
N GLY H 216 -59.55 -6.22 26.12
CA GLY H 216 -60.25 -6.23 27.40
C GLY H 216 -59.56 -7.14 28.41
N LEU H 217 -60.34 -8.06 29.00
CA LEU H 217 -59.84 -8.96 30.04
C LEU H 217 -59.28 -10.21 29.38
N SER H 218 -58.52 -11.00 30.16
CA SER H 218 -58.17 -12.36 29.80
C SER H 218 -59.41 -13.25 29.94
N GLU H 219 -59.34 -14.50 29.50
CA GLU H 219 -60.42 -15.43 29.80
C GLU H 219 -60.34 -15.82 31.28
N ASN H 220 -59.10 -16.05 31.76
CA ASN H 220 -58.79 -16.50 33.10
C ASN H 220 -59.35 -15.57 34.18
N ASP H 221 -59.57 -14.29 33.82
CA ASP H 221 -60.02 -13.24 34.72
C ASP H 221 -61.37 -13.60 35.35
N GLU H 222 -61.61 -13.08 36.57
CA GLU H 222 -62.84 -13.30 37.31
C GLU H 222 -63.83 -12.18 36.99
N TRP H 223 -65.13 -12.44 37.15
CA TRP H 223 -66.16 -11.52 36.69
C TRP H 223 -67.45 -11.63 37.50
N THR H 224 -67.89 -10.49 38.03
CA THR H 224 -69.06 -10.41 38.89
C THR H 224 -69.89 -9.17 38.54
N GLN H 225 -69.86 -8.72 37.29
CA GLN H 225 -70.78 -7.64 36.96
C GLN H 225 -72.07 -8.23 36.41
N ASP H 226 -73.08 -7.36 36.27
CA ASP H 226 -74.40 -7.75 35.82
C ASP H 226 -74.33 -8.26 34.38
N ARG H 227 -73.37 -7.71 33.62
CA ARG H 227 -73.30 -7.79 32.17
C ARG H 227 -72.39 -8.93 31.69
N ALA H 228 -72.34 -9.09 30.36
CA ALA H 228 -71.51 -10.06 29.65
C ALA H 228 -70.05 -9.61 29.66
N LYS H 229 -69.13 -10.55 29.90
CA LYS H 229 -67.77 -10.20 30.27
C LYS H 229 -67.09 -9.41 29.14
N PRO H 230 -66.39 -8.29 29.48
CA PRO H 230 -65.71 -7.46 28.49
C PRO H 230 -64.35 -8.00 28.04
N VAL H 231 -64.39 -9.13 27.33
CA VAL H 231 -63.17 -9.81 26.92
C VAL H 231 -62.53 -8.98 25.81
N THR H 232 -61.33 -9.42 25.37
CA THR H 232 -60.78 -9.03 24.08
C THR H 232 -61.65 -9.60 22.97
N GLN H 233 -62.06 -8.71 22.05
CA GLN H 233 -63.09 -9.05 21.10
C GLN H 233 -63.06 -8.06 19.94
N ILE H 234 -63.75 -8.41 18.85
CA ILE H 234 -63.87 -7.55 17.70
C ILE H 234 -65.32 -7.09 17.61
N VAL H 235 -65.53 -5.80 17.32
CA VAL H 235 -66.87 -5.26 17.15
C VAL H 235 -66.89 -4.62 15.78
N SER H 236 -67.96 -4.80 15.02
CA SER H 236 -67.94 -4.36 13.64
C SER H 236 -69.24 -3.65 13.28
N ALA H 237 -69.21 -2.99 12.13
CA ALA H 237 -70.40 -2.34 11.59
C ALA H 237 -70.16 -2.18 10.10
N GLU H 238 -71.25 -2.10 9.34
CA GLU H 238 -71.24 -2.32 7.91
C GLU H 238 -72.25 -1.42 7.24
N ALA H 239 -72.02 -1.20 5.95
CA ALA H 239 -73.01 -0.66 5.05
C ALA H 239 -72.74 -1.18 3.65
N TRP H 240 -73.71 -1.00 2.77
CA TRP H 240 -73.66 -1.44 1.39
C TRP H 240 -73.71 -0.19 0.52
N GLY H 241 -73.17 -0.29 -0.70
CA GLY H 241 -73.32 0.76 -1.70
C GLY H 241 -74.80 1.08 -1.94
N ARG H 242 -75.13 2.36 -2.09
CA ARG H 242 -76.52 2.73 -2.24
C ARG H 242 -76.64 3.63 -3.46
N ALA H 243 -77.09 3.07 -4.59
CA ALA H 243 -77.23 3.83 -5.82
C ALA H 243 -78.53 4.64 -5.77
N HIS I 1 6.88 -12.46 -23.44
CA HIS I 1 8.34 -12.12 -23.51
C HIS I 1 8.46 -10.63 -23.84
N MET I 2 9.11 -9.87 -22.95
CA MET I 2 9.31 -8.43 -23.08
C MET I 2 10.57 -8.17 -23.89
N THR I 3 10.81 -6.92 -24.28
CA THR I 3 11.94 -6.57 -25.14
C THR I 3 13.19 -6.29 -24.33
N GLU I 4 14.32 -6.29 -25.03
CA GLU I 4 15.64 -6.09 -24.46
C GLU I 4 16.20 -4.74 -24.92
N VAL I 5 15.43 -4.05 -25.78
CA VAL I 5 15.83 -2.72 -26.21
C VAL I 5 15.11 -1.74 -25.31
N VAL I 6 15.78 -1.33 -24.22
CA VAL I 6 15.23 -0.31 -23.35
C VAL I 6 16.26 0.81 -23.28
N ARG I 7 16.03 1.94 -23.97
CA ARG I 7 17.02 3.00 -24.02
C ARG I 7 16.46 4.31 -23.47
N HIS I 8 17.30 5.15 -22.87
CA HIS I 8 16.82 6.36 -22.20
C HIS I 8 16.51 7.41 -23.25
N CYS I 9 15.65 8.38 -22.92
CA CYS I 9 15.37 9.36 -23.96
C CYS I 9 16.19 10.66 -23.84
N HIS J 1 -5.45 11.60 29.35
CA HIS J 1 -6.91 11.45 29.09
C HIS J 1 -7.14 10.24 28.20
N MET J 2 -7.68 9.19 28.83
CA MET J 2 -8.06 7.92 28.22
C MET J 2 -9.16 8.07 27.16
N THR J 3 -9.51 6.94 26.56
CA THR J 3 -10.48 6.89 25.47
C THR J 3 -11.83 6.42 25.98
N GLU J 4 -12.86 6.77 25.20
CA GLU J 4 -14.25 6.47 25.49
C GLU J 4 -14.70 5.26 24.66
N VAL J 5 -13.90 4.92 23.65
CA VAL J 5 -14.11 3.71 22.87
C VAL J 5 -13.54 2.53 23.66
N VAL J 6 -14.45 1.72 24.24
CA VAL J 6 -14.05 0.52 24.96
C VAL J 6 -15.00 -0.62 24.56
N ARG J 7 -14.47 -1.56 23.76
CA ARG J 7 -15.32 -2.56 23.15
C ARG J 7 -14.78 -3.96 23.44
N HIS J 8 -15.71 -4.84 23.83
CA HIS J 8 -15.45 -6.24 24.16
C HIS J 8 -15.03 -6.92 22.88
N CYS J 9 -14.14 -7.91 22.98
CA CYS J 9 -13.62 -8.54 21.77
C CYS J 9 -14.46 -9.76 21.36
#